data_6HAW
#
_entry.id   6HAW
#
_cell.length_a   212.690
_cell.length_b   212.690
_cell.length_c   347.066
_cell.angle_alpha   90.000
_cell.angle_beta   90.000
_cell.angle_gamma   120.000
#
_symmetry.space_group_name_H-M   'P 65 2 2'
#
loop_
_entity.id
_entity.type
_entity.pdbx_description
1 polymer 'Cytochrome b-c1 complex subunit 1, mitochondrial'
2 polymer 'Cytochrome b-c1 complex subunit 2, mitochondrial'
3 polymer 'Cytochrome b'
4 polymer 'Cytochrome c1, heme protein, mitochondrial'
5 polymer 'Cytochrome b-c1 complex subunit Rieske, mitochondrial'
6 polymer 'Cytochrome b-c1 complex subunit 7'
7 polymer 'Cytochrome b-c1 complex subunit 8'
8 polymer 'Cytochrome b-c1 complex subunit 6, mitochondrial'
9 polymer 'Cytochrome b-c1 complex subunit Rieske, mitochondrial'
10 polymer 'Cytochrome b-c1 complex subunit 9'
11 non-polymer 1,2-DIHEXANOYL-SN-GLYCERO-3-PHOSPHOETHANOLAMINE
12 non-polymer 'TRIETHYLENE GLYCOL'
13 non-polymer 'PHOSPHATE ION'
14 non-polymer CARDIOLIPIN
15 non-polymer 'TETRAETHYLENE GLYCOL'
16 non-polymer 1,2-DIPALMITOYL-SN-GLYCERO-3-PHOSPHATE
17 non-polymer 'PROTOPORPHYRIN IX CONTAINING FE'
18 non-polymer DODECYL-BETA-D-MALTOSIDE
19 non-polymer 1,2-dioleoyl-sn-glycero-3-phosphoethanolamine
20 non-polymer 7-methoxy-3-methyl-2-[1-[[4-(trifluoromethyloxy)phenyl]methyl]pyrazol-4-yl]-3~{H}-quinolin-4-one
21 non-polymer 'HEME C'
22 non-polymer 'FE2/S2 (INORGANIC) CLUSTER'
23 non-polymer 1,2-DIMYRISTOYL-SN-GLYCERO-3-PHOSPHOCHOLINE
24 water water
#
loop_
_entity_poly.entity_id
_entity_poly.type
_entity_poly.pdbx_seq_one_letter_code
_entity_poly.pdbx_strand_id
1 'polypeptide(L)'
;ATYAQALQSVPETQVSQLDNGLRVASEQSSQPTCTVGVWIDAGSRYESEKNNGAGYFVEHLAFKGTKNRPGNALEKEVES
MGAHLNAYSTREHTAYYIKALSKDLPKAVELLADIVQNCSLEDSQIEKERDVILQELQENDTSMRDVVFNYLHATAFQGT
PLAQSVEGPSENVRKLSRADLTEYLSRHYKAPRMVLAAAGGLEHRQLLDLAQKHFSGLSGVPTLSPCRFTGSQICHREDG
LPLAHVAIAVEGPGWAHPDNVALQVANAIIGHYDCTYGGGAHLSSPLASIAATNKLCQSFQTFNICYADTGLLGAHFVCD
HMSIDDMMFVLQGQWMRLCTSATESEVLRGKNLLRNALVSHLDGTTPVCEDIGRSLLTYGRRIPLAEWESRIAEVDARVV
REVCSKYFYDQCPAVAGFGPIEQLPDYNRIRSGMFWLR
;
A
2 'polypeptide(L)'
;QDLEFTRLPNGLVIASLENYAPASRIGLFIKAGSRYENSNNLGTSHLLRLASSLTTKGASSFKITRGIEAVGGKLSVTST
RENMAYTVECLRDDVDILMEFLLNVTTAPEFRRWEVAALQPQLRIDKAVALQNPQAHVIENLHAAAYRNALANSLYCPDY
RIGKVTPVELHDYVQNHFTSARMALIGLGVSHPVLKQVAEQFLNIRGGAKAKYHGGEIREQNGDSLVHAALVAESAAIGS
AEANAFSVLQHVLGAGPHVKRGSNATSSLYQAVAKGVHQPFDVSAFNASYSDSGLFGFYTISQAASAGDVIKAAYNQVKT
IAQGNLSNPDVQAAKNKLKAGYLMSVESSEGFLDEVGSQALAAGSYTPPSTVLQQIDAVADADVINAAKKFVSGRKSMAA
SGNLGHTPFIDEL
;
B
3 'polypeptide(L)'
;TNIRKSHPLMKIVNNAFIDLPAPSNISSWWNFGSLLGICLILQILTGLFLAMHYTSDTTTAFSSVTHICRDVNYGWIIRY
MHANGASMFFICLYMHVGRGLYYGSYTFLETWNIGVILLLTVMATAFMGYVLPWGQMSFWGATVITNLLSAIPYIGTNLV
EWIWGGFSVDKATLTRFFAFHFILPFIIMAIAMVHLLFLHETGSNNPTGISSDVDKIPFHPYYTIKDILGALLLILALML
LVLFAPDLLGDPDNYTPANPLNTPPHIKPEWYFLFAYAILRSIPNKLGGVLALAFSILILALIPLLHTSKQRSMMFRPLS
QCLFWALVADLLTLTWIGGQPVEHPYITIGQLASVLYFLLILVLMPTAGTIENKLLKW
;
C
4 'polypeptide(L)'
;DLELHPPSYPWSHRGLLSSLDHTSIRRGFQVYKQVCSSCHSMDYVAYRHLVGVCYTEDEAKALAEEVEVQDGPNEDGEMF
MRPGKLSDYFPKPYPNPEAARAANNGALPPDLSYIVRARHGGEDYVFSLLTGYCEPPTGVSLREGLYFNPYFPGQAIGMA
PPIYNEVLEFDDGTPATMSQVAKDVCTFLRWAAEPEHDHRKRMGLKMLLMMGLLLPLVYAMKRHKWSVLKSRKLAYRPP
;
D
5 'polypeptide(L)'
;SHTDIKVPDFSDYRRPEVLDSTKSSKESSEARKGFSYLVTATTTVGVAYAAKNVVSQFVSSMSASADVLAMSKIEIKLSD
IPEGKNMAFKWRGKPLFVRHRTKKEIDQEAAVEVSQLRDPQHDLERVKKPEWVILIGVCTHLGCVPIANAGDFGGYYCPC
HGSHYDASGRIRKGPAPLNLEVPSYEFTSDDMVIVG
;
E
6 'polypeptide(L)'
;RWLEGIRKWYYNAAGFNKLGLMRDDTIHENDDVKEAIRRLPENLYDDRVFRIKRALDLSMRQQILPKEQWTKYEEDKSYL
EPYLKEVIRERKEREEWAK
;
F
7 'polypeptide(L)' RQFGHLTRVRHVITYSLSPFEQRAFPHYFSKGIPNVLRRTRACILRVAPPFVAFYLVYTWGTQEFEKSKRKNPA G
8 'polypeptide(L)' VDPLTTVREQCEQLEKCVKARERLELCDERVSSRSQTEEDCTEELLDFLHARDHCVAHKLFNSL H
9 'polypeptide(L)' AVPATSESPVLDLKRSVLCRESLRGQAAGRPLVASVSLNVPASVRY I
10 'polypeptide(L)' APTLTARLYSLLFRRTSTFALTIVVGALFFERAFDQGADAIYEHINEGKLWKHIKHKYE J
#
# COMPACT_ATOMS: atom_id res chain seq x y z
N ALA A 1 -0.55 51.99 26.22
CA ALA A 1 -0.06 51.68 24.84
C ALA A 1 -0.28 50.21 24.47
N THR A 2 -0.74 49.96 23.24
CA THR A 2 -1.11 48.62 22.77
C THR A 2 -0.16 48.03 21.72
N TYR A 3 -0.32 46.73 21.44
CA TYR A 3 0.41 46.01 20.38
C TYR A 3 0.21 46.61 18.99
N ALA A 4 -1.05 46.88 18.65
CA ALA A 4 -1.43 47.52 17.39
C ALA A 4 -0.68 48.83 17.19
N GLN A 5 -0.69 49.67 18.25
CA GLN A 5 0.03 50.93 18.28
C GLN A 5 1.55 50.75 18.13
N ALA A 6 2.11 49.82 18.91
CA ALA A 6 3.55 49.56 18.96
C ALA A 6 4.17 49.39 17.58
N LEU A 7 3.46 48.67 16.72
CA LEU A 7 3.89 48.39 15.36
C LEU A 7 4.01 49.62 14.47
N GLN A 8 3.17 50.63 14.74
CA GLN A 8 3.15 51.85 13.93
C GLN A 8 4.42 52.71 14.10
N SER A 9 5.04 52.64 15.27
CA SER A 9 6.28 53.41 15.54
C SER A 9 7.54 52.54 15.71
N VAL A 10 7.67 51.52 14.87
CA VAL A 10 8.92 50.75 14.77
C VAL A 10 9.83 51.48 13.73
N PRO A 11 11.15 51.60 14.02
CA PRO A 11 12.11 52.25 13.09
C PRO A 11 12.07 51.78 11.63
N GLU A 12 11.87 52.72 10.71
CA GLU A 12 11.79 52.47 9.25
C GLU A 12 13.14 52.10 8.65
N THR A 13 13.11 51.32 7.57
CA THR A 13 14.34 50.94 6.85
C THR A 13 14.58 51.87 5.66
N GLN A 14 15.79 52.43 5.60
CA GLN A 14 16.19 53.40 4.57
C GLN A 14 16.69 52.72 3.30
N VAL A 15 16.45 53.36 2.17
CA VAL A 15 16.80 52.81 0.86
C VAL A 15 17.51 53.81 -0.06
N SER A 16 18.73 53.47 -0.48
CA SER A 16 19.52 54.25 -1.45
C SER A 16 20.30 53.33 -2.39
N GLN A 17 20.61 53.81 -3.59
CA GLN A 17 21.33 53.02 -4.59
C GLN A 17 22.45 53.82 -5.27
N LEU A 18 23.54 53.14 -5.61
CA LEU A 18 24.71 53.76 -6.28
C LEU A 18 24.63 53.73 -7.82
N ASP A 19 25.56 54.46 -8.46
CA ASP A 19 25.64 54.56 -9.92
C ASP A 19 25.76 53.18 -10.59
N ASN A 20 26.69 52.35 -10.11
CA ASN A 20 26.86 50.97 -10.59
C ASN A 20 25.63 50.07 -10.36
N GLY A 21 24.95 50.27 -9.24
CA GLY A 21 23.71 49.55 -8.95
C GLY A 21 23.70 48.80 -7.63
N LEU A 22 24.63 49.19 -6.75
CA LEU A 22 24.71 48.62 -5.41
C LEU A 22 23.75 49.33 -4.47
N ARG A 23 22.92 48.54 -3.80
CA ARG A 23 21.94 49.08 -2.85
C ARG A 23 22.46 49.18 -1.43
N VAL A 24 22.35 50.38 -0.86
CA VAL A 24 22.61 50.64 0.55
C VAL A 24 21.29 50.66 1.33
N ALA A 25 21.21 49.82 2.37
CA ALA A 25 20.01 49.73 3.21
C ALA A 25 20.36 49.70 4.70
N SER A 26 19.56 50.41 5.50
CA SER A 26 19.94 50.81 6.84
C SER A 26 18.75 50.88 7.80
N GLU A 27 18.94 50.41 9.04
CA GLU A 27 18.01 50.70 10.15
C GLU A 27 18.77 51.29 11.35
N GLN A 28 18.25 52.41 11.87
CA GLN A 28 18.91 53.24 12.89
C GLN A 28 18.22 53.21 14.26
N SER A 29 19.03 53.13 15.32
CA SER A 29 18.61 53.28 16.73
C SER A 29 19.86 53.58 17.56
N SER A 30 19.72 54.34 18.64
CA SER A 30 20.89 54.67 19.47
C SER A 30 21.43 53.46 20.24
N GLN A 31 22.44 52.84 19.64
CA GLN A 31 23.09 51.61 20.11
C GLN A 31 24.61 51.80 20.05
N PRO A 32 25.36 51.27 21.06
CA PRO A 32 26.83 51.41 21.06
C PRO A 32 27.56 50.45 20.09
N THR A 33 26.84 49.42 19.64
CA THR A 33 27.36 48.40 18.73
C THR A 33 26.57 48.40 17.42
N CYS A 34 27.09 47.71 16.41
CA CYS A 34 26.39 47.57 15.12
C CYS A 34 26.75 46.28 14.38
N THR A 35 25.98 45.99 13.33
CA THR A 35 26.28 44.93 12.36
C THR A 35 26.09 45.47 10.95
N VAL A 36 27.08 45.21 10.09
CA VAL A 36 27.06 45.62 8.69
C VAL A 36 27.58 44.47 7.81
N GLY A 37 27.02 44.34 6.61
CA GLY A 37 27.46 43.29 5.69
C GLY A 37 26.98 43.37 4.26
N VAL A 38 27.52 42.47 3.44
CA VAL A 38 27.23 42.38 2.02
C VAL A 38 26.49 41.06 1.71
N TRP A 39 25.28 41.18 1.16
CA TRP A 39 24.51 40.03 0.69
C TRP A 39 24.49 39.99 -0.84
N ILE A 40 24.68 38.80 -1.42
CA ILE A 40 24.86 38.59 -2.87
C ILE A 40 23.95 37.49 -3.40
N ASP A 41 23.30 37.74 -4.55
CA ASP A 41 22.56 36.69 -5.27
C ASP A 41 23.50 35.72 -5.99
N ALA A 42 24.10 34.83 -5.21
CA ALA A 42 25.05 33.84 -5.70
C ALA A 42 25.08 32.62 -4.78
N GLY A 43 25.22 31.44 -5.37
CA GLY A 43 25.22 30.20 -4.63
C GLY A 43 25.27 29.01 -5.56
N SER A 44 24.86 27.85 -5.05
CA SER A 44 24.97 26.60 -5.82
C SER A 44 24.02 26.49 -7.03
N ARG A 45 22.88 27.19 -7.00
CA ARG A 45 21.90 27.19 -8.11
C ARG A 45 22.46 27.91 -9.34
N TYR A 46 23.33 28.89 -9.12
CA TYR A 46 23.96 29.63 -10.21
C TYR A 46 25.20 28.90 -10.76
N GLU A 47 25.60 27.82 -10.07
CA GLU A 47 26.75 27.01 -10.47
C GLU A 47 26.32 25.93 -11.44
N SER A 48 27.18 25.64 -12.42
CA SER A 48 27.01 24.52 -13.33
C SER A 48 27.63 23.27 -12.70
N GLU A 49 27.64 22.18 -13.44
CA GLU A 49 28.17 20.91 -12.94
C GLU A 49 29.70 20.89 -12.89
N LYS A 50 30.34 21.62 -13.80
CA LYS A 50 31.81 21.67 -13.87
C LYS A 50 32.44 22.56 -12.79
N ASN A 51 31.67 23.52 -12.27
CA ASN A 51 32.16 24.48 -11.27
C ASN A 51 31.36 24.48 -9.96
N ASN A 52 30.60 23.42 -9.71
CA ASN A 52 29.84 23.26 -8.47
C ASN A 52 30.76 23.25 -7.25
N GLY A 53 30.37 24.00 -6.23
CA GLY A 53 31.13 24.13 -4.97
C GLY A 53 32.20 25.21 -4.97
N ALA A 54 32.21 26.02 -6.03
CA ALA A 54 33.16 27.11 -6.19
C ALA A 54 32.88 28.23 -5.19
N GLY A 55 31.61 28.64 -5.09
CA GLY A 55 31.18 29.66 -4.12
C GLY A 55 31.49 29.32 -2.68
N TYR A 56 31.46 28.02 -2.38
CA TYR A 56 31.87 27.49 -1.08
C TYR A 56 33.39 27.54 -0.91
N PHE A 57 34.13 27.15 -1.96
CA PHE A 57 35.60 27.24 -1.99
C PHE A 57 36.06 28.70 -1.73
N VAL A 58 35.41 29.65 -2.41
CA VAL A 58 35.68 31.08 -2.24
C VAL A 58 35.48 31.52 -0.78
N GLU A 59 34.36 31.12 -0.18
CA GLU A 59 34.03 31.46 1.21
C GLU A 59 35.19 31.14 2.17
N HIS A 60 35.86 30.00 1.95
CA HIS A 60 37.05 29.59 2.72
C HIS A 60 38.24 30.53 2.55
N LEU A 61 38.38 31.07 1.34
CA LEU A 61 39.50 31.96 0.99
C LEU A 61 39.24 33.44 1.30
N ALA A 62 37.97 33.81 1.53
CA ALA A 62 37.56 35.20 1.74
C ALA A 62 38.32 35.95 2.83
N PHE A 63 38.53 35.30 3.97
CA PHE A 63 39.16 35.94 5.11
C PHE A 63 40.65 35.64 5.25
N LYS A 64 41.28 35.09 4.20
CA LYS A 64 42.66 34.60 4.31
C LYS A 64 43.71 35.57 3.75
N GLY A 65 43.32 36.84 3.64
CA GLY A 65 44.20 37.89 3.10
C GLY A 65 43.57 38.65 1.94
N THR A 66 44.08 39.86 1.70
CA THR A 66 43.67 40.70 0.57
C THR A 66 44.91 41.26 -0.10
N LYS A 67 44.74 41.98 -1.21
CA LYS A 67 45.90 42.62 -1.86
C LYS A 67 46.39 43.82 -1.05
N ASN A 68 45.47 44.56 -0.42
CA ASN A 68 45.82 45.64 0.52
C ASN A 68 46.39 45.15 1.87
N ARG A 69 45.86 44.03 2.37
CA ARG A 69 46.25 43.45 3.66
C ARG A 69 46.61 41.97 3.51
N PRO A 70 47.89 41.68 3.15
CA PRO A 70 48.30 40.31 2.81
C PRO A 70 48.33 39.37 4.01
N GLY A 71 47.89 38.13 3.79
CA GLY A 71 47.87 37.08 4.79
C GLY A 71 47.01 37.39 6.01
N ASN A 72 47.66 37.41 7.18
CA ASN A 72 46.98 37.53 8.48
C ASN A 72 46.81 38.96 8.96
N ALA A 73 47.12 39.92 8.08
CA ALA A 73 46.91 41.34 8.34
C ALA A 73 45.42 41.65 8.48
N LEU A 74 44.60 41.11 7.56
CA LEU A 74 43.15 41.22 7.62
C LEU A 74 42.61 40.68 8.93
N GLU A 75 43.07 39.47 9.28
CA GLU A 75 42.73 38.78 10.53
C GLU A 75 43.06 39.60 11.79
N LYS A 76 44.32 40.07 11.87
CA LYS A 76 44.84 40.85 13.01
C LYS A 76 44.03 42.12 13.29
N GLU A 77 43.68 42.84 12.22
CA GLU A 77 43.03 44.14 12.33
C GLU A 77 41.59 44.03 12.84
N VAL A 78 40.89 42.97 12.40
CA VAL A 78 39.54 42.67 12.86
C VAL A 78 39.60 42.33 14.35
N GLU A 79 40.57 41.48 14.70
CA GLU A 79 40.74 41.00 16.07
C GLU A 79 41.06 42.10 17.09
N SER A 80 41.91 43.04 16.69
CA SER A 80 42.42 44.08 17.61
C SER A 80 41.45 45.24 17.92
N MET A 81 40.45 45.43 17.05
CA MET A 81 39.42 46.46 17.26
C MET A 81 38.12 45.89 17.84
N GLY A 82 38.18 44.62 18.24
CA GLY A 82 37.07 43.94 18.90
C GLY A 82 35.99 43.44 17.96
N ALA A 83 36.23 43.57 16.66
CA ALA A 83 35.28 43.14 15.64
C ALA A 83 35.20 41.60 15.53
N HIS A 84 34.04 41.13 15.05
CA HIS A 84 33.79 39.73 14.79
C HIS A 84 33.38 39.56 13.34
N LEU A 85 34.15 38.77 12.59
CA LEU A 85 33.97 38.61 11.15
C LEU A 85 33.44 37.23 10.77
N ASN A 86 32.36 37.19 9.97
CA ASN A 86 31.70 35.93 9.63
C ASN A 86 31.17 35.82 8.18
N ALA A 87 30.81 34.61 7.77
CA ALA A 87 30.24 34.34 6.44
C ALA A 87 29.33 33.09 6.39
N TYR A 88 28.44 33.03 5.38
CA TYR A 88 27.61 31.84 5.06
C TYR A 88 27.20 31.77 3.58
N SER A 89 26.99 30.53 3.09
CA SER A 89 26.54 30.27 1.71
C SER A 89 25.35 29.31 1.65
N THR A 90 24.27 29.76 1.02
CA THR A 90 23.09 28.90 0.73
C THR A 90 23.08 28.57 -0.76
N ARG A 91 22.06 27.85 -1.23
CA ARG A 91 21.93 27.52 -2.66
C ARG A 91 21.68 28.75 -3.54
N GLU A 92 21.21 29.84 -2.92
CA GLU A 92 20.89 31.09 -3.64
C GLU A 92 21.60 32.36 -3.09
N HIS A 93 22.09 32.31 -1.85
CA HIS A 93 22.69 33.50 -1.21
C HIS A 93 24.05 33.27 -0.56
N THR A 94 25.03 34.08 -0.97
CA THR A 94 26.31 34.22 -0.26
C THR A 94 26.24 35.52 0.57
N ALA A 95 26.80 35.52 1.79
CA ALA A 95 26.81 36.70 2.65
C ALA A 95 28.03 36.81 3.57
N TYR A 96 28.65 38.00 3.59
CA TYR A 96 29.77 38.33 4.48
C TYR A 96 29.40 39.54 5.33
N TYR A 97 29.59 39.45 6.63
CA TYR A 97 29.19 40.52 7.55
C TYR A 97 30.12 40.65 8.77
N ILE A 98 30.10 41.83 9.38
CA ILE A 98 30.98 42.14 10.51
C ILE A 98 30.22 42.84 11.66
N LYS A 99 30.49 42.36 12.88
CA LYS A 99 29.93 42.93 14.11
C LYS A 99 31.00 43.76 14.79
N ALA A 100 30.75 45.05 14.96
CA ALA A 100 31.76 45.98 15.49
C ALA A 100 31.18 47.09 16.35
N LEU A 101 32.06 47.84 17.03
CA LEU A 101 31.68 49.03 17.77
C LEU A 101 31.18 50.08 16.78
N SER A 102 30.17 50.84 17.19
CA SER A 102 29.50 51.82 16.31
C SER A 102 30.43 52.88 15.71
N LYS A 103 31.34 53.41 16.54
CA LYS A 103 32.38 54.36 16.10
C LYS A 103 33.32 53.79 15.02
N ASP A 104 33.45 52.46 14.99
CA ASP A 104 34.34 51.76 14.05
C ASP A 104 33.68 51.36 12.71
N LEU A 105 32.47 51.87 12.45
CA LEU A 105 31.71 51.58 11.22
C LEU A 105 32.45 51.94 9.90
N PRO A 106 33.12 53.12 9.84
CA PRO A 106 33.95 53.42 8.67
C PRO A 106 34.98 52.35 8.32
N LYS A 107 35.78 51.92 9.31
CA LYS A 107 36.76 50.86 9.09
C LYS A 107 36.08 49.52 8.76
N ALA A 108 34.94 49.27 9.40
CA ALA A 108 34.13 48.07 9.15
C ALA A 108 33.70 47.97 7.69
N VAL A 109 33.16 49.06 7.14
CA VAL A 109 32.71 49.11 5.73
C VAL A 109 33.91 49.00 4.77
N GLU A 110 35.02 49.63 5.15
CA GLU A 110 36.29 49.55 4.42
C GLU A 110 36.81 48.10 4.29
N LEU A 111 36.80 47.36 5.40
CA LEU A 111 37.28 45.97 5.43
C LEU A 111 36.43 44.99 4.64
N LEU A 112 35.12 45.18 4.68
CA LEU A 112 34.15 44.39 3.88
C LEU A 112 34.42 44.56 2.40
N ALA A 113 34.66 45.81 1.99
CA ALA A 113 34.96 46.14 0.60
C ALA A 113 36.28 45.53 0.15
N ASP A 114 37.25 45.45 1.07
CA ASP A 114 38.55 44.84 0.78
C ASP A 114 38.46 43.31 0.60
N ILE A 115 37.59 42.66 1.38
CA ILE A 115 37.37 41.20 1.29
C ILE A 115 36.77 40.82 -0.07
N VAL A 116 35.65 41.46 -0.42
CA VAL A 116 34.89 41.16 -1.64
C VAL A 116 35.75 41.43 -2.89
N GLN A 117 36.21 42.67 -3.02
CA GLN A 117 36.89 43.13 -4.23
C GLN A 117 38.33 42.63 -4.42
N ASN A 118 39.15 42.71 -3.38
CA ASN A 118 40.61 42.52 -3.51
C ASN A 118 41.14 41.22 -2.91
N CYS A 119 40.33 40.16 -3.03
CA CYS A 119 40.62 38.86 -2.44
C CYS A 119 41.86 38.20 -3.06
N SER A 120 42.90 37.97 -2.24
CA SER A 120 44.20 37.41 -2.66
C SER A 120 44.12 36.15 -3.54
N LEU A 121 43.50 35.09 -3.01
CA LEU A 121 43.41 33.76 -3.66
C LEU A 121 44.79 33.18 -4.03
N GLU A 122 45.66 33.09 -3.02
CA GLU A 122 47.07 32.66 -3.17
C GLU A 122 47.16 31.17 -3.56
N ASP A 123 48.20 30.83 -4.33
CA ASP A 123 48.44 29.45 -4.80
C ASP A 123 48.56 28.43 -3.67
N SER A 124 49.43 28.73 -2.71
CA SER A 124 49.64 27.89 -1.53
C SER A 124 48.40 27.82 -0.65
N GLN A 125 47.69 28.95 -0.53
CA GLN A 125 46.47 29.06 0.27
C GLN A 125 45.31 28.26 -0.31
N ILE A 126 45.25 28.15 -1.64
CA ILE A 126 44.27 27.30 -2.32
C ILE A 126 44.51 25.83 -2.01
N GLU A 127 45.77 25.37 -2.16
CA GLU A 127 46.14 23.98 -1.91
C GLU A 127 46.00 23.57 -0.44
N LYS A 128 46.13 24.54 0.47
CA LYS A 128 45.86 24.32 1.89
C LYS A 128 44.36 24.18 2.16
N GLU A 129 43.56 25.13 1.65
CA GLU A 129 42.10 25.13 1.84
C GLU A 129 41.39 24.02 1.04
N ARG A 130 42.12 23.36 0.14
CA ARG A 130 41.62 22.20 -0.58
C ARG A 130 41.38 21.00 0.36
N ASP A 131 42.39 20.66 1.16
CA ASP A 131 42.31 19.55 2.12
C ASP A 131 41.33 19.84 3.25
N VAL A 132 41.20 21.11 3.62
CA VAL A 132 40.24 21.57 4.64
C VAL A 132 38.79 21.23 4.27
N ILE A 133 38.41 21.54 3.02
CA ILE A 133 37.06 21.27 2.54
C ILE A 133 36.80 19.76 2.49
N LEU A 134 37.79 18.99 2.04
CA LEU A 134 37.69 17.53 1.99
C LEU A 134 37.44 16.88 3.36
N GLN A 135 38.05 17.43 4.41
CA GLN A 135 37.83 16.98 5.80
C GLN A 135 36.45 17.39 6.34
N GLU A 136 35.95 18.55 5.89
CA GLU A 136 34.61 19.02 6.25
C GLU A 136 33.53 18.15 5.61
N LEU A 137 33.79 17.72 4.38
CA LEU A 137 32.90 16.83 3.64
C LEU A 137 32.75 15.49 4.34
N GLN A 138 33.83 15.06 5.00
CA GLN A 138 33.84 13.83 5.79
C GLN A 138 33.08 13.97 7.11
N GLU A 139 33.25 15.11 7.78
CA GLU A 139 32.50 15.43 9.00
C GLU A 139 31.00 15.51 8.70
N ASN A 140 30.65 16.16 7.59
CA ASN A 140 29.25 16.31 7.16
C ASN A 140 28.54 15.00 6.93
N ASP A 141 29.31 13.97 6.54
CA ASP A 141 28.77 12.61 6.34
C ASP A 141 28.26 11.99 7.65
N THR A 142 28.76 12.47 8.79
CA THR A 142 28.38 11.96 10.10
C THR A 142 27.14 12.66 10.68
N SER A 143 26.71 13.73 10.01
CA SER A 143 25.49 14.43 10.39
C SER A 143 24.29 13.99 9.53
N MET A 144 23.44 13.15 10.13
CA MET A 144 22.28 12.56 9.43
C MET A 144 21.25 13.57 9.00
N ARG A 145 21.07 14.64 9.79
CA ARG A 145 20.19 15.75 9.43
C ARG A 145 20.66 16.39 8.11
N ASP A 146 21.94 16.76 8.07
CA ASP A 146 22.59 17.31 6.86
C ASP A 146 22.42 16.40 5.63
N VAL A 147 22.70 15.10 5.81
CA VAL A 147 22.68 14.09 4.74
C VAL A 147 21.27 13.90 4.17
N VAL A 148 20.27 13.82 5.03
CA VAL A 148 18.88 13.58 4.61
C VAL A 148 18.30 14.78 3.82
N PHE A 149 18.69 16.00 4.22
CA PHE A 149 18.21 17.22 3.55
C PHE A 149 18.85 17.42 2.20
N ASN A 150 20.14 17.11 2.12
CA ASN A 150 20.86 17.05 0.85
C ASN A 150 20.25 16.02 -0.10
N TYR A 151 19.83 14.88 0.46
CA TYR A 151 19.10 13.88 -0.31
C TYR A 151 17.72 14.36 -0.79
N LEU A 152 16.98 15.07 0.08
CA LEU A 152 15.67 15.63 -0.27
C LEU A 152 15.74 16.53 -1.51
N HIS A 153 16.68 17.48 -1.50
CA HIS A 153 16.94 18.38 -2.63
C HIS A 153 17.32 17.62 -3.90
N ALA A 154 18.26 16.69 -3.75
CA ALA A 154 18.80 15.89 -4.86
C ALA A 154 17.72 15.12 -5.61
N THR A 155 16.72 14.61 -4.89
CA THR A 155 15.61 13.88 -5.49
C THR A 155 14.45 14.80 -5.91
N ALA A 156 14.16 15.82 -5.09
CA ALA A 156 13.04 16.74 -5.31
C ALA A 156 13.22 17.54 -6.60
N PHE A 157 14.40 18.15 -6.75
CA PHE A 157 14.74 18.98 -7.91
C PHE A 157 15.73 18.28 -8.83
N GLN A 158 15.53 16.99 -9.04
CA GLN A 158 16.44 16.16 -9.83
C GLN A 158 16.59 16.60 -11.29
N GLY A 159 17.83 16.54 -11.76
CA GLY A 159 18.18 16.96 -13.11
C GLY A 159 18.22 18.47 -13.31
N THR A 160 18.31 19.23 -12.22
CA THR A 160 18.41 20.70 -12.26
C THR A 160 19.60 21.19 -11.41
N PRO A 161 19.90 22.51 -11.44
CA PRO A 161 20.87 23.07 -10.49
C PRO A 161 20.47 23.09 -9.00
N LEU A 162 19.17 22.93 -8.71
CA LEU A 162 18.72 22.86 -7.31
C LEU A 162 18.99 21.52 -6.65
N ALA A 163 19.17 20.47 -7.44
CA ALA A 163 19.58 19.15 -6.92
C ALA A 163 21.01 19.15 -6.38
N GLN A 164 21.80 20.14 -6.78
CA GLN A 164 23.20 20.30 -6.38
C GLN A 164 23.35 20.79 -4.95
N SER A 165 24.33 20.20 -4.24
CA SER A 165 24.72 20.60 -2.89
C SER A 165 25.61 21.84 -2.94
N VAL A 166 25.59 22.62 -1.86
CA VAL A 166 26.37 23.85 -1.72
C VAL A 166 27.89 23.56 -1.77
N GLU A 167 28.29 22.46 -1.15
CA GLU A 167 29.70 22.13 -0.98
C GLU A 167 30.33 21.54 -2.24
N GLY A 168 29.51 20.93 -3.10
CA GLY A 168 30.01 20.32 -4.35
C GLY A 168 30.52 18.91 -4.15
N PRO A 169 30.66 18.13 -5.24
CA PRO A 169 31.20 16.76 -5.12
C PRO A 169 32.70 16.78 -4.88
N SER A 170 33.22 15.71 -4.28
CA SER A 170 34.63 15.63 -3.87
C SER A 170 35.60 15.80 -5.04
N GLU A 171 35.20 15.27 -6.20
CA GLU A 171 35.97 15.36 -7.43
C GLU A 171 36.20 16.82 -7.86
N ASN A 172 35.18 17.66 -7.72
CA ASN A 172 35.27 19.10 -8.00
C ASN A 172 36.22 19.84 -7.03
N VAL A 173 36.11 19.54 -5.74
CA VAL A 173 36.95 20.17 -4.71
C VAL A 173 38.43 19.84 -4.97
N ARG A 174 38.70 18.59 -5.37
CA ARG A 174 40.06 18.12 -5.63
C ARG A 174 40.71 18.70 -6.89
N LYS A 175 39.88 19.18 -7.83
CA LYS A 175 40.35 19.64 -9.16
C LYS A 175 40.17 21.14 -9.50
N LEU A 176 39.27 21.83 -8.79
CA LEU A 176 39.01 23.27 -9.01
C LEU A 176 40.30 24.10 -8.92
N SER A 177 40.67 24.71 -10.04
CA SER A 177 41.85 25.56 -10.12
C SER A 177 41.53 27.02 -9.78
N ARG A 178 42.57 27.85 -9.63
CA ARG A 178 42.42 29.28 -9.30
C ARG A 178 41.78 30.10 -10.43
N ALA A 179 41.94 29.60 -11.66
CA ALA A 179 41.29 30.12 -12.87
C ALA A 179 39.76 30.05 -12.75
N ASP A 180 39.25 28.92 -12.25
CA ASP A 180 37.81 28.70 -12.05
C ASP A 180 37.20 29.66 -11.03
N LEU A 181 37.96 29.93 -9.97
CA LEU A 181 37.49 30.74 -8.84
C LEU A 181 37.38 32.21 -9.21
N THR A 182 38.39 32.72 -9.91
CA THR A 182 38.42 34.12 -10.36
C THR A 182 37.37 34.38 -11.44
N GLU A 183 37.10 33.37 -12.25
CA GLU A 183 36.10 33.44 -13.31
C GLU A 183 34.68 33.40 -12.74
N TYR A 184 34.46 32.53 -11.75
CA TYR A 184 33.20 32.48 -10.98
C TYR A 184 32.86 33.84 -10.36
N LEU A 185 33.88 34.50 -9.80
CA LEU A 185 33.70 35.76 -9.07
C LEU A 185 33.25 36.90 -9.98
N SER A 186 33.97 37.09 -11.08
CA SER A 186 33.69 38.19 -12.02
C SER A 186 32.39 38.02 -12.80
N ARG A 187 31.89 36.78 -12.86
CA ARG A 187 30.61 36.48 -13.49
C ARG A 187 29.42 36.82 -12.58
N HIS A 188 29.53 36.51 -11.29
CA HIS A 188 28.37 36.63 -10.36
C HIS A 188 28.38 37.82 -9.41
N TYR A 189 29.55 38.18 -8.88
CA TYR A 189 29.68 39.30 -7.93
C TYR A 189 29.59 40.62 -8.65
N LYS A 190 28.37 41.06 -8.98
CA LYS A 190 28.13 42.36 -9.65
C LYS A 190 27.21 43.25 -8.79
N ALA A 191 27.40 44.57 -8.92
CA ALA A 191 26.71 45.56 -8.05
C ALA A 191 25.16 45.44 -7.99
N PRO A 192 24.46 45.26 -9.15
CA PRO A 192 23.00 45.06 -9.03
C PRO A 192 22.59 43.74 -8.37
N ARG A 193 23.50 42.76 -8.32
CA ARG A 193 23.30 41.51 -7.58
C ARG A 193 23.84 41.59 -6.15
N MET A 194 23.98 42.80 -5.60
CA MET A 194 24.61 43.02 -4.28
C MET A 194 23.90 44.07 -3.42
N VAL A 195 23.82 43.80 -2.11
CA VAL A 195 23.21 44.72 -1.12
C VAL A 195 24.11 44.88 0.10
N LEU A 196 24.40 46.13 0.44
CA LEU A 196 25.09 46.48 1.67
C LEU A 196 24.04 46.83 2.72
N ALA A 197 23.99 46.00 3.77
CA ALA A 197 23.00 46.17 4.84
C ALA A 197 23.67 46.51 6.16
N ALA A 198 23.01 47.36 6.94
CA ALA A 198 23.53 47.78 8.26
C ALA A 198 22.44 48.07 9.29
N ALA A 199 22.70 47.67 10.53
CA ALA A 199 21.85 47.96 11.68
C ALA A 199 22.69 48.27 12.92
N GLY A 200 22.16 49.13 13.78
CA GLY A 200 22.85 49.59 14.99
C GLY A 200 22.80 51.10 15.12
N GLY A 201 23.79 51.65 15.79
CA GLY A 201 23.89 53.10 15.99
C GLY A 201 24.59 53.82 14.87
N LEU A 202 23.82 54.28 13.89
CA LEU A 202 24.38 54.96 12.72
C LEU A 202 23.38 55.82 11.97
N GLU A 203 23.92 56.82 11.28
CA GLU A 203 23.16 57.66 10.35
C GLU A 203 23.27 57.05 8.94
N HIS A 204 22.12 56.86 8.29
CA HIS A 204 22.02 56.27 6.96
C HIS A 204 22.85 57.02 5.90
N ARG A 205 22.79 58.35 5.93
CA ARG A 205 23.57 59.22 5.06
C ARG A 205 25.06 58.85 5.08
N GLN A 206 25.60 58.66 6.29
CA GLN A 206 26.99 58.23 6.50
C GLN A 206 27.31 56.88 5.82
N LEU A 207 26.40 55.92 5.96
CA LEU A 207 26.57 54.61 5.34
C LEU A 207 26.66 54.70 3.82
N LEU A 208 25.77 55.49 3.20
CA LEU A 208 25.75 55.69 1.75
C LEU A 208 27.08 56.27 1.26
N ASP A 209 27.57 57.28 1.96
CA ASP A 209 28.85 57.91 1.62
C ASP A 209 30.02 56.95 1.72
N LEU A 210 30.03 56.11 2.75
CA LEU A 210 31.07 55.09 2.91
C LEU A 210 31.05 54.04 1.80
N ALA A 211 29.85 53.72 1.32
CA ALA A 211 29.65 52.79 0.20
C ALA A 211 30.26 53.35 -1.09
N GLN A 212 30.05 54.65 -1.31
CA GLN A 212 30.70 55.41 -2.39
C GLN A 212 32.21 55.23 -2.35
N LYS A 213 32.82 55.55 -1.19
CA LYS A 213 34.28 55.60 -1.02
C LYS A 213 35.01 54.28 -1.32
N HIS A 214 34.36 53.16 -1.02
CA HIS A 214 35.03 51.87 -1.08
C HIS A 214 34.45 50.88 -2.08
N PHE A 215 33.13 50.96 -2.33
CA PHE A 215 32.43 50.01 -3.23
C PHE A 215 32.04 50.57 -4.62
N SER A 216 32.65 51.69 -5.01
CA SER A 216 32.40 52.33 -6.32
C SER A 216 32.94 51.56 -7.54
N GLY A 217 34.02 50.81 -7.34
CA GLY A 217 34.65 50.02 -8.40
C GLY A 217 33.94 48.71 -8.74
N LEU A 218 32.97 48.33 -7.93
CA LEU A 218 32.12 47.16 -8.21
C LEU A 218 31.43 47.34 -9.58
N SER A 219 31.52 46.32 -10.44
CA SER A 219 31.00 46.42 -11.80
C SER A 219 29.49 46.13 -11.93
N GLY A 220 28.92 46.61 -13.03
CA GLY A 220 27.53 46.33 -13.41
C GLY A 220 27.43 45.63 -14.74
N VAL A 221 23.79 37.86 -18.94
CA VAL A 221 23.06 38.19 -17.72
C VAL A 221 22.48 36.93 -17.04
N PRO A 222 23.09 36.50 -15.90
CA PRO A 222 22.68 35.28 -15.16
C PRO A 222 21.20 35.24 -14.77
N THR A 223 20.37 34.58 -15.57
CA THR A 223 18.95 34.38 -15.25
C THR A 223 18.71 32.96 -14.76
N LEU A 224 18.15 32.83 -13.55
CA LEU A 224 17.79 31.52 -13.02
C LEU A 224 16.69 30.89 -13.85
N SER A 225 16.96 29.70 -14.41
CA SER A 225 15.92 28.90 -15.05
C SER A 225 15.02 28.34 -13.96
N PRO A 226 13.71 28.15 -14.25
CA PRO A 226 12.84 27.51 -13.28
C PRO A 226 13.29 26.08 -12.97
N CYS A 227 12.85 25.53 -11.84
CA CYS A 227 13.23 24.16 -11.47
C CYS A 227 12.06 23.19 -11.33
N ARG A 228 12.16 22.08 -12.06
CA ARG A 228 11.16 21.03 -12.11
C ARG A 228 11.18 20.17 -10.84
N PHE A 229 10.06 20.21 -10.12
CA PHE A 229 9.83 19.35 -8.96
C PHE A 229 9.40 17.96 -9.43
N THR A 230 9.91 16.92 -8.80
CA THR A 230 9.54 15.53 -9.12
C THR A 230 9.08 14.79 -7.86
N GLY A 231 7.94 14.11 -7.97
CA GLY A 231 7.45 13.18 -6.95
C GLY A 231 8.32 11.95 -6.96
N SER A 232 9.17 11.83 -5.94
CA SER A 232 10.23 10.83 -5.95
C SER A 232 10.64 10.39 -4.53
N GLN A 233 11.44 9.34 -4.46
CA GLN A 233 11.92 8.77 -3.21
C GLN A 233 13.40 8.39 -3.33
N ILE A 234 14.18 8.77 -2.32
CA ILE A 234 15.57 8.32 -2.18
C ILE A 234 15.76 7.64 -0.81
N CYS A 235 16.17 6.37 -0.84
CA CYS A 235 16.26 5.53 0.35
C CYS A 235 17.62 4.91 0.57
N HIS A 236 18.39 5.53 1.45
CA HIS A 236 19.69 5.03 1.89
C HIS A 236 19.50 4.19 3.15
N ARG A 237 19.53 2.88 2.95
CA ARG A 237 19.36 1.91 4.04
C ARG A 237 20.72 1.65 4.64
N GLU A 238 20.83 1.96 5.92
CA GLU A 238 22.03 1.71 6.69
C GLU A 238 21.65 1.29 8.11
N ASP A 239 21.47 -0.01 8.28
CA ASP A 239 21.02 -0.60 9.55
C ASP A 239 22.00 -0.43 10.71
N GLY A 240 23.26 -0.10 10.39
CA GLY A 240 24.30 0.13 11.40
C GLY A 240 24.12 1.37 12.27
N LEU A 241 23.29 2.31 11.82
CA LEU A 241 22.98 3.53 12.58
C LEU A 241 21.83 3.35 13.56
N PRO A 242 21.87 4.05 14.71
CA PRO A 242 20.88 3.78 15.75
C PRO A 242 19.49 4.38 15.56
N LEU A 243 19.39 5.52 14.87
CA LEU A 243 18.08 6.17 14.64
C LEU A 243 17.85 6.53 13.19
N ALA A 244 16.57 6.49 12.79
CA ALA A 244 16.18 6.76 11.41
C ALA A 244 15.83 8.23 11.20
N HIS A 245 16.32 8.81 10.10
CA HIS A 245 15.98 10.17 9.68
C HIS A 245 15.09 10.12 8.44
N VAL A 246 13.97 10.84 8.50
CA VAL A 246 13.02 10.94 7.37
C VAL A 246 12.72 12.44 7.08
N ALA A 247 12.81 12.81 5.80
CA ALA A 247 12.39 14.13 5.32
C ALA A 247 11.37 13.98 4.19
N ILE A 248 10.20 14.62 4.35
CA ILE A 248 9.11 14.57 3.36
C ILE A 248 8.56 15.97 3.04
N ALA A 249 8.42 16.29 1.75
CA ALA A 249 7.92 17.59 1.30
C ALA A 249 7.16 17.57 -0.04
N VAL A 250 6.19 18.47 -0.16
CA VAL A 250 5.54 18.84 -1.43
C VAL A 250 6.14 20.15 -1.96
N GLU A 251 5.85 20.49 -3.22
CA GLU A 251 6.37 21.73 -3.81
C GLU A 251 5.69 22.98 -3.25
N GLY A 252 6.51 23.87 -2.70
CA GLY A 252 6.06 25.16 -2.20
C GLY A 252 6.06 26.23 -3.27
N PRO A 253 5.47 27.42 -2.98
CA PRO A 253 5.25 28.46 -4.00
C PRO A 253 6.47 29.33 -4.35
N GLY A 254 7.40 29.52 -3.42
CA GLY A 254 8.56 30.38 -3.69
C GLY A 254 8.44 31.75 -3.06
N TRP A 255 9.59 32.43 -2.93
CA TRP A 255 9.77 33.65 -2.11
C TRP A 255 8.60 34.64 -2.20
N ALA A 256 8.27 35.04 -3.42
CA ALA A 256 7.35 36.13 -3.70
C ALA A 256 5.90 35.93 -3.28
N HIS A 257 5.41 34.70 -3.40
CA HIS A 257 3.98 34.39 -3.29
C HIS A 257 3.35 34.68 -1.92
N PRO A 258 2.20 35.39 -1.90
CA PRO A 258 1.51 35.77 -0.65
C PRO A 258 0.98 34.60 0.20
N ASP A 259 0.62 33.49 -0.45
CA ASP A 259 0.22 32.26 0.22
C ASP A 259 1.17 31.77 1.32
N ASN A 260 2.44 32.17 1.21
CA ASN A 260 3.48 31.82 2.20
C ASN A 260 3.12 32.20 3.64
N VAL A 261 2.41 33.31 3.82
CA VAL A 261 1.96 33.78 5.15
C VAL A 261 0.96 32.78 5.78
N ALA A 262 -0.04 32.36 4.99
CA ALA A 262 -1.04 31.36 5.42
C ALA A 262 -0.43 29.98 5.68
N LEU A 263 0.55 29.59 4.86
CA LEU A 263 1.29 28.33 5.03
C LEU A 263 2.11 28.27 6.32
N GLN A 264 2.67 29.43 6.69
CA GLN A 264 3.38 29.57 7.97
C GLN A 264 2.44 29.37 9.14
N VAL A 265 1.23 29.94 9.04
CA VAL A 265 0.18 29.82 10.07
C VAL A 265 -0.18 28.35 10.30
N ALA A 266 -0.34 27.61 9.20
CA ALA A 266 -0.62 26.18 9.26
C ALA A 266 0.53 25.41 9.92
N ASN A 267 1.74 25.58 9.39
CA ASN A 267 2.96 24.99 9.94
C ASN A 267 3.16 25.23 11.44
N ALA A 268 2.70 26.40 11.92
CA ALA A 268 2.75 26.76 13.33
C ALA A 268 1.79 25.93 14.16
N ILE A 269 0.62 25.63 13.61
CA ILE A 269 -0.38 24.79 14.30
C ILE A 269 0.23 23.42 14.62
N ILE A 270 0.74 22.76 13.58
CA ILE A 270 1.40 21.44 13.70
C ILE A 270 2.69 21.57 14.53
N GLY A 271 3.48 22.60 14.22
CA GLY A 271 4.61 22.99 15.05
C GLY A 271 5.83 22.09 15.03
N HIS A 272 6.42 21.90 16.21
CA HIS A 272 7.67 21.19 16.38
C HIS A 272 7.76 20.60 17.78
N TYR A 273 8.65 19.60 17.95
CA TYR A 273 8.79 18.87 19.21
C TYR A 273 10.13 18.18 19.28
N ASP A 274 10.67 18.08 20.49
CA ASP A 274 11.68 17.05 20.83
C ASP A 274 11.54 16.52 22.28
N CYS A 275 12.34 15.51 22.63
CA CYS A 275 12.20 14.78 23.89
C CYS A 275 12.50 15.60 25.16
N THR A 276 13.02 16.82 25.00
CA THR A 276 13.36 17.66 26.15
C THR A 276 12.33 18.77 26.39
N TYR A 277 11.20 18.69 25.69
CA TYR A 277 10.14 19.68 25.78
C TYR A 277 9.33 19.54 27.05
N GLY A 278 8.93 20.67 27.60
CA GLY A 278 8.18 20.75 28.84
C GLY A 278 6.71 20.42 28.73
N GLY A 279 6.16 20.43 27.52
CA GLY A 279 4.74 20.19 27.34
C GLY A 279 4.27 18.76 27.53
N GLY A 280 4.87 17.84 26.79
CA GLY A 280 4.42 16.44 26.78
C GLY A 280 3.00 16.23 26.26
N ALA A 281 2.21 15.49 27.03
CA ALA A 281 0.81 15.14 26.71
C ALA A 281 -0.11 16.35 26.53
N HIS A 282 0.13 17.39 27.34
CA HIS A 282 -0.73 18.56 27.39
C HIS A 282 -0.45 19.60 26.30
N LEU A 283 0.53 19.31 25.43
CA LEU A 283 0.87 20.17 24.28
C LEU A 283 -0.34 20.42 23.36
N SER A 284 -0.36 21.61 22.75
CA SER A 284 -1.50 22.07 21.95
C SER A 284 -1.63 21.32 20.63
N SER A 285 -0.49 21.17 19.93
CA SER A 285 -0.42 20.41 18.68
C SER A 285 -0.78 18.96 18.94
N PRO A 286 -1.79 18.43 18.20
CA PRO A 286 -2.12 17.00 18.27
C PRO A 286 -0.96 16.07 17.90
N LEU A 287 -0.17 16.45 16.88
CA LEU A 287 1.00 15.65 16.47
C LEU A 287 2.02 15.55 17.60
N ALA A 288 2.26 16.67 18.29
CA ALA A 288 3.23 16.75 19.37
C ALA A 288 2.79 15.95 20.60
N SER A 289 1.54 16.11 21.00
CA SER A 289 0.99 15.42 22.17
C SER A 289 0.93 13.88 21.99
N ILE A 290 0.61 13.44 20.78
CA ILE A 290 0.57 12.01 20.44
C ILE A 290 1.97 11.41 20.37
N ALA A 291 2.89 12.17 19.75
CA ALA A 291 4.29 11.77 19.65
C ALA A 291 4.94 11.65 21.02
N ALA A 292 4.59 12.57 21.92
CA ALA A 292 5.10 12.60 23.30
C ALA A 292 4.57 11.44 24.16
N THR A 293 3.24 11.25 24.16
CA THR A 293 2.64 10.19 25.00
C THR A 293 3.01 8.79 24.55
N ASN A 294 3.11 8.58 23.23
CA ASN A 294 3.33 7.24 22.70
C ASN A 294 4.78 6.95 22.36
N LYS A 295 5.65 7.91 22.69
CA LYS A 295 7.09 7.84 22.39
C LYS A 295 7.39 7.40 20.93
N LEU A 296 6.68 8.03 19.99
CA LEU A 296 6.82 7.73 18.57
C LEU A 296 8.17 8.21 18.05
N CYS A 297 8.44 9.49 18.19
CA CYS A 297 9.69 10.08 17.71
C CYS A 297 10.52 10.68 18.82
N GLN A 298 11.79 10.92 18.51
CA GLN A 298 12.72 11.67 19.36
C GLN A 298 12.61 13.18 19.11
N SER A 299 12.32 13.57 17.86
CA SER A 299 12.17 14.98 17.45
C SER A 299 11.44 15.12 16.11
N PHE A 300 10.81 16.28 15.89
CA PHE A 300 10.27 16.68 14.56
C PHE A 300 10.12 18.20 14.39
N GLN A 301 10.23 18.68 13.15
CA GLN A 301 9.82 20.06 12.80
C GLN A 301 9.20 20.16 11.39
N THR A 302 8.25 21.09 11.26
CA THR A 302 7.70 21.54 9.98
C THR A 302 8.58 22.68 9.47
N PHE A 303 8.56 22.99 8.17
CA PHE A 303 9.55 23.98 7.69
C PHE A 303 9.24 25.08 6.64
N ASN A 304 8.65 24.70 5.50
CA ASN A 304 8.50 25.61 4.32
C ASN A 304 9.77 26.39 3.87
N ILE A 305 10.70 25.69 3.21
CA ILE A 305 11.88 26.27 2.54
C ILE A 305 11.50 26.98 1.23
N CYS A 306 11.96 28.22 1.06
CA CYS A 306 11.68 29.02 -0.15
C CYS A 306 12.90 29.21 -1.07
N TYR A 307 12.69 28.97 -2.36
CA TYR A 307 13.63 29.36 -3.43
C TYR A 307 12.92 30.34 -4.38
N ALA A 308 13.56 30.71 -5.50
CA ALA A 308 13.01 31.72 -6.44
C ALA A 308 11.56 31.49 -6.89
N ASP A 309 11.35 30.53 -7.80
CA ASP A 309 10.02 30.27 -8.33
C ASP A 309 9.46 28.95 -7.81
N THR A 310 10.02 28.46 -6.70
CA THR A 310 9.68 27.14 -6.12
C THR A 310 10.12 27.00 -4.63
N GLY A 311 9.86 25.85 -4.01
CA GLY A 311 10.28 25.58 -2.62
C GLY A 311 10.02 24.16 -2.13
N LEU A 312 10.33 23.91 -0.85
CA LEU A 312 10.06 22.61 -0.20
C LEU A 312 9.21 22.78 1.06
N LEU A 313 7.98 22.26 1.02
CA LEU A 313 7.05 22.38 2.15
C LEU A 313 6.74 21.01 2.74
N GLY A 314 7.14 20.80 3.99
CA GLY A 314 6.86 19.54 4.70
C GLY A 314 7.37 19.49 6.14
N ALA A 315 7.99 18.36 6.48
CA ALA A 315 8.46 18.07 7.84
C ALA A 315 9.62 17.07 7.85
N HIS A 316 10.47 17.18 8.88
CA HIS A 316 11.54 16.24 9.13
C HIS A 316 11.30 15.61 10.51
N PHE A 317 11.51 14.31 10.63
CA PHE A 317 11.47 13.63 11.93
C PHE A 317 12.54 12.56 12.14
N VAL A 318 12.93 12.37 13.40
CA VAL A 318 13.93 11.38 13.83
C VAL A 318 13.28 10.46 14.87
N CYS A 319 13.36 9.14 14.64
CA CYS A 319 12.65 8.19 15.49
C CYS A 319 13.29 6.81 15.52
N ASP A 320 12.79 6.00 16.46
CA ASP A 320 13.07 4.57 16.57
C ASP A 320 12.75 3.82 15.28
N HIS A 321 13.46 2.72 15.03
CA HIS A 321 13.27 1.95 13.79
C HIS A 321 11.88 1.28 13.63
N MET A 322 11.15 1.17 14.73
CA MET A 322 9.81 0.58 14.75
C MET A 322 8.68 1.60 14.72
N SER A 323 9.02 2.88 14.64
CA SER A 323 8.03 3.96 14.72
C SER A 323 7.79 4.76 13.44
N ILE A 324 8.60 4.51 12.41
CA ILE A 324 8.56 5.31 11.17
C ILE A 324 7.16 5.31 10.55
N ASP A 325 6.56 4.11 10.44
CA ASP A 325 5.22 3.93 9.88
C ASP A 325 4.15 4.71 10.65
N ASP A 326 4.18 4.62 11.97
CA ASP A 326 3.23 5.32 12.80
C ASP A 326 3.40 6.83 12.80
N MET A 327 4.64 7.30 12.69
CA MET A 327 4.90 8.73 12.61
C MET A 327 4.32 9.33 11.36
N MET A 328 4.56 8.66 10.22
CA MET A 328 4.07 9.07 8.90
C MET A 328 2.55 9.20 8.90
N PHE A 329 1.89 8.22 9.54
CA PHE A 329 0.42 8.16 9.68
C PHE A 329 -0.15 9.39 10.37
N VAL A 330 0.43 9.75 11.50
CA VAL A 330 -0.06 10.87 12.30
C VAL A 330 0.24 12.22 11.63
N LEU A 331 1.44 12.35 11.04
CA LEU A 331 1.86 13.57 10.31
C LEU A 331 0.97 13.84 9.09
N GLN A 332 0.83 12.85 8.21
CA GLN A 332 -0.02 12.98 7.03
C GLN A 332 -1.47 13.20 7.43
N GLY A 333 -1.88 12.62 8.56
CA GLY A 333 -3.22 12.81 9.11
C GLY A 333 -3.50 14.25 9.48
N GLN A 334 -2.47 14.94 9.98
CA GLN A 334 -2.57 16.35 10.34
C GLN A 334 -2.73 17.24 9.13
N TRP A 335 -1.97 16.95 8.07
CA TRP A 335 -2.08 17.66 6.80
C TRP A 335 -3.51 17.59 6.26
N MET A 336 -4.09 16.40 6.28
CA MET A 336 -5.45 16.19 5.80
C MET A 336 -6.49 16.94 6.63
N ARG A 337 -6.32 16.95 7.95
CA ARG A 337 -7.27 17.60 8.84
C ARG A 337 -7.30 19.12 8.67
N LEU A 338 -6.12 19.70 8.42
CA LEU A 338 -6.02 21.15 8.16
C LEU A 338 -6.61 21.54 6.81
N CYS A 339 -6.37 20.71 5.79
CA CYS A 339 -6.95 20.87 4.46
C CYS A 339 -8.47 20.90 4.52
N THR A 340 -9.03 19.88 5.16
CA THR A 340 -10.46 19.64 5.13
C THR A 340 -11.26 20.37 6.21
N SER A 341 -10.71 20.50 7.41
CA SER A 341 -11.55 20.82 8.58
C SER A 341 -10.89 21.64 9.72
N ALA A 342 -9.98 22.56 9.38
CA ALA A 342 -9.34 23.43 10.37
C ALA A 342 -10.35 24.35 11.08
N THR A 343 -10.18 24.53 12.40
CA THR A 343 -11.09 25.34 13.25
C THR A 343 -10.57 26.77 13.45
N GLU A 344 -11.47 27.69 13.78
CA GLU A 344 -11.12 29.12 13.93
C GLU A 344 -10.14 29.39 15.09
N SER A 345 -10.36 28.72 16.21
CA SER A 345 -9.55 28.90 17.41
C SER A 345 -8.12 28.36 17.26
N GLU A 346 -7.96 27.24 16.55
CA GLU A 346 -6.62 26.68 16.33
C GLU A 346 -5.81 27.50 15.33
N VAL A 347 -6.50 28.10 14.35
CA VAL A 347 -5.89 29.02 13.40
C VAL A 347 -5.45 30.31 14.12
N LEU A 348 -6.29 30.80 15.05
CA LEU A 348 -5.96 31.95 15.89
C LEU A 348 -4.68 31.69 16.71
N ARG A 349 -4.56 30.46 17.22
CA ARG A 349 -3.34 30.00 17.92
C ARG A 349 -2.11 30.05 16.99
N GLY A 350 -2.25 29.50 15.79
CA GLY A 350 -1.19 29.53 14.78
C GLY A 350 -0.78 30.94 14.41
N LYS A 351 -1.77 31.82 14.26
CA LYS A 351 -1.56 33.24 13.99
C LYS A 351 -0.71 33.87 15.10
N ASN A 352 -1.14 33.66 16.35
CA ASN A 352 -0.46 34.20 17.53
C ASN A 352 0.97 33.67 17.71
N LEU A 353 1.20 32.42 17.29
CA LEU A 353 2.55 31.85 17.26
C LEU A 353 3.44 32.60 16.28
N LEU A 354 2.91 32.83 15.07
CA LEU A 354 3.63 33.50 13.98
C LEU A 354 3.92 34.96 14.26
N ARG A 355 2.94 35.66 14.84
CA ARG A 355 3.10 37.04 15.32
C ARG A 355 4.27 37.14 16.28
N ASN A 356 4.23 36.33 17.34
CA ASN A 356 5.32 36.20 18.31
C ASN A 356 6.66 35.77 17.70
N ALA A 357 6.61 34.85 16.73
CA ALA A 357 7.80 34.29 16.08
C ALA A 357 8.69 35.36 15.45
N LEU A 358 8.13 36.13 14.52
CA LEU A 358 8.91 37.12 13.76
C LEU A 358 9.44 38.29 14.59
N VAL A 359 8.58 38.88 15.42
CA VAL A 359 8.94 40.02 16.31
C VAL A 359 10.10 39.70 17.26
N SER A 360 10.07 38.53 17.88
CA SER A 360 11.11 38.17 18.84
C SER A 360 12.36 37.61 18.16
N HIS A 361 12.24 37.22 16.89
CA HIS A 361 13.41 36.86 16.09
C HIS A 361 14.32 38.07 15.84
N LEU A 362 13.70 39.22 15.57
CA LEU A 362 14.44 40.44 15.22
C LEU A 362 14.96 41.19 16.45
N ASP A 363 15.58 40.48 17.38
CA ASP A 363 16.17 41.10 18.58
C ASP A 363 17.69 41.05 18.48
N GLY A 364 18.28 42.23 18.60
CA GLY A 364 19.71 42.41 18.38
C GLY A 364 19.92 43.29 17.16
N THR A 365 21.12 43.25 16.59
CA THR A 365 21.39 43.98 15.35
C THR A 365 21.70 43.03 14.23
N THR A 366 22.38 41.93 14.56
CA THR A 366 22.74 40.91 13.58
C THR A 366 21.50 40.31 12.86
N PRO A 367 20.45 39.86 13.60
CA PRO A 367 19.25 39.41 12.87
C PRO A 367 18.54 40.48 12.04
N VAL A 368 18.56 41.74 12.50
CA VAL A 368 17.92 42.85 11.78
C VAL A 368 18.71 43.20 10.52
N CYS A 369 20.05 43.18 10.63
CA CYS A 369 20.94 43.40 9.48
C CYS A 369 20.73 42.37 8.37
N GLU A 370 20.57 41.10 8.77
CA GLU A 370 20.35 39.99 7.84
C GLU A 370 18.99 40.08 7.16
N ASP A 371 17.98 40.51 7.91
CA ASP A 371 16.61 40.70 7.40
C ASP A 371 16.60 41.78 6.32
N ILE A 372 17.38 42.84 6.53
CA ILE A 372 17.55 43.91 5.54
C ILE A 372 18.24 43.36 4.28
N GLY A 373 19.41 42.74 4.48
CA GLY A 373 20.22 42.19 3.41
C GLY A 373 19.47 41.26 2.47
N ARG A 374 18.80 40.27 3.05
CA ARG A 374 18.17 39.23 2.26
C ARG A 374 16.80 39.64 1.68
N SER A 375 16.02 40.41 2.44
CA SER A 375 14.70 40.91 1.98
C SER A 375 14.79 41.70 0.69
N LEU A 376 15.84 42.53 0.59
CA LEU A 376 16.13 43.31 -0.62
C LEU A 376 16.47 42.41 -1.82
N LEU A 377 17.10 41.27 -1.57
CA LEU A 377 17.37 40.29 -2.61
C LEU A 377 16.12 39.52 -3.03
N THR A 378 15.37 39.00 -2.04
CA THR A 378 14.23 38.11 -2.31
C THR A 378 12.94 38.84 -2.68
N TYR A 379 12.58 39.89 -1.95
CA TYR A 379 11.35 40.63 -2.19
C TYR A 379 11.56 41.93 -2.96
N GLY A 380 12.78 42.48 -2.90
CA GLY A 380 13.10 43.75 -3.52
C GLY A 380 12.93 44.94 -2.59
N ARG A 381 12.63 44.65 -1.31
CA ARG A 381 12.31 45.63 -0.26
C ARG A 381 12.27 44.93 1.10
N ARG A 382 12.41 45.71 2.17
CA ARG A 382 12.11 45.24 3.53
C ARG A 382 10.62 45.40 3.78
N ILE A 383 9.96 44.33 4.18
CA ILE A 383 8.53 44.37 4.52
C ILE A 383 8.42 44.74 6.00
N PRO A 384 7.81 45.91 6.32
CA PRO A 384 7.68 46.38 7.72
C PRO A 384 6.82 45.47 8.61
N LEU A 385 7.05 45.53 9.92
CA LEU A 385 6.35 44.66 10.89
C LEU A 385 4.82 44.86 10.84
N ALA A 386 4.40 46.11 10.65
CA ALA A 386 2.99 46.47 10.50
C ALA A 386 2.30 45.80 9.31
N GLU A 387 3.05 45.54 8.23
CA GLU A 387 2.52 44.89 7.01
C GLU A 387 2.38 43.37 7.17
N TRP A 388 3.35 42.75 7.83
CA TRP A 388 3.27 41.34 8.20
C TRP A 388 2.01 41.07 9.03
N GLU A 389 1.74 41.96 10.00
CA GLU A 389 0.55 41.89 10.86
C GLU A 389 -0.77 41.95 10.09
N SER A 390 -0.81 42.79 9.05
CA SER A 390 -1.99 42.91 8.18
C SER A 390 -2.29 41.64 7.40
N ARG A 391 -1.23 40.97 6.95
CA ARG A 391 -1.35 39.71 6.21
C ARG A 391 -1.74 38.53 7.10
N ILE A 392 -1.28 38.56 8.36
CA ILE A 392 -1.61 37.52 9.35
C ILE A 392 -3.07 37.65 9.82
N ALA A 393 -3.51 38.88 10.09
CA ALA A 393 -4.90 39.17 10.49
C ALA A 393 -5.93 38.75 9.44
N GLU A 394 -5.54 38.81 8.16
CA GLU A 394 -6.38 38.41 7.03
C GLU A 394 -6.69 36.91 7.00
N VAL A 395 -5.79 36.09 7.55
CA VAL A 395 -5.93 34.63 7.58
C VAL A 395 -6.99 34.20 8.59
N ASP A 396 -8.05 33.54 8.11
CA ASP A 396 -9.01 32.85 8.99
C ASP A 396 -8.99 31.34 8.69
N ALA A 397 -9.87 30.58 9.34
CA ALA A 397 -9.97 29.12 9.14
C ALA A 397 -10.23 28.72 7.68
N ARG A 398 -11.06 29.51 7.00
CA ARG A 398 -11.37 29.32 5.58
C ARG A 398 -10.14 29.44 4.69
N VAL A 399 -9.28 30.44 4.98
CA VAL A 399 -8.03 30.66 4.24
C VAL A 399 -7.09 29.46 4.41
N VAL A 400 -6.85 29.04 5.67
CA VAL A 400 -5.95 27.92 5.99
C VAL A 400 -6.36 26.65 5.22
N ARG A 401 -7.67 26.36 5.21
CA ARG A 401 -8.22 25.21 4.49
C ARG A 401 -7.86 25.30 3.01
N GLU A 402 -8.26 26.40 2.39
CA GLU A 402 -8.12 26.59 0.94
C GLU A 402 -6.66 26.64 0.50
N VAL A 403 -5.81 27.33 1.25
CA VAL A 403 -4.37 27.39 0.96
C VAL A 403 -3.71 26.02 1.10
N CYS A 404 -3.97 25.31 2.20
CA CYS A 404 -3.40 23.98 2.45
C CYS A 404 -3.84 22.93 1.43
N SER A 405 -5.10 23.00 1.00
CA SER A 405 -5.62 22.09 -0.03
C SER A 405 -4.93 22.26 -1.37
N LYS A 406 -4.49 23.50 -1.67
CA LYS A 406 -3.77 23.82 -2.91
C LYS A 406 -2.45 23.06 -2.96
N TYR A 407 -1.70 23.08 -1.86
CA TYR A 407 -0.33 22.55 -1.86
C TYR A 407 -0.19 21.12 -1.37
N PHE A 408 -1.02 20.75 -0.39
CA PHE A 408 -0.96 19.41 0.24
C PHE A 408 -1.87 18.37 -0.42
N TYR A 409 -3.15 18.69 -0.57
CA TYR A 409 -4.17 17.69 -0.91
C TYR A 409 -4.03 17.09 -2.31
N ASP A 410 -3.95 15.75 -2.35
CA ASP A 410 -3.79 14.94 -3.57
C ASP A 410 -2.57 15.32 -4.44
N GLN A 411 -1.43 15.52 -3.79
CA GLN A 411 -0.17 15.90 -4.48
C GLN A 411 0.99 14.95 -4.18
N CYS A 412 1.86 14.75 -5.17
CA CYS A 412 3.01 13.84 -5.05
C CYS A 412 4.16 14.46 -4.24
N PRO A 413 4.56 13.81 -3.14
CA PRO A 413 5.67 14.37 -2.37
C PRO A 413 7.05 13.85 -2.79
N ALA A 414 8.09 14.53 -2.30
CA ALA A 414 9.46 14.03 -2.34
C ALA A 414 9.83 13.47 -0.97
N VAL A 415 10.33 12.24 -0.96
CA VAL A 415 10.68 11.52 0.28
C VAL A 415 12.18 11.22 0.31
N ALA A 416 12.83 11.55 1.44
CA ALA A 416 14.20 11.11 1.71
C ALA A 416 14.30 10.43 3.09
N GLY A 417 14.88 9.23 3.08
CA GLY A 417 15.12 8.43 4.29
C GLY A 417 16.55 7.95 4.43
N PHE A 418 17.05 7.93 5.66
CA PHE A 418 18.42 7.53 5.93
C PHE A 418 18.50 6.81 7.30
N GLY A 419 19.22 5.69 7.33
CA GLY A 419 19.42 4.90 8.56
C GLY A 419 18.70 3.56 8.53
N PRO A 420 18.24 3.06 9.71
CA PRO A 420 17.51 1.79 9.81
C PRO A 420 16.05 1.94 9.36
N ILE A 421 15.86 2.03 8.05
CA ILE A 421 14.61 2.48 7.47
C ILE A 421 13.74 1.38 6.85
N GLU A 422 13.86 0.15 7.38
CA GLU A 422 13.08 -1.00 6.86
C GLU A 422 11.57 -0.74 6.93
N GLN A 423 11.13 -0.06 7.97
CA GLN A 423 9.70 0.20 8.17
C GLN A 423 9.12 1.34 7.34
N LEU A 424 9.95 2.32 6.97
CA LEU A 424 9.54 3.49 6.18
C LEU A 424 8.55 3.10 5.07
N PRO A 425 7.29 3.60 5.13
CA PRO A 425 6.25 3.22 4.16
C PRO A 425 6.65 3.33 2.68
N ASP A 426 6.14 2.38 1.89
CA ASP A 426 6.27 2.34 0.43
C ASP A 426 5.69 3.63 -0.17
N TYR A 427 6.28 4.10 -1.27
CA TYR A 427 5.83 5.37 -1.90
C TYR A 427 4.33 5.41 -2.21
N ASN A 428 3.81 4.30 -2.74
CA ASN A 428 2.37 4.19 -3.04
C ASN A 428 1.51 4.44 -1.79
N ARG A 429 1.94 3.89 -0.66
CA ARG A 429 1.22 4.06 0.59
C ARG A 429 1.31 5.48 1.14
N ILE A 430 2.47 6.11 0.95
CA ILE A 430 2.69 7.52 1.28
C ILE A 430 1.80 8.41 0.41
N ARG A 431 1.74 8.10 -0.89
CA ARG A 431 0.98 8.90 -1.85
C ARG A 431 -0.53 8.78 -1.63
N SER A 432 -0.98 7.59 -1.24
CA SER A 432 -2.39 7.37 -0.91
C SER A 432 -2.77 8.09 0.39
N GLY A 433 -1.76 8.36 1.22
CA GLY A 433 -1.90 9.11 2.48
C GLY A 433 -2.06 10.60 2.32
N MET A 434 -2.05 11.07 1.06
CA MET A 434 -2.22 12.49 0.69
C MET A 434 -3.67 12.89 0.35
N PHE A 435 -4.60 11.95 0.53
CA PHE A 435 -6.05 12.22 0.39
C PHE A 435 -6.93 11.40 1.34
N TRP A 436 -8.13 11.91 1.60
CA TRP A 436 -9.16 11.23 2.36
C TRP A 436 -10.33 10.78 1.48
N LEU A 437 -10.98 9.67 1.84
CA LEU A 437 -12.16 9.18 1.11
C LEU A 437 -13.47 9.68 1.76
N ARG A 438 -13.57 11.02 1.90
CA ARG A 438 -14.68 11.70 2.58
C ARG A 438 -14.68 13.19 2.26
N GLN B 1 14.46 56.21 26.29
CA GLN B 1 14.09 55.79 27.68
C GLN B 1 15.24 55.09 28.40
N ASP B 2 15.35 55.30 29.71
CA ASP B 2 16.33 54.59 30.56
C ASP B 2 15.66 53.84 31.72
N LEU B 3 16.40 52.90 32.30
CA LEU B 3 15.90 51.94 33.29
C LEU B 3 15.38 52.59 34.57
N GLU B 4 14.33 51.99 35.14
CA GLU B 4 13.84 52.35 36.48
C GLU B 4 14.20 51.27 37.48
N PHE B 5 14.34 51.65 38.76
CA PHE B 5 14.81 50.74 39.81
C PHE B 5 14.14 51.00 41.17
N THR B 6 13.84 49.91 41.89
CA THR B 6 13.14 49.97 43.18
C THR B 6 13.49 48.75 44.05
N ARG B 7 13.90 48.99 45.29
CA ARG B 7 14.10 47.94 46.28
C ARG B 7 13.13 48.12 47.45
N LEU B 8 12.20 47.16 47.60
CA LEU B 8 11.18 47.17 48.65
C LEU B 8 11.79 46.94 50.06
N PRO B 9 11.10 47.37 51.15
CA PRO B 9 11.64 47.19 52.51
C PRO B 9 11.86 45.73 52.89
N ASN B 10 11.15 44.80 52.24
CA ASN B 10 11.30 43.37 52.48
C ASN B 10 12.47 42.71 51.72
N GLY B 11 13.26 43.52 51.02
CA GLY B 11 14.49 43.06 50.34
C GLY B 11 14.42 42.94 48.81
N LEU B 12 13.20 42.80 48.29
CA LEU B 12 12.96 42.50 46.87
C LEU B 12 13.27 43.67 45.93
N VAL B 13 13.95 43.37 44.83
CA VAL B 13 14.32 44.35 43.79
C VAL B 13 13.38 44.27 42.58
N ILE B 14 12.97 45.43 42.08
CA ILE B 14 12.18 45.57 40.87
C ILE B 14 12.91 46.52 39.93
N ALA B 15 13.29 46.03 38.75
CA ALA B 15 13.88 46.87 37.72
C ALA B 15 13.12 46.74 36.41
N SER B 16 12.79 47.87 35.77
CA SER B 16 12.03 47.84 34.51
C SER B 16 12.22 49.04 33.58
N LEU B 17 12.56 48.73 32.33
CA LEU B 17 12.66 49.71 31.27
C LEU B 17 11.42 49.60 30.37
N GLU B 18 10.63 50.68 30.33
CA GLU B 18 9.53 50.79 29.37
C GLU B 18 10.06 51.32 28.02
N ASN B 19 10.13 50.45 27.02
CA ASN B 19 10.71 50.80 25.72
C ASN B 19 9.72 50.82 24.54
N TYR B 20 8.45 50.51 24.83
CA TYR B 20 7.36 50.48 23.83
C TYR B 20 7.57 49.53 22.64
N ALA B 21 8.25 48.42 22.89
CA ALA B 21 8.41 47.34 21.89
C ALA B 21 7.10 46.55 21.75
N PRO B 22 6.92 45.79 20.63
CA PRO B 22 5.69 45.01 20.55
C PRO B 22 5.68 43.82 21.51
N ALA B 23 6.86 43.29 21.82
CA ALA B 23 7.02 42.11 22.70
C ALA B 23 7.50 42.49 24.11
N SER B 24 7.11 41.69 25.11
CA SER B 24 7.47 41.95 26.52
C SER B 24 8.13 40.75 27.24
N ARG B 25 9.36 40.96 27.72
CA ARG B 25 10.11 39.95 28.47
C ARG B 25 10.03 40.29 29.96
N ILE B 26 9.64 39.31 30.78
CA ILE B 26 9.62 39.43 32.26
C ILE B 26 10.42 38.28 32.90
N GLY B 27 11.30 38.61 33.83
CA GLY B 27 12.15 37.60 34.48
C GLY B 27 12.23 37.70 36.00
N LEU B 28 11.95 36.59 36.68
CA LEU B 28 12.12 36.50 38.14
C LEU B 28 13.38 35.71 38.50
N PHE B 29 14.35 36.44 39.04
CA PHE B 29 15.67 35.91 39.42
C PHE B 29 15.70 35.60 40.92
N ILE B 30 16.19 34.41 41.25
CA ILE B 30 16.19 33.89 42.62
C ILE B 30 17.57 33.33 42.95
N LYS B 31 18.07 33.64 44.15
CA LYS B 31 19.27 32.99 44.71
C LYS B 31 18.90 31.56 45.12
N ALA B 32 18.88 30.65 44.13
CA ALA B 32 18.47 29.27 44.35
C ALA B 32 19.16 28.29 43.40
N GLY B 33 20.44 28.57 43.13
CA GLY B 33 21.28 27.73 42.28
C GLY B 33 21.74 26.46 42.96
N SER B 34 22.52 25.66 42.21
CA SER B 34 22.96 24.33 42.64
C SER B 34 23.80 24.33 43.92
N ARG B 35 24.47 25.46 44.19
CA ARG B 35 25.31 25.63 45.39
C ARG B 35 24.55 25.48 46.70
N TYR B 36 23.24 25.76 46.69
CA TYR B 36 22.41 25.70 47.89
C TYR B 36 21.80 24.31 48.16
N GLU B 37 22.26 23.31 47.42
CA GLU B 37 22.00 21.92 47.76
C GLU B 37 23.04 21.46 48.76
N ASN B 38 22.67 20.52 49.62
CA ASN B 38 23.63 19.83 50.48
C ASN B 38 23.72 18.36 50.05
N SER B 39 24.53 17.57 50.75
CA SER B 39 24.78 16.20 50.35
C SER B 39 23.60 15.24 50.54
N ASN B 40 22.53 15.73 51.19
CA ASN B 40 21.28 14.97 51.36
C ASN B 40 20.27 15.13 50.23
N ASN B 41 20.24 16.31 49.62
CA ASN B 41 19.23 16.62 48.60
C ASN B 41 19.83 16.94 47.23
N LEU B 42 20.96 16.31 46.91
CA LEU B 42 21.66 16.54 45.64
C LEU B 42 20.78 16.28 44.43
N GLY B 43 20.81 17.22 43.49
CA GLY B 43 20.02 17.17 42.27
C GLY B 43 18.59 17.66 42.40
N THR B 44 18.22 18.20 43.56
CA THR B 44 16.86 18.72 43.79
C THR B 44 16.54 19.89 42.85
N SER B 45 17.46 20.85 42.74
CA SER B 45 17.28 22.03 41.89
C SER B 45 17.24 21.67 40.39
N HIS B 46 17.82 20.54 40.03
CA HIS B 46 17.71 20.02 38.66
C HIS B 46 16.28 19.57 38.35
N LEU B 47 15.67 18.79 39.26
CA LEU B 47 14.26 18.39 39.08
C LEU B 47 13.33 19.60 39.12
N LEU B 48 13.60 20.52 40.05
CA LEU B 48 12.86 21.79 40.19
C LEU B 48 12.84 22.62 38.90
N ARG B 49 13.96 22.59 38.17
CA ARG B 49 14.12 23.23 36.86
C ARG B 49 13.21 22.59 35.79
N LEU B 50 13.05 21.27 35.86
CA LEU B 50 12.17 20.54 34.95
C LEU B 50 10.68 20.63 35.33
N ALA B 51 10.41 21.11 36.55
CA ALA B 51 9.10 20.98 37.19
C ALA B 51 8.07 22.12 37.04
N SER B 52 8.43 23.21 36.35
CA SER B 52 7.48 24.26 35.96
C SER B 52 6.54 23.63 34.96
N SER B 53 5.27 24.01 35.00
CA SER B 53 4.18 23.38 34.21
C SER B 53 3.57 22.10 34.83
N LEU B 54 4.08 21.66 35.98
CA LEU B 54 3.31 20.79 36.86
C LEU B 54 2.21 21.64 37.51
N THR B 55 1.15 20.99 38.03
CA THR B 55 -0.01 21.67 38.64
C THR B 55 0.38 22.67 39.74
N THR B 56 -0.19 23.88 39.66
CA THR B 56 -0.10 24.90 40.73
C THR B 56 -1.46 25.06 41.43
N LYS B 57 -1.53 25.93 42.42
CA LYS B 57 -2.78 26.19 43.15
C LYS B 57 -3.81 26.92 42.29
N GLY B 58 -3.37 27.97 41.60
CA GLY B 58 -4.25 28.78 40.76
C GLY B 58 -4.40 28.31 39.32
N ALA B 59 -3.54 27.38 38.88
CA ALA B 59 -3.62 26.83 37.52
C ALA B 59 -3.19 25.37 37.43
N SER B 60 -3.95 24.60 36.64
CA SER B 60 -3.65 23.17 36.42
C SER B 60 -2.44 22.98 35.51
N SER B 61 -1.90 21.77 35.50
CA SER B 61 -0.79 21.38 34.61
C SER B 61 -1.16 21.59 33.14
N PHE B 62 -2.42 21.26 32.82
CA PHE B 62 -3.01 21.42 31.50
C PHE B 62 -3.17 22.89 31.10
N LYS B 63 -3.69 23.73 32.01
CA LYS B 63 -3.97 25.15 31.77
C LYS B 63 -2.69 25.98 31.58
N ILE B 64 -1.62 25.60 32.28
CA ILE B 64 -0.32 26.26 32.12
C ILE B 64 0.20 26.08 30.68
N THR B 65 0.14 24.85 30.17
CA THR B 65 0.59 24.58 28.79
C THR B 65 -0.33 25.21 27.74
N ARG B 66 -1.63 24.94 27.85
CA ARG B 66 -2.60 25.39 26.87
C ARG B 66 -2.81 26.90 26.82
N GLY B 67 -2.90 27.53 28.00
CA GLY B 67 -3.08 28.99 28.11
C GLY B 67 -1.94 29.82 27.55
N ILE B 68 -0.70 29.38 27.81
CA ILE B 68 0.53 30.04 27.30
C ILE B 68 0.65 29.85 25.79
N GLU B 69 0.45 28.61 25.34
CA GLU B 69 0.54 28.28 23.92
C GLU B 69 -0.53 29.01 23.09
N ALA B 70 -1.71 29.19 23.68
CA ALA B 70 -2.83 29.91 23.06
C ALA B 70 -2.45 31.30 22.54
N VAL B 71 -1.62 32.00 23.32
CA VAL B 71 -1.20 33.36 23.01
C VAL B 71 0.22 33.42 22.39
N GLY B 72 0.73 32.27 21.96
CA GLY B 72 2.01 32.17 21.26
C GLY B 72 3.24 32.42 22.13
N GLY B 73 3.08 32.25 23.43
CA GLY B 73 4.12 32.59 24.42
C GLY B 73 5.18 31.54 24.68
N LYS B 74 6.02 31.79 25.68
CA LYS B 74 7.12 30.92 26.08
C LYS B 74 7.40 31.07 27.57
N LEU B 75 7.71 29.95 28.22
CA LEU B 75 8.17 29.94 29.63
C LEU B 75 9.40 29.07 29.79
N SER B 76 10.50 29.69 30.23
CA SER B 76 11.81 29.04 30.35
C SER B 76 12.38 29.15 31.77
N VAL B 77 13.15 28.14 32.18
CA VAL B 77 13.81 28.11 33.49
C VAL B 77 15.30 27.88 33.29
N THR B 78 16.11 28.78 33.86
CA THR B 78 17.57 28.77 33.71
C THR B 78 18.32 28.75 35.04
N SER B 79 19.25 27.79 35.17
CA SER B 79 20.04 27.62 36.38
C SER B 79 21.53 27.82 36.13
N THR B 80 22.16 28.58 37.02
CA THR B 80 23.63 28.60 37.17
C THR B 80 23.95 27.89 38.49
N ARG B 81 25.22 27.89 38.89
CA ARG B 81 25.59 27.42 40.21
C ARG B 81 25.00 28.27 41.34
N GLU B 82 24.79 29.56 41.08
CA GLU B 82 24.35 30.48 42.14
C GLU B 82 22.89 30.97 42.05
N ASN B 83 22.35 31.08 40.83
CA ASN B 83 20.98 31.58 40.64
C ASN B 83 20.08 30.65 39.84
N MET B 84 18.77 30.88 39.99
CA MET B 84 17.74 30.33 39.11
C MET B 84 16.95 31.48 38.51
N ALA B 85 16.57 31.35 37.23
CA ALA B 85 15.86 32.41 36.51
C ALA B 85 14.63 31.91 35.73
N TYR B 86 13.46 32.40 36.13
CA TYR B 86 12.18 32.04 35.50
C TYR B 86 11.74 33.19 34.56
N THR B 87 11.62 32.90 33.26
CA THR B 87 11.44 33.92 32.20
C THR B 87 10.19 33.69 31.32
N VAL B 88 9.42 34.75 31.09
CA VAL B 88 8.25 34.70 30.19
C VAL B 88 8.33 35.72 29.05
N GLU B 89 7.91 35.29 27.85
CA GLU B 89 7.82 36.13 26.65
C GLU B 89 6.40 36.09 26.10
N CYS B 90 5.97 37.19 25.46
CA CYS B 90 4.71 37.27 24.68
C CYS B 90 4.59 38.62 23.98
N LEU B 91 3.52 38.80 23.20
CA LEU B 91 3.16 40.13 22.72
C LEU B 91 2.57 40.95 23.88
N ARG B 92 2.77 42.28 23.83
CA ARG B 92 2.51 43.18 24.96
C ARG B 92 1.09 43.17 25.58
N ASP B 93 0.08 42.73 24.81
CA ASP B 93 -1.32 42.72 25.29
C ASP B 93 -1.65 41.54 26.22
N ASP B 94 -0.74 40.55 26.26
CA ASP B 94 -0.95 39.31 27.03
C ASP B 94 -0.01 39.16 28.23
N VAL B 95 0.60 40.26 28.66
CA VAL B 95 1.62 40.25 29.73
C VAL B 95 1.08 39.77 31.07
N ASP B 96 -0.12 40.23 31.42
CA ASP B 96 -0.75 39.90 32.69
C ASP B 96 -1.37 38.49 32.73
N ILE B 97 -1.55 37.86 31.57
CA ILE B 97 -1.90 36.43 31.51
C ILE B 97 -0.64 35.58 31.83
N LEU B 98 0.48 35.90 31.17
CA LEU B 98 1.77 35.24 31.45
C LEU B 98 2.31 35.52 32.85
N MET B 99 2.04 36.73 33.35
CA MET B 99 2.40 37.13 34.72
C MET B 99 1.68 36.25 35.74
N GLU B 100 0.38 36.04 35.52
CA GLU B 100 -0.43 35.18 36.39
C GLU B 100 0.15 33.76 36.47
N PHE B 101 0.53 33.22 35.31
CA PHE B 101 1.16 31.90 35.24
C PHE B 101 2.53 31.86 35.92
N LEU B 102 3.34 32.90 35.73
CA LEU B 102 4.68 32.99 36.35
C LEU B 102 4.62 32.99 37.88
N LEU B 103 3.69 33.76 38.45
CA LEU B 103 3.50 33.87 39.90
C LEU B 103 3.06 32.53 40.50
N ASN B 104 2.13 31.86 39.82
CA ASN B 104 1.67 30.53 40.19
C ASN B 104 2.79 29.49 40.21
N VAL B 105 3.62 29.47 39.16
CA VAL B 105 4.74 28.54 38.99
C VAL B 105 5.78 28.71 40.12
N THR B 106 6.08 29.96 40.46
CA THR B 106 7.13 30.27 41.43
C THR B 106 6.67 30.38 42.88
N THR B 107 5.49 30.94 43.13
CA THR B 107 5.04 31.14 44.52
C THR B 107 4.13 30.05 45.09
N ALA B 108 3.42 29.30 44.23
CA ALA B 108 2.50 28.26 44.73
C ALA B 108 2.44 26.91 43.94
N PRO B 109 3.60 26.24 43.74
CA PRO B 109 3.55 24.92 43.07
C PRO B 109 3.13 23.82 44.03
N GLU B 110 2.33 22.87 43.55
CA GLU B 110 1.76 21.83 44.41
C GLU B 110 2.65 20.62 44.64
N PHE B 111 3.49 20.30 43.64
CA PHE B 111 4.37 19.12 43.61
C PHE B 111 3.64 17.83 44.05
N ARG B 112 2.61 17.46 43.30
CA ARG B 112 1.78 16.29 43.60
C ARG B 112 2.59 15.00 43.47
N ARG B 113 2.39 14.07 44.40
CA ARG B 113 3.15 12.80 44.45
C ARG B 113 3.21 12.06 43.11
N TRP B 114 2.06 11.90 42.46
CA TRP B 114 1.99 11.19 41.18
C TRP B 114 2.64 11.94 40.02
N GLU B 115 2.49 13.26 39.99
CA GLU B 115 3.09 14.13 38.98
C GLU B 115 4.62 14.18 39.10
N VAL B 116 5.10 14.29 40.33
CA VAL B 116 6.53 14.37 40.65
C VAL B 116 7.23 13.05 40.31
N ALA B 117 6.57 11.93 40.63
CA ALA B 117 7.09 10.59 40.34
C ALA B 117 7.13 10.29 38.84
N ALA B 118 6.10 10.74 38.12
CA ALA B 118 6.02 10.61 36.69
C ALA B 118 7.14 11.38 35.97
N LEU B 119 7.59 12.48 36.59
CA LEU B 119 8.63 13.34 36.00
C LEU B 119 10.06 12.81 36.19
N GLN B 120 10.24 11.84 37.10
CA GLN B 120 11.58 11.29 37.45
C GLN B 120 12.41 10.83 36.23
N PRO B 121 11.81 10.11 35.23
CA PRO B 121 12.64 9.68 34.08
C PRO B 121 13.23 10.82 33.25
N GLN B 122 12.58 11.98 33.26
CA GLN B 122 13.04 13.17 32.54
C GLN B 122 14.41 13.65 33.02
N LEU B 123 14.77 13.34 34.27
CA LEU B 123 16.10 13.64 34.81
C LEU B 123 17.18 12.91 34.02
N ARG B 124 16.92 11.66 33.68
CA ARG B 124 17.90 10.88 32.92
C ARG B 124 18.02 11.34 31.47
N ILE B 125 16.88 11.65 30.82
CA ILE B 125 16.84 12.16 29.43
C ILE B 125 17.61 13.48 29.32
N ASP B 126 17.27 14.44 30.19
CA ASP B 126 17.90 15.75 30.21
C ASP B 126 19.41 15.70 30.46
N LYS B 127 19.83 14.90 31.44
CA LYS B 127 21.24 14.67 31.75
C LYS B 127 22.00 14.06 30.58
N ALA B 128 21.48 12.94 30.06
CA ALA B 128 22.08 12.20 28.94
C ALA B 128 22.40 13.10 27.74
N VAL B 129 21.43 13.95 27.38
CA VAL B 129 21.57 14.88 26.24
C VAL B 129 22.69 15.88 26.54
N ALA B 130 22.62 16.53 27.70
CA ALA B 130 23.59 17.53 28.11
C ALA B 130 25.03 16.99 28.13
N LEU B 131 25.20 15.77 28.63
CA LEU B 131 26.50 15.10 28.71
C LEU B 131 27.01 14.52 27.39
N GLN B 132 26.32 14.82 26.29
CA GLN B 132 26.87 14.59 24.97
C GLN B 132 27.98 15.60 24.66
N ASN B 133 27.87 16.82 25.21
CA ASN B 133 28.94 17.82 25.14
C ASN B 133 30.07 17.43 26.09
N PRO B 134 31.29 17.23 25.56
CA PRO B 134 32.40 16.85 26.44
C PRO B 134 32.85 18.00 27.36
N GLN B 135 32.49 19.24 27.00
CA GLN B 135 32.71 20.40 27.85
C GLN B 135 31.93 20.29 29.16
N ALA B 136 30.74 19.70 29.10
CA ALA B 136 29.93 19.46 30.30
C ALA B 136 30.59 18.47 31.28
N HIS B 137 31.18 17.39 30.76
CA HIS B 137 31.96 16.42 31.56
C HIS B 137 33.05 17.13 32.36
N VAL B 138 33.91 17.83 31.62
CA VAL B 138 35.12 18.45 32.14
C VAL B 138 34.83 19.61 33.12
N ILE B 139 33.91 20.50 32.76
CA ILE B 139 33.56 21.66 33.61
C ILE B 139 32.89 21.25 34.92
N GLU B 140 32.01 20.24 34.85
CA GLU B 140 31.34 19.73 36.06
C GLU B 140 32.33 19.02 36.99
N ASN B 141 33.27 18.28 36.39
CA ASN B 141 34.35 17.67 37.12
C ASN B 141 35.32 18.69 37.71
N LEU B 142 35.65 19.71 36.93
CA LEU B 142 36.56 20.77 37.35
C LEU B 142 36.11 21.38 38.67
N HIS B 143 34.86 21.84 38.71
CA HIS B 143 34.26 22.41 39.92
C HIS B 143 34.28 21.43 41.10
N ALA B 144 33.89 20.18 40.84
CA ALA B 144 33.93 19.11 41.85
C ALA B 144 35.32 18.88 42.44
N ALA B 145 36.35 18.99 41.59
CA ALA B 145 37.75 18.91 41.99
C ALA B 145 38.21 20.13 42.81
N ALA B 146 37.84 21.32 42.35
CA ALA B 146 38.28 22.60 42.92
C ALA B 146 37.66 22.99 44.26
N TYR B 147 36.47 22.47 44.56
CA TYR B 147 35.73 22.87 45.77
C TYR B 147 35.42 21.72 46.74
N ARG B 148 35.19 22.09 48.00
CA ARG B 148 34.84 21.16 49.06
C ARG B 148 33.34 20.99 49.17
N ASN B 149 32.58 22.06 48.93
CA ASN B 149 31.13 22.04 49.22
C ASN B 149 30.15 22.70 48.22
N ALA B 150 30.07 24.03 48.19
CA ALA B 150 28.94 24.71 47.54
C ALA B 150 29.03 24.70 46.02
N LEU B 151 30.13 25.25 45.50
CA LEU B 151 30.32 25.37 44.06
C LEU B 151 30.74 24.05 43.40
N ALA B 152 31.13 23.07 44.24
CA ALA B 152 31.45 21.70 43.82
C ALA B 152 30.23 20.99 43.27
N ASN B 153 29.05 21.41 43.69
CA ASN B 153 27.78 20.86 43.23
C ASN B 153 27.60 20.98 41.72
N SER B 154 27.10 19.89 41.14
CA SER B 154 26.82 19.81 39.72
C SER B 154 25.42 20.37 39.41
N LEU B 155 25.26 20.90 38.19
CA LEU B 155 23.96 21.39 37.73
C LEU B 155 22.99 20.26 37.36
N TYR B 156 23.56 19.10 37.03
CA TYR B 156 22.78 17.91 36.71
C TYR B 156 22.83 16.89 37.86
N CYS B 157 21.64 16.36 38.16
CA CYS B 157 21.40 15.42 39.24
C CYS B 157 22.28 14.16 39.12
N PRO B 158 22.92 13.74 40.23
CA PRO B 158 23.70 12.50 40.27
C PRO B 158 22.85 11.25 40.01
N ASP B 159 23.46 10.27 39.35
CA ASP B 159 22.78 9.03 38.94
C ASP B 159 21.98 8.34 40.05
N TYR B 160 22.61 8.21 41.21
CA TYR B 160 21.99 7.56 42.37
C TYR B 160 20.72 8.23 42.87
N ARG B 161 20.57 9.52 42.60
CA ARG B 161 19.39 10.28 43.03
C ARG B 161 18.22 10.29 42.03
N ILE B 162 18.47 9.87 40.79
CA ILE B 162 17.41 9.84 39.74
C ILE B 162 16.36 8.80 40.13
N GLY B 163 15.12 9.28 40.27
CA GLY B 163 14.00 8.46 40.72
C GLY B 163 13.72 8.61 42.21
N LYS B 164 14.52 9.44 42.89
CA LYS B 164 14.52 9.50 44.35
C LYS B 164 14.42 10.91 44.96
N VAL B 165 14.29 11.93 44.12
CA VAL B 165 14.03 13.28 44.58
C VAL B 165 12.55 13.38 44.96
N THR B 166 12.27 13.55 46.26
CA THR B 166 10.89 13.47 46.83
C THR B 166 10.07 14.76 46.67
N PRO B 167 8.70 14.67 46.75
CA PRO B 167 7.86 15.88 46.81
C PRO B 167 8.20 16.83 47.96
N VAL B 168 8.48 16.27 49.15
CA VAL B 168 8.87 17.06 50.33
C VAL B 168 10.14 17.89 50.07
N GLU B 169 11.13 17.27 49.45
CA GLU B 169 12.39 17.93 49.08
C GLU B 169 12.19 19.12 48.17
N LEU B 170 11.25 19.00 47.23
CA LEU B 170 10.92 20.08 46.30
C LEU B 170 10.21 21.23 47.01
N HIS B 171 9.26 20.91 47.89
CA HIS B 171 8.59 21.90 48.73
C HIS B 171 9.58 22.66 49.62
N ASP B 172 10.43 21.89 50.31
CA ASP B 172 11.50 22.43 51.16
C ASP B 172 12.38 23.44 50.42
N TYR B 173 12.84 23.07 49.23
CA TYR B 173 13.74 23.91 48.43
C TYR B 173 13.10 25.25 48.04
N VAL B 174 11.81 25.22 47.68
CA VAL B 174 11.08 26.44 47.28
C VAL B 174 10.83 27.33 48.49
N GLN B 175 10.32 26.74 49.57
CA GLN B 175 9.97 27.45 50.81
C GLN B 175 11.20 28.09 51.49
N ASN B 176 12.36 27.45 51.34
CA ASN B 176 13.61 27.92 51.93
C ASN B 176 14.42 28.89 51.06
N HIS B 177 14.20 28.90 49.75
CA HIS B 177 15.00 29.72 48.85
C HIS B 177 14.25 30.79 48.06
N PHE B 178 13.00 30.50 47.68
CA PHE B 178 12.18 31.42 46.86
C PHE B 178 11.50 32.43 47.80
N THR B 179 12.26 33.44 48.25
CA THR B 179 11.78 34.45 49.24
C THR B 179 12.12 35.90 48.83
N SER B 180 11.36 36.86 49.36
CA SER B 180 11.48 38.29 48.99
C SER B 180 12.91 38.83 49.09
N ALA B 181 13.62 38.45 50.14
CA ALA B 181 15.00 38.87 50.38
C ALA B 181 16.02 38.27 49.40
N ARG B 182 15.58 37.29 48.60
CA ARG B 182 16.45 36.56 47.66
C ARG B 182 16.02 36.71 46.19
N MET B 183 15.05 37.59 45.94
CA MET B 183 14.40 37.71 44.63
C MET B 183 14.48 39.09 43.98
N ALA B 184 14.69 39.10 42.66
CA ALA B 184 14.64 40.31 41.84
C ALA B 184 13.77 40.11 40.58
N LEU B 185 12.75 40.96 40.43
CA LEU B 185 11.79 40.88 39.32
C LEU B 185 12.07 41.95 38.24
N ILE B 186 12.55 41.49 37.08
CA ILE B 186 13.00 42.37 35.99
C ILE B 186 11.98 42.37 34.83
N GLY B 187 11.83 43.51 34.14
CA GLY B 187 10.88 43.63 33.03
C GLY B 187 11.23 44.59 31.90
N LEU B 188 10.85 44.22 30.68
CA LEU B 188 10.91 45.09 29.50
C LEU B 188 9.53 45.19 28.88
N GLY B 189 9.22 46.35 28.29
CA GLY B 189 7.93 46.59 27.63
C GLY B 189 6.73 46.51 28.57
N VAL B 190 6.93 47.06 29.77
CA VAL B 190 5.93 47.09 30.85
C VAL B 190 6.24 48.29 31.77
N SER B 191 5.20 48.93 32.30
CA SER B 191 5.38 50.10 33.19
C SER B 191 5.85 49.68 34.58
N HIS B 192 6.71 50.51 35.16
CA HIS B 192 7.28 50.26 36.49
C HIS B 192 6.25 50.27 37.63
N PRO B 193 5.30 51.25 37.65
CA PRO B 193 4.31 51.26 38.73
C PRO B 193 3.45 49.99 38.84
N VAL B 194 3.07 49.38 37.71
CA VAL B 194 2.24 48.17 37.74
C VAL B 194 3.02 46.90 38.12
N LEU B 195 4.32 46.87 37.82
CA LEU B 195 5.21 45.80 38.29
C LEU B 195 5.41 45.84 39.81
N LYS B 196 5.64 47.05 40.33
CA LYS B 196 5.76 47.31 41.76
C LYS B 196 4.56 46.76 42.55
N GLN B 197 3.35 47.05 42.05
CA GLN B 197 2.10 46.65 42.70
C GLN B 197 1.88 45.14 42.70
N VAL B 198 2.35 44.48 41.64
CA VAL B 198 2.34 43.00 41.54
C VAL B 198 3.29 42.41 42.59
N ALA B 199 4.49 43.01 42.71
CA ALA B 199 5.51 42.55 43.64
C ALA B 199 5.14 42.74 45.11
N GLU B 200 4.38 43.80 45.38
CA GLU B 200 3.89 44.10 46.73
C GLU B 200 2.75 43.17 47.16
N GLN B 201 1.93 42.75 46.19
CA GLN B 201 0.71 41.96 46.45
C GLN B 201 0.86 40.45 46.30
N PHE B 202 1.76 40.02 45.41
CA PHE B 202 1.90 38.60 45.09
C PHE B 202 3.30 38.02 45.26
N LEU B 203 4.25 38.86 45.69
CA LEU B 203 5.64 38.45 45.84
C LEU B 203 6.22 38.86 47.20
N ASN B 204 5.37 39.37 48.08
CA ASN B 204 5.71 39.61 49.49
C ASN B 204 5.71 38.24 50.20
N ILE B 205 6.89 37.61 50.24
CA ILE B 205 7.07 36.25 50.81
C ILE B 205 8.14 36.20 51.92
N ARG B 206 7.73 35.74 53.11
CA ARG B 206 8.58 35.67 54.31
C ARG B 206 9.79 34.74 54.10
N GLY B 207 10.90 35.11 54.72
CA GLY B 207 12.24 34.57 54.41
C GLY B 207 12.56 33.15 54.83
N GLY B 208 13.76 32.72 54.45
CA GLY B 208 14.26 31.37 54.77
C GLY B 208 15.73 31.24 54.44
N ALA B 209 26.78 28.58 54.01
CA ALA B 209 28.21 28.69 54.26
C ALA B 209 28.96 29.16 53.02
N LYS B 210 30.17 29.70 53.25
CA LYS B 210 31.07 30.12 52.17
C LYS B 210 31.71 28.92 51.45
N ALA B 211 32.00 29.12 50.16
CA ALA B 211 32.61 28.09 49.33
C ALA B 211 34.09 27.94 49.68
N LYS B 212 34.48 26.72 50.03
CA LYS B 212 35.86 26.42 50.41
C LYS B 212 36.63 25.75 49.27
N TYR B 213 37.56 26.50 48.65
CA TYR B 213 38.49 25.96 47.63
C TYR B 213 39.34 24.85 48.22
N HIS B 214 39.59 23.83 47.41
CA HIS B 214 40.29 22.63 47.85
C HIS B 214 41.54 22.40 46.99
N GLY B 215 41.34 22.28 45.67
CA GLY B 215 42.39 21.87 44.75
C GLY B 215 42.46 20.36 44.67
N GLY B 216 42.03 19.82 43.53
CA GLY B 216 42.07 18.37 43.28
C GLY B 216 42.22 18.09 41.80
N GLU B 217 42.10 16.82 41.42
CA GLU B 217 42.04 16.40 40.01
C GLU B 217 41.12 15.21 39.79
N ILE B 218 40.36 15.24 38.70
CA ILE B 218 39.43 14.15 38.32
C ILE B 218 39.70 13.71 36.87
N ARG B 219 39.86 12.41 36.66
CA ARG B 219 40.34 11.87 35.37
C ARG B 219 39.42 10.82 34.71
N GLU B 220 38.65 11.24 33.71
CA GLU B 220 37.76 10.33 32.97
C GLU B 220 38.49 9.60 31.83
N GLN B 221 38.83 8.34 32.05
CA GLN B 221 39.42 7.50 31.00
C GLN B 221 38.29 6.92 30.12
N ASN B 222 38.33 7.19 28.81
CA ASN B 222 37.27 6.72 27.93
C ASN B 222 37.67 6.32 26.50
N GLY B 223 38.95 6.42 26.16
CA GLY B 223 39.42 5.99 24.84
C GLY B 223 39.02 6.74 23.57
N ASP B 224 38.67 8.03 23.70
CA ASP B 224 38.54 8.93 22.52
C ASP B 224 39.91 9.22 21.94
N SER B 225 39.95 9.59 20.66
CA SER B 225 41.20 10.03 20.05
C SER B 225 41.53 11.50 20.36
N LEU B 226 40.56 12.24 20.92
CA LEU B 226 40.79 13.60 21.45
C LEU B 226 40.69 13.68 22.97
N VAL B 227 41.56 14.49 23.58
CA VAL B 227 41.57 14.69 25.04
C VAL B 227 41.19 16.15 25.38
N HIS B 228 40.02 16.29 26.00
CA HIS B 228 39.61 17.54 26.66
C HIS B 228 40.24 17.64 28.05
N ALA B 229 40.78 18.81 28.38
CA ALA B 229 41.47 19.06 29.65
C ALA B 229 41.39 20.52 30.07
N ALA B 230 41.16 20.76 31.36
CA ALA B 230 41.12 22.11 31.94
C ALA B 230 41.94 22.21 33.23
N LEU B 231 42.70 23.30 33.36
CA LEU B 231 43.58 23.55 34.52
C LEU B 231 43.40 24.97 35.04
N VAL B 232 42.95 25.08 36.30
CA VAL B 232 42.62 26.36 36.92
C VAL B 232 43.24 26.52 38.30
N ALA B 233 43.38 27.77 38.71
CA ALA B 233 43.74 28.13 40.08
C ALA B 233 42.70 29.12 40.60
N GLU B 234 42.69 29.33 41.93
CA GLU B 234 41.74 30.25 42.52
C GLU B 234 42.05 31.70 42.10
N SER B 235 41.03 32.36 41.55
CA SER B 235 41.09 33.77 41.17
C SER B 235 40.17 34.60 42.08
N ALA B 236 39.84 35.84 41.67
CA ALA B 236 39.04 36.74 42.51
C ALA B 236 37.51 36.60 42.37
N ALA B 237 36.81 37.11 43.39
CA ALA B 237 35.34 37.11 43.44
C ALA B 237 34.75 38.23 42.59
N ILE B 238 33.61 37.95 41.96
CA ILE B 238 32.89 38.92 41.14
C ILE B 238 32.40 40.11 42.00
N GLY B 239 32.62 41.32 41.50
CA GLY B 239 32.32 42.53 42.27
C GLY B 239 33.55 43.21 42.85
N SER B 240 34.62 42.45 43.07
CA SER B 240 35.92 43.02 43.47
C SER B 240 36.66 43.61 42.26
N ALA B 241 37.53 44.57 42.51
CA ALA B 241 38.30 45.23 41.45
C ALA B 241 39.28 44.28 40.75
N GLU B 242 39.81 43.32 41.51
CA GLU B 242 40.77 42.33 41.00
C GLU B 242 40.17 41.44 39.91
N ALA B 243 38.86 41.19 39.98
CA ALA B 243 38.15 40.36 39.00
C ALA B 243 38.30 40.91 37.59
N ASN B 244 38.26 42.24 37.47
CA ASN B 244 38.45 42.95 36.20
C ASN B 244 39.83 42.68 35.59
N ALA B 245 40.85 42.52 36.46
CA ALA B 245 42.21 42.19 36.03
C ALA B 245 42.31 40.82 35.36
N PHE B 246 41.62 39.83 35.94
CA PHE B 246 41.56 38.49 35.37
C PHE B 246 40.86 38.48 34.02
N SER B 247 39.78 39.25 33.91
CA SER B 247 39.01 39.40 32.65
C SER B 247 39.87 39.96 31.50
N VAL B 248 40.73 40.92 31.82
CA VAL B 248 41.69 41.48 30.86
C VAL B 248 42.77 40.44 30.50
N LEU B 249 43.29 39.74 31.50
CA LEU B 249 44.28 38.66 31.29
C LEU B 249 43.76 37.52 30.41
N GLN B 250 42.47 37.21 30.56
CA GLN B 250 41.79 36.21 29.73
C GLN B 250 41.87 36.59 28.25
N HIS B 251 41.64 37.87 27.96
CA HIS B 251 41.62 38.38 26.60
C HIS B 251 43.01 38.66 26.03
N VAL B 252 44.01 38.81 26.90
CA VAL B 252 45.43 38.85 26.50
C VAL B 252 45.84 37.47 25.98
N LEU B 253 45.47 36.43 26.73
CA LEU B 253 45.86 35.06 26.42
C LEU B 253 45.06 34.49 25.25
N GLY B 254 43.77 34.82 25.18
CA GLY B 254 42.91 34.39 24.09
C GLY B 254 41.66 33.69 24.60
N ALA B 255 40.51 34.29 24.30
CA ALA B 255 39.23 33.82 24.82
C ALA B 255 38.24 33.56 23.70
N GLY B 256 38.53 32.56 22.88
CA GLY B 256 37.65 32.20 21.76
C GLY B 256 37.91 32.99 20.49
N PRO B 257 37.36 32.51 19.35
CA PRO B 257 37.75 32.99 18.00
C PRO B 257 37.00 34.23 17.53
N HIS B 258 37.62 35.00 16.64
CA HIS B 258 37.04 36.26 16.15
C HIS B 258 36.69 36.26 14.66
N VAL B 259 37.46 35.51 13.87
CA VAL B 259 37.24 35.37 12.41
C VAL B 259 36.84 33.93 12.10
N LYS B 260 35.91 33.75 11.16
CA LYS B 260 35.46 32.42 10.72
C LYS B 260 36.59 31.69 10.00
N ARG B 261 36.85 30.46 10.45
CA ARG B 261 37.92 29.59 9.91
C ARG B 261 39.33 30.19 10.06
N GLY B 262 39.48 31.08 11.03
CA GLY B 262 40.71 31.85 11.24
C GLY B 262 41.79 31.11 11.99
N SER B 263 43.00 31.69 12.00
CA SER B 263 44.16 31.09 12.65
C SER B 263 44.52 31.74 13.99
N ASN B 264 43.73 32.74 14.41
CA ASN B 264 43.89 33.45 15.68
C ASN B 264 45.27 34.09 15.87
N ALA B 265 45.53 35.10 15.03
CA ALA B 265 46.84 35.75 14.96
C ALA B 265 47.21 36.62 16.17
N THR B 266 46.20 37.12 16.88
CA THR B 266 46.43 37.93 18.10
C THR B 266 46.35 37.14 19.41
N SER B 267 45.73 35.95 19.38
CA SER B 267 45.60 35.08 20.57
C SER B 267 46.95 34.49 21.01
N SER B 268 47.40 34.89 22.20
CA SER B 268 48.69 34.52 22.79
C SER B 268 48.87 33.01 23.01
N LEU B 269 47.84 32.36 23.54
CA LEU B 269 47.85 30.92 23.79
C LEU B 269 47.88 30.08 22.51
N TYR B 270 46.98 30.41 21.57
CA TYR B 270 46.81 29.65 20.34
C TYR B 270 48.09 29.61 19.50
N GLN B 271 48.77 30.75 19.44
CA GLN B 271 50.04 30.86 18.73
C GLN B 271 51.16 30.13 19.44
N ALA B 272 51.15 30.18 20.78
CA ALA B 272 52.17 29.53 21.60
C ALA B 272 52.14 28.02 21.42
N VAL B 273 50.92 27.46 21.36
CA VAL B 273 50.70 26.03 21.17
C VAL B 273 50.95 25.60 19.72
N ALA B 274 50.49 26.40 18.76
CA ALA B 274 50.66 26.11 17.32
C ALA B 274 52.12 26.08 16.85
N LYS B 275 53.00 26.72 17.63
CA LYS B 275 54.44 26.70 17.37
C LYS B 275 55.03 25.28 17.46
N GLY B 276 54.72 24.57 18.54
CA GLY B 276 55.19 23.20 18.77
C GLY B 276 54.46 22.09 18.03
N VAL B 277 53.13 22.14 17.99
CA VAL B 277 52.29 21.07 17.42
C VAL B 277 51.27 21.55 16.37
N HIS B 278 51.35 21.00 15.16
CA HIS B 278 50.58 21.49 14.00
C HIS B 278 49.27 20.73 13.66
N GLN B 279 49.09 19.52 14.21
CA GLN B 279 47.86 18.70 14.01
C GLN B 279 46.64 19.34 14.71
N PRO B 280 45.40 18.84 14.46
CA PRO B 280 44.19 19.44 15.06
C PRO B 280 44.25 19.70 16.59
N PHE B 281 43.89 20.93 16.98
CA PHE B 281 43.81 21.36 18.40
C PHE B 281 43.00 22.65 18.59
N ASP B 282 42.64 22.93 19.85
CA ASP B 282 42.04 24.19 20.28
C ASP B 282 42.40 24.48 21.74
N VAL B 283 42.72 25.75 22.02
CA VAL B 283 43.08 26.24 23.37
C VAL B 283 42.50 27.63 23.65
N SER B 284 41.90 27.77 24.84
CA SER B 284 41.33 29.04 25.29
C SER B 284 41.54 29.25 26.79
N ALA B 285 41.63 30.51 27.18
CA ALA B 285 41.63 30.88 28.60
C ALA B 285 40.23 30.70 29.19
N PHE B 286 40.18 30.15 30.40
CA PHE B 286 38.94 29.90 31.15
C PHE B 286 38.83 30.87 32.33
N ASN B 287 37.67 31.53 32.45
CA ASN B 287 37.44 32.48 33.55
C ASN B 287 36.00 32.46 34.12
N ALA B 288 35.86 31.81 35.28
CA ALA B 288 34.62 31.82 36.07
C ALA B 288 34.82 32.73 37.28
N SER B 289 33.78 33.49 37.63
CA SER B 289 33.79 34.32 38.84
C SER B 289 32.45 34.22 39.55
N TYR B 290 32.50 34.13 40.88
CA TYR B 290 31.31 33.94 41.70
C TYR B 290 31.27 34.94 42.86
N SER B 291 30.22 34.87 43.69
CA SER B 291 30.11 35.74 44.86
C SER B 291 31.22 35.48 45.89
N ASP B 292 31.49 34.21 46.16
CA ASP B 292 32.48 33.78 47.17
C ASP B 292 33.90 33.65 46.62
N SER B 293 34.03 33.23 45.36
CA SER B 293 35.31 32.76 44.83
C SER B 293 35.41 32.93 43.32
N GLY B 294 36.41 32.31 42.71
CA GLY B 294 36.58 32.28 41.26
C GLY B 294 37.62 31.28 40.80
N LEU B 295 37.53 30.88 39.54
CA LEU B 295 38.54 30.02 38.90
C LEU B 295 39.01 30.64 37.60
N PHE B 296 40.33 30.76 37.46
CA PHE B 296 40.97 31.21 36.22
C PHE B 296 42.03 30.21 35.75
N GLY B 297 42.05 29.96 34.44
CA GLY B 297 43.03 29.05 33.84
C GLY B 297 42.92 28.92 32.33
N PHE B 298 43.04 27.69 31.84
CA PHE B 298 42.89 27.41 30.40
C PHE B 298 42.32 26.00 30.13
N TYR B 299 41.69 25.85 28.96
CA TYR B 299 41.10 24.60 28.49
C TYR B 299 41.79 24.18 27.19
N THR B 300 42.26 22.93 27.13
CA THR B 300 42.86 22.38 25.90
C THR B 300 41.98 21.30 25.30
N ILE B 301 41.96 21.24 23.97
CA ILE B 301 41.49 20.10 23.20
C ILE B 301 42.63 19.72 22.28
N SER B 302 43.12 18.49 22.43
CA SER B 302 44.32 18.01 21.75
C SER B 302 44.18 16.55 21.37
N GLN B 303 45.07 16.08 20.50
CA GLN B 303 45.18 14.67 20.16
C GLN B 303 45.66 13.88 21.39
N ALA B 304 45.29 12.61 21.47
CA ALA B 304 45.59 11.78 22.66
C ALA B 304 47.08 11.76 23.03
N ALA B 305 47.94 11.60 22.02
CA ALA B 305 49.39 11.52 22.22
C ALA B 305 50.07 12.87 22.50
N SER B 306 49.43 13.94 22.03
CA SER B 306 49.97 15.31 22.12
C SER B 306 49.47 16.13 23.32
N ALA B 307 48.65 15.51 24.17
CA ALA B 307 48.03 16.16 25.33
C ALA B 307 49.05 16.77 26.29
N GLY B 308 50.12 16.03 26.56
CA GLY B 308 51.22 16.51 27.40
C GLY B 308 51.86 17.77 26.86
N ASP B 309 52.18 17.74 25.56
CA ASP B 309 52.85 18.84 24.89
C ASP B 309 52.00 20.12 24.82
N VAL B 310 50.71 19.97 24.56
CA VAL B 310 49.78 21.11 24.45
C VAL B 310 49.57 21.84 25.79
N ILE B 311 49.33 21.08 26.86
CA ILE B 311 49.06 21.64 28.20
C ILE B 311 50.28 22.39 28.73
N LYS B 312 51.46 21.79 28.60
CA LYS B 312 52.73 22.39 29.03
C LYS B 312 53.09 23.66 28.26
N ALA B 313 52.89 23.63 26.94
CA ALA B 313 53.08 24.81 26.09
C ALA B 313 52.19 25.97 26.51
N ALA B 314 50.91 25.67 26.78
CA ALA B 314 49.92 26.65 27.23
C ALA B 314 50.25 27.24 28.61
N TYR B 315 50.69 26.39 29.53
CA TYR B 315 51.10 26.78 30.88
C TYR B 315 52.32 27.70 30.86
N ASN B 316 53.26 27.41 29.96
CA ASN B 316 54.47 28.22 29.76
C ASN B 316 54.17 29.63 29.29
N GLN B 317 53.10 29.78 28.51
CA GLN B 317 52.72 31.09 28.00
C GLN B 317 52.20 32.01 29.10
N VAL B 318 51.51 31.43 30.09
CA VAL B 318 51.02 32.18 31.25
C VAL B 318 52.19 32.63 32.14
N LYS B 319 53.22 31.78 32.22
CA LYS B 319 54.43 32.02 33.02
C LYS B 319 55.23 33.23 32.56
N THR B 320 55.34 33.40 31.25
CA THR B 320 56.04 34.56 30.68
C THR B 320 55.21 35.84 30.84
N ILE B 321 53.89 35.74 30.85
CA ILE B 321 53.01 36.88 31.17
C ILE B 321 53.18 37.26 32.65
N ALA B 322 53.29 36.24 33.51
CA ALA B 322 53.55 36.42 34.95
C ALA B 322 54.94 36.99 35.26
N GLN B 323 55.93 36.59 34.46
CA GLN B 323 57.30 37.08 34.61
C GLN B 323 57.48 38.52 34.11
N GLY B 324 56.58 38.97 33.25
CA GLY B 324 56.51 40.38 32.86
C GLY B 324 56.52 40.73 31.40
N ASN B 325 56.47 39.73 30.51
CA ASN B 325 56.46 39.98 29.07
C ASN B 325 55.07 40.35 28.58
N LEU B 326 54.82 41.65 28.52
CA LEU B 326 53.49 42.20 28.22
C LEU B 326 53.59 43.70 27.87
N SER B 327 53.33 44.03 26.60
CA SER B 327 53.40 45.42 26.14
C SER B 327 52.03 46.09 26.14
N ASN B 328 52.02 47.42 26.15
CA ASN B 328 50.78 48.22 26.07
C ASN B 328 49.86 47.87 24.87
N PRO B 329 50.41 47.77 23.63
CA PRO B 329 49.57 47.32 22.49
C PRO B 329 48.79 46.02 22.72
N ASP B 330 49.32 45.10 23.53
CA ASP B 330 48.62 43.86 23.89
C ASP B 330 47.45 44.11 24.84
N VAL B 331 47.71 44.88 25.90
CA VAL B 331 46.72 45.20 26.94
C VAL B 331 45.62 46.11 26.38
N GLN B 332 45.96 46.94 25.41
CA GLN B 332 45.00 47.80 24.72
C GLN B 332 44.07 46.96 23.84
N ALA B 333 44.65 46.03 23.09
CA ALA B 333 43.91 45.11 22.21
C ALA B 333 42.96 44.23 23.02
N ALA B 334 43.47 43.69 24.13
CA ALA B 334 42.69 42.84 25.04
C ALA B 334 41.50 43.59 25.64
N LYS B 335 41.72 44.87 25.98
CA LYS B 335 40.65 45.74 26.50
C LYS B 335 39.56 46.00 25.45
N ASN B 336 39.99 46.30 24.22
CA ASN B 336 39.10 46.48 23.08
C ASN B 336 38.19 45.27 22.88
N LYS B 337 38.74 44.07 23.05
CA LYS B 337 37.98 42.82 22.92
C LYS B 337 36.90 42.71 23.99
N LEU B 338 37.32 42.81 25.26
CA LEU B 338 36.43 42.75 26.44
C LEU B 338 35.35 43.84 26.45
N LYS B 339 35.73 45.07 26.13
CA LYS B 339 34.80 46.21 26.01
C LYS B 339 33.72 45.97 24.95
N ALA B 340 34.13 45.48 23.78
CA ALA B 340 33.23 45.13 22.68
C ALA B 340 32.36 43.92 23.04
N GLY B 341 32.97 42.91 23.65
CA GLY B 341 32.29 41.69 24.11
C GLY B 341 31.12 41.97 25.04
N TYR B 342 31.32 42.86 26.01
CA TYR B 342 30.27 43.24 26.97
C TYR B 342 29.10 43.98 26.32
N LEU B 343 29.41 44.99 25.50
CA LEU B 343 28.38 45.79 24.82
C LEU B 343 27.57 45.00 23.80
N MET B 344 28.23 44.04 23.14
CA MET B 344 27.58 43.11 22.22
C MET B 344 26.69 42.09 22.95
N SER B 345 27.09 41.70 24.16
CA SER B 345 26.32 40.73 24.93
C SER B 345 25.01 41.32 25.48
N VAL B 346 24.99 42.64 25.68
CA VAL B 346 23.78 43.36 26.14
C VAL B 346 23.00 44.03 24.99
N GLU B 347 23.42 43.74 23.76
CA GLU B 347 22.84 44.26 22.52
C GLU B 347 21.41 43.75 22.30
N SER B 348 21.23 42.43 22.46
CA SER B 348 19.94 41.76 22.34
C SER B 348 19.06 42.03 23.55
N SER B 349 17.74 41.94 23.35
CA SER B 349 16.76 42.14 24.44
C SER B 349 16.78 40.99 25.48
N GLU B 350 17.30 39.83 25.06
CA GLU B 350 17.46 38.66 25.93
C GLU B 350 18.64 38.83 26.89
N GLY B 351 19.80 39.19 26.34
CA GLY B 351 21.04 39.38 27.11
C GLY B 351 21.03 40.57 28.05
N PHE B 352 20.30 41.62 27.66
CA PHE B 352 20.09 42.80 28.50
C PHE B 352 19.36 42.42 29.78
N LEU B 353 18.26 41.68 29.63
CA LEU B 353 17.49 41.19 30.78
C LEU B 353 18.36 40.34 31.71
N ASP B 354 19.25 39.54 31.13
CA ASP B 354 20.14 38.68 31.91
C ASP B 354 21.14 39.46 32.76
N GLU B 355 21.67 40.57 32.22
CA GLU B 355 22.61 41.42 32.95
C GLU B 355 21.95 42.23 34.08
N VAL B 356 20.79 42.82 33.79
CA VAL B 356 20.03 43.60 34.78
C VAL B 356 19.66 42.74 36.00
N GLY B 357 19.17 41.53 35.75
CA GLY B 357 18.86 40.56 36.80
C GLY B 357 20.08 40.04 37.54
N SER B 358 21.14 39.73 36.78
CA SER B 358 22.39 39.22 37.34
C SER B 358 23.01 40.19 38.33
N GLN B 359 23.09 41.46 37.92
CA GLN B 359 23.59 42.56 38.76
C GLN B 359 22.76 42.77 40.02
N ALA B 360 21.43 42.74 39.87
CA ALA B 360 20.48 42.96 40.97
C ALA B 360 20.60 41.97 42.13
N LEU B 361 21.06 40.75 41.85
CA LEU B 361 21.25 39.73 42.91
C LEU B 361 22.63 39.84 43.57
N ALA B 362 23.68 39.91 42.74
CA ALA B 362 25.07 39.93 43.22
C ALA B 362 25.50 41.27 43.82
N ALA B 363 24.85 42.34 43.38
CA ALA B 363 25.15 43.70 43.86
C ALA B 363 23.85 44.44 44.23
N GLY B 364 24.00 45.69 44.72
CA GLY B 364 22.87 46.50 45.15
C GLY B 364 21.94 46.97 44.04
N SER B 365 22.51 47.54 42.98
CA SER B 365 21.73 48.11 41.88
C SER B 365 22.40 47.98 40.50
N TYR B 366 21.94 48.80 39.55
CA TYR B 366 22.35 48.77 38.15
C TYR B 366 23.53 49.71 37.86
N THR B 367 24.60 49.14 37.31
CA THR B 367 25.74 49.90 36.79
C THR B 367 25.54 50.09 35.28
N PRO B 368 25.46 51.35 34.79
CA PRO B 368 25.34 51.62 33.34
C PRO B 368 26.57 51.17 32.54
N PRO B 369 26.40 50.81 31.23
CA PRO B 369 27.51 50.33 30.39
C PRO B 369 28.71 51.28 30.29
N SER B 370 28.47 52.60 30.34
CA SER B 370 29.54 53.61 30.32
C SER B 370 30.50 53.53 31.52
N THR B 371 29.94 53.23 32.70
CA THR B 371 30.70 53.05 33.94
C THR B 371 31.50 51.73 33.93
N VAL B 372 30.94 50.68 33.31
CA VAL B 372 31.59 49.36 33.18
C VAL B 372 32.87 49.45 32.33
N LEU B 373 32.78 50.17 31.21
CA LEU B 373 33.90 50.37 30.29
C LEU B 373 35.03 51.17 30.93
N GLN B 374 34.67 52.13 31.78
CA GLN B 374 35.64 52.93 32.55
C GLN B 374 36.43 52.05 33.53
N GLN B 375 35.71 51.14 34.21
CA GLN B 375 36.31 50.19 35.15
C GLN B 375 37.24 49.18 34.49
N ILE B 376 36.99 48.87 33.20
CA ILE B 376 37.91 48.07 32.39
C ILE B 376 39.19 48.87 32.10
N ASP B 377 39.03 50.14 31.70
CA ASP B 377 40.14 51.07 31.48
C ASP B 377 41.03 51.25 32.72
N ALA B 378 40.42 51.18 33.90
CA ALA B 378 41.11 51.34 35.19
C ALA B 378 42.17 50.26 35.48
N VAL B 379 42.05 49.10 34.84
CA VAL B 379 43.02 48.01 34.97
C VAL B 379 44.34 48.39 34.31
N ALA B 380 45.40 48.54 35.12
CA ALA B 380 46.76 48.82 34.65
C ALA B 380 47.47 47.53 34.27
N ASP B 381 48.53 47.64 33.47
CA ASP B 381 49.34 46.49 33.02
C ASP B 381 49.88 45.68 34.20
N ALA B 382 50.18 46.39 35.29
CA ALA B 382 50.68 45.79 36.52
C ALA B 382 49.66 44.84 37.15
N ASP B 383 48.37 45.19 37.09
CA ASP B 383 47.28 44.35 37.63
C ASP B 383 47.12 43.02 36.87
N VAL B 384 47.38 43.06 35.56
CA VAL B 384 47.34 41.87 34.70
C VAL B 384 48.48 40.92 35.05
N ILE B 385 49.67 41.47 35.28
CA ILE B 385 50.87 40.69 35.64
C ILE B 385 50.69 40.01 37.02
N ASN B 386 50.00 40.69 37.94
CA ASN B 386 49.66 40.14 39.26
C ASN B 386 48.67 38.97 39.23
N ALA B 387 47.66 39.08 38.34
CA ALA B 387 46.68 38.04 38.13
C ALA B 387 47.36 36.77 37.59
N ALA B 388 48.27 36.95 36.63
CA ALA B 388 49.07 35.87 36.05
C ALA B 388 49.99 35.21 37.08
N LYS B 389 50.68 36.04 37.86
CA LYS B 389 51.51 35.56 38.97
C LYS B 389 50.69 34.74 39.96
N LYS B 390 49.47 35.21 40.26
CA LYS B 390 48.57 34.52 41.19
C LYS B 390 48.25 33.10 40.71
N PHE B 391 47.96 32.98 39.41
CA PHE B 391 47.68 31.69 38.78
C PHE B 391 48.86 30.71 38.88
N VAL B 392 50.07 31.21 38.62
CA VAL B 392 51.25 30.35 38.55
C VAL B 392 51.63 29.78 39.93
N SER B 393 51.58 30.62 40.96
CA SER B 393 51.94 30.18 42.31
C SER B 393 50.79 29.58 43.12
N GLY B 394 49.54 29.80 42.71
CA GLY B 394 48.37 29.24 43.42
C GLY B 394 48.18 27.73 43.30
N ARG B 395 47.52 27.12 44.29
CA ARG B 395 47.16 25.69 44.25
C ARG B 395 46.28 25.43 43.03
N LYS B 396 46.49 24.29 42.38
CA LYS B 396 45.84 23.99 41.10
C LYS B 396 44.70 22.98 41.20
N SER B 397 43.71 23.13 40.34
CA SER B 397 42.66 22.12 40.12
C SER B 397 42.63 21.74 38.64
N MET B 398 42.44 20.44 38.37
CA MET B 398 42.48 19.90 37.00
C MET B 398 41.35 18.91 36.75
N ALA B 399 40.90 18.83 35.50
CA ALA B 399 39.95 17.83 35.04
C ALA B 399 40.23 17.43 33.59
N ALA B 400 40.14 16.12 33.32
CA ALA B 400 40.37 15.59 31.97
C ALA B 400 39.37 14.50 31.58
N SER B 401 39.13 14.39 30.27
CA SER B 401 38.36 13.32 29.62
C SER B 401 39.01 12.93 28.30
N GLY B 402 39.12 11.63 28.05
CA GLY B 402 39.75 11.10 26.84
C GLY B 402 40.58 9.86 27.09
N ASN B 403 41.42 9.49 26.11
CA ASN B 403 42.45 8.48 26.33
C ASN B 403 43.68 9.18 26.94
N LEU B 404 43.80 9.05 28.26
CA LEU B 404 44.68 9.90 29.07
C LEU B 404 46.11 9.36 29.27
N GLY B 405 46.51 8.39 28.46
CA GLY B 405 47.85 7.79 28.52
C GLY B 405 49.03 8.74 28.47
N HIS B 406 48.84 9.88 27.81
CA HIS B 406 49.87 10.92 27.69
C HIS B 406 49.45 12.26 28.31
N THR B 407 48.32 12.26 29.04
CA THR B 407 47.87 13.41 29.83
C THR B 407 48.62 13.43 31.19
N PRO B 408 49.32 14.54 31.51
CA PRO B 408 50.05 14.56 32.79
C PRO B 408 49.14 14.79 34.01
N PHE B 409 49.64 14.43 35.18
CA PHE B 409 49.00 14.77 36.48
C PHE B 409 49.40 16.20 36.87
N ILE B 410 48.77 16.77 37.91
CA ILE B 410 49.11 18.13 38.39
C ILE B 410 50.58 18.20 38.83
N ASP B 411 51.03 17.20 39.59
CA ASP B 411 52.39 17.12 40.10
C ASP B 411 53.45 16.74 39.05
N GLU B 412 53.06 16.74 37.77
CA GLU B 412 53.96 16.44 36.66
C GLU B 412 54.21 17.64 35.75
N LEU B 413 53.70 18.81 36.12
CA LEU B 413 53.43 19.89 35.17
C LEU B 413 54.55 20.91 34.93
N THR C 1 -0.87 5.10 15.40
CA THR C 1 -2.02 4.89 16.36
C THR C 1 -3.38 4.68 15.64
N ASN C 2 -3.30 4.05 14.47
CA ASN C 2 -4.46 3.67 13.64
C ASN C 2 -5.33 2.59 14.27
N ILE C 3 -6.56 2.47 13.78
CA ILE C 3 -7.51 1.44 14.22
C ILE C 3 -7.55 0.23 13.25
N ARG C 4 -6.44 0.01 12.56
CA ARG C 4 -6.23 -1.15 11.71
C ARG C 4 -5.38 -2.17 12.47
N LYS C 5 -4.41 -1.66 13.24
CA LYS C 5 -3.50 -2.46 14.07
C LYS C 5 -4.06 -2.70 15.48
N SER C 6 -5.04 -1.87 15.88
CA SER C 6 -5.62 -1.84 17.22
C SER C 6 -6.83 -2.79 17.45
N HIS C 7 -7.87 -2.63 16.63
CA HIS C 7 -9.11 -3.42 16.70
C HIS C 7 -8.82 -4.92 16.51
N PRO C 8 -9.28 -5.77 17.47
CA PRO C 8 -9.06 -7.24 17.46
C PRO C 8 -9.37 -7.97 16.14
N LEU C 9 -10.42 -7.54 15.44
CA LEU C 9 -10.81 -8.12 14.15
C LEU C 9 -10.06 -7.52 12.95
N MET C 10 -9.86 -6.21 12.95
CA MET C 10 -9.09 -5.50 11.91
C MET C 10 -7.60 -5.86 11.91
N LYS C 11 -7.08 -6.12 13.10
CA LYS C 11 -5.71 -6.58 13.35
C LYS C 11 -5.36 -7.80 12.48
N ILE C 12 -6.24 -8.81 12.51
CA ILE C 12 -6.08 -10.06 11.73
C ILE C 12 -6.12 -9.79 10.22
N VAL C 13 -7.06 -8.95 9.80
CA VAL C 13 -7.20 -8.47 8.40
C VAL C 13 -5.99 -7.62 7.96
N ASN C 14 -5.50 -6.75 8.84
CA ASN C 14 -4.38 -5.86 8.52
C ASN C 14 -3.07 -6.63 8.34
N ASN C 15 -2.86 -7.65 9.17
CA ASN C 15 -1.62 -8.42 9.16
C ASN C 15 -1.54 -9.52 8.12
N ALA C 16 -2.70 -10.04 7.70
CA ALA C 16 -2.76 -11.16 6.79
C ALA C 16 -3.22 -10.80 5.36
N PHE C 17 -3.44 -9.50 5.11
CA PHE C 17 -4.15 -9.04 3.90
C PHE C 17 -3.65 -7.70 3.33
N ILE C 18 -3.15 -6.81 4.20
CA ILE C 18 -2.78 -5.42 3.82
C ILE C 18 -1.28 -5.13 3.99
N ASP C 19 -0.78 -5.34 5.21
CA ASP C 19 0.61 -5.04 5.58
C ASP C 19 1.51 -6.26 5.58
N LEU C 20 0.97 -7.39 5.13
CA LEU C 20 1.74 -8.62 4.97
C LEU C 20 2.98 -8.38 4.08
N PRO C 21 4.19 -8.70 4.58
CA PRO C 21 5.40 -8.62 3.76
C PRO C 21 5.44 -9.74 2.74
N ALA C 22 5.44 -9.35 1.47
CA ALA C 22 5.41 -10.28 0.32
C ALA C 22 6.68 -10.14 -0.53
N PRO C 23 7.21 -11.27 -1.09
CA PRO C 23 8.41 -11.14 -1.95
C PRO C 23 8.10 -10.27 -3.15
N SER C 24 9.07 -9.45 -3.55
CA SER C 24 8.89 -8.51 -4.65
C SER C 24 8.63 -9.22 -5.99
N ASN C 25 9.18 -10.43 -6.11
CA ASN C 25 9.35 -11.10 -7.40
C ASN C 25 8.43 -12.31 -7.69
N ILE C 26 7.42 -12.57 -6.86
CA ILE C 26 6.55 -13.75 -7.07
C ILE C 26 5.79 -13.59 -8.39
N SER C 27 5.74 -14.66 -9.17
CA SER C 27 5.17 -14.64 -10.53
C SER C 27 3.65 -14.91 -10.59
N SER C 28 3.14 -15.22 -11.79
CA SER C 28 1.71 -15.49 -12.00
C SER C 28 1.27 -16.78 -11.36
N TRP C 29 2.22 -17.68 -11.14
CA TRP C 29 1.96 -18.96 -10.52
C TRP C 29 1.59 -18.86 -9.04
N TRP C 30 1.78 -17.68 -8.43
CA TRP C 30 1.36 -17.41 -7.04
C TRP C 30 -0.08 -16.88 -6.90
N ASN C 31 -0.72 -16.60 -8.03
CA ASN C 31 -2.10 -16.11 -8.06
C ASN C 31 -3.14 -17.19 -7.81
N PHE C 32 -2.75 -18.45 -8.01
CA PHE C 32 -3.70 -19.56 -7.96
C PHE C 32 -4.29 -19.84 -6.59
N GLY C 33 -3.55 -19.50 -5.53
CA GLY C 33 -4.07 -19.60 -4.16
C GLY C 33 -5.30 -18.73 -3.94
N SER C 34 -5.16 -17.46 -4.30
CA SER C 34 -6.25 -16.48 -4.22
C SER C 34 -7.45 -16.95 -5.05
N LEU C 35 -7.17 -17.44 -6.26
CA LEU C 35 -8.18 -17.93 -7.19
C LEU C 35 -8.93 -19.17 -6.70
N LEU C 36 -8.24 -20.02 -5.94
CA LEU C 36 -8.84 -21.20 -5.31
C LEU C 36 -9.89 -20.79 -4.27
N GLY C 37 -9.56 -19.75 -3.51
CA GLY C 37 -10.49 -19.06 -2.63
C GLY C 37 -11.74 -18.58 -3.35
N ILE C 38 -11.56 -17.90 -4.48
CA ILE C 38 -12.68 -17.42 -5.30
C ILE C 38 -13.56 -18.58 -5.74
N CYS C 39 -12.93 -19.63 -6.26
CA CYS C 39 -13.62 -20.86 -6.66
C CYS C 39 -14.50 -21.41 -5.54
N LEU C 40 -13.94 -21.52 -4.33
CA LEU C 40 -14.65 -22.02 -3.15
C LEU C 40 -15.89 -21.18 -2.76
N ILE C 41 -15.75 -19.85 -2.74
CA ILE C 41 -16.88 -18.95 -2.48
C ILE C 41 -17.94 -19.08 -3.59
N LEU C 42 -17.47 -19.14 -4.84
CA LEU C 42 -18.34 -19.26 -6.01
C LEU C 42 -19.19 -20.53 -5.98
N GLN C 43 -18.55 -21.66 -5.68
CA GLN C 43 -19.25 -22.94 -5.52
C GLN C 43 -20.31 -22.89 -4.41
N ILE C 44 -19.96 -22.32 -3.26
CA ILE C 44 -20.86 -22.24 -2.11
C ILE C 44 -22.13 -21.43 -2.40
N LEU C 45 -21.98 -20.27 -3.08
CA LEU C 45 -23.14 -19.42 -3.41
C LEU C 45 -24.07 -20.08 -4.40
N THR C 46 -23.52 -20.40 -5.58
CA THR C 46 -24.26 -21.08 -6.66
C THR C 46 -24.88 -22.39 -6.15
N GLY C 47 -24.10 -23.13 -5.36
CA GLY C 47 -24.56 -24.35 -4.70
C GLY C 47 -25.76 -24.14 -3.79
N LEU C 48 -25.68 -23.13 -2.93
CA LEU C 48 -26.77 -22.80 -2.01
C LEU C 48 -28.06 -22.46 -2.77
N PHE C 49 -27.92 -21.70 -3.85
CA PHE C 49 -29.06 -21.34 -4.68
C PHE C 49 -29.68 -22.51 -5.42
N LEU C 50 -28.85 -23.48 -5.82
CA LEU C 50 -29.34 -24.72 -6.41
C LEU C 50 -30.07 -25.58 -5.39
N ALA C 51 -29.54 -25.63 -4.17
CA ALA C 51 -30.15 -26.40 -3.07
C ALA C 51 -31.54 -25.90 -2.66
N MET C 52 -31.87 -24.66 -3.03
CA MET C 52 -33.19 -24.05 -2.81
C MET C 52 -34.27 -24.65 -3.72
N HIS C 53 -33.85 -25.40 -4.73
CA HIS C 53 -34.76 -25.94 -5.75
C HIS C 53 -34.64 -27.45 -5.95
N TYR C 54 -33.54 -28.05 -5.50
CA TYR C 54 -33.23 -29.48 -5.72
C TYR C 54 -33.94 -30.40 -4.70
N THR C 55 -34.17 -31.66 -5.09
CA THR C 55 -34.57 -32.72 -4.12
C THR C 55 -33.75 -34.01 -4.31
N SER C 56 -33.38 -34.62 -3.18
CA SER C 56 -32.49 -35.81 -3.15
C SER C 56 -33.20 -37.18 -3.22
N ASP C 57 -34.52 -37.13 -3.44
CA ASP C 57 -35.37 -38.30 -3.68
C ASP C 57 -35.11 -38.81 -5.11
N THR C 58 -34.85 -40.12 -5.26
CA THR C 58 -34.46 -40.74 -6.55
C THR C 58 -35.41 -40.51 -7.73
N THR C 59 -36.70 -40.45 -7.42
CA THR C 59 -37.74 -40.21 -8.43
C THR C 59 -37.75 -38.77 -8.97
N THR C 60 -37.66 -37.79 -8.05
CA THR C 60 -37.76 -36.36 -8.42
C THR C 60 -36.42 -35.66 -8.75
N ALA C 61 -35.30 -36.34 -8.47
CA ALA C 61 -33.95 -35.74 -8.51
C ALA C 61 -33.53 -35.16 -9.87
N PHE C 62 -33.57 -36.02 -10.89
CA PHE C 62 -33.23 -35.62 -12.27
C PHE C 62 -34.16 -34.50 -12.74
N SER C 63 -35.44 -34.64 -12.39
CA SER C 63 -36.49 -33.68 -12.75
C SER C 63 -36.26 -32.32 -12.13
N SER C 64 -35.77 -32.30 -10.88
CA SER C 64 -35.54 -31.04 -10.17
C SER C 64 -34.40 -30.22 -10.80
N VAL C 65 -33.35 -30.91 -11.23
CA VAL C 65 -32.19 -30.31 -11.92
C VAL C 65 -32.61 -29.67 -13.23
N THR C 66 -33.49 -30.34 -13.98
CA THR C 66 -34.03 -29.82 -15.23
C THR C 66 -35.03 -28.67 -14.98
N HIS C 67 -35.81 -28.80 -13.91
CA HIS C 67 -36.75 -27.75 -13.46
C HIS C 67 -36.01 -26.45 -13.16
N ILE C 68 -34.80 -26.55 -12.58
CA ILE C 68 -33.93 -25.39 -12.35
C ILE C 68 -33.57 -24.73 -13.68
N CYS C 69 -33.13 -25.54 -14.65
CA CYS C 69 -32.67 -25.06 -15.95
C CYS C 69 -33.79 -24.50 -16.84
N ARG C 70 -35.02 -24.97 -16.64
CA ARG C 70 -36.17 -24.56 -17.45
C ARG C 70 -37.11 -23.53 -16.85
N ASP C 71 -37.50 -23.70 -15.58
CA ASP C 71 -38.54 -22.85 -14.96
C ASP C 71 -38.05 -21.80 -13.95
N VAL C 72 -37.01 -22.13 -13.18
CA VAL C 72 -36.37 -21.20 -12.23
C VAL C 72 -35.69 -20.07 -13.00
N ASN C 73 -35.94 -18.82 -12.58
CA ASN C 73 -35.34 -17.64 -13.21
C ASN C 73 -33.82 -17.64 -13.13
N TYR C 74 -33.17 -17.55 -14.30
CA TYR C 74 -31.71 -17.63 -14.44
C TYR C 74 -31.10 -18.84 -13.72
N GLY C 75 -31.90 -19.91 -13.61
CA GLY C 75 -31.47 -21.13 -12.95
C GLY C 75 -30.44 -21.89 -13.77
N TRP C 76 -30.56 -21.78 -15.09
CA TRP C 76 -29.60 -22.37 -16.02
C TRP C 76 -28.18 -21.77 -15.85
N ILE C 77 -28.09 -20.46 -15.78
CA ILE C 77 -26.79 -19.78 -15.64
C ILE C 77 -26.14 -20.09 -14.29
N ILE C 78 -26.95 -20.22 -13.23
CA ILE C 78 -26.52 -20.71 -11.93
C ILE C 78 -26.01 -22.16 -12.03
N ARG C 79 -26.83 -23.04 -12.61
CA ARG C 79 -26.49 -24.46 -12.76
C ARG C 79 -25.18 -24.73 -13.51
N TYR C 80 -25.01 -24.09 -14.67
CA TYR C 80 -23.81 -24.32 -15.50
C TYR C 80 -22.58 -23.57 -14.99
N MET C 81 -22.83 -22.50 -14.23
CA MET C 81 -21.74 -21.85 -13.49
C MET C 81 -21.17 -22.79 -12.44
N HIS C 82 -22.03 -23.57 -11.78
CA HIS C 82 -21.64 -24.47 -10.70
C HIS C 82 -20.88 -25.68 -11.24
N ALA C 83 -21.30 -26.14 -12.41
CA ALA C 83 -20.69 -27.32 -13.04
C ALA C 83 -19.35 -26.98 -13.68
N ASN C 84 -19.29 -25.88 -14.42
CA ASN C 84 -18.02 -25.42 -14.98
C ASN C 84 -17.09 -24.84 -13.91
N GLY C 85 -17.69 -24.31 -12.83
CA GLY C 85 -16.95 -23.82 -11.66
C GLY C 85 -16.17 -24.91 -10.98
N ALA C 86 -16.71 -26.14 -11.00
CA ALA C 86 -16.04 -27.31 -10.46
C ALA C 86 -14.80 -27.68 -11.30
N SER C 87 -14.91 -27.51 -12.62
CA SER C 87 -13.76 -27.67 -13.52
C SER C 87 -12.69 -26.61 -13.27
N MET C 88 -13.11 -25.35 -13.20
CA MET C 88 -12.20 -24.23 -12.94
C MET C 88 -11.45 -24.43 -11.64
N PHE C 89 -12.11 -25.05 -10.66
CA PHE C 89 -11.49 -25.40 -9.38
C PHE C 89 -10.30 -26.34 -9.60
N PHE C 90 -10.54 -27.44 -10.32
CA PHE C 90 -9.50 -28.46 -10.52
C PHE C 90 -8.36 -28.01 -11.42
N ILE C 91 -8.66 -27.14 -12.39
CA ILE C 91 -7.59 -26.51 -13.16
C ILE C 91 -6.72 -25.75 -12.17
N CYS C 92 -7.35 -24.86 -11.39
CA CYS C 92 -6.65 -24.06 -10.37
C CYS C 92 -5.82 -24.89 -9.40
N LEU C 93 -6.35 -26.03 -8.97
CA LEU C 93 -5.68 -26.94 -8.04
C LEU C 93 -4.39 -27.55 -8.58
N TYR C 94 -4.44 -28.07 -9.81
CA TYR C 94 -3.29 -28.75 -10.41
C TYR C 94 -2.18 -27.78 -10.77
N MET C 95 -2.56 -26.55 -11.14
CA MET C 95 -1.60 -25.47 -11.37
C MET C 95 -0.90 -25.07 -10.07
N HIS C 96 -1.70 -24.96 -9.00
CA HIS C 96 -1.25 -24.59 -7.65
C HIS C 96 -0.24 -25.60 -7.11
N VAL C 97 -0.48 -26.89 -7.40
CA VAL C 97 0.40 -28.00 -6.95
C VAL C 97 1.70 -28.04 -7.78
N GLY C 98 1.54 -27.90 -9.10
CA GLY C 98 2.66 -27.80 -10.03
C GLY C 98 3.68 -26.75 -9.63
N ARG C 99 3.18 -25.57 -9.24
CA ARG C 99 4.00 -24.48 -8.72
C ARG C 99 4.82 -24.95 -7.52
N GLY C 100 4.12 -25.58 -6.58
CA GLY C 100 4.74 -26.11 -5.37
C GLY C 100 5.86 -27.08 -5.68
N LEU C 101 5.65 -27.92 -6.69
CA LEU C 101 6.62 -28.94 -7.06
C LEU C 101 7.87 -28.36 -7.72
N TYR C 102 7.65 -27.49 -8.71
CA TYR C 102 8.73 -26.88 -9.50
C TYR C 102 9.60 -25.95 -8.65
N TYR C 103 8.97 -25.11 -7.83
CA TYR C 103 9.70 -24.14 -7.02
C TYR C 103 10.03 -24.61 -5.61
N GLY C 104 9.72 -25.88 -5.32
CA GLY C 104 10.04 -26.51 -4.03
C GLY C 104 9.39 -25.91 -2.79
N SER C 105 8.21 -25.32 -2.95
CA SER C 105 7.44 -24.74 -1.84
C SER C 105 7.03 -25.77 -0.76
N TYR C 106 7.04 -27.05 -1.16
CA TYR C 106 6.74 -28.18 -0.28
C TYR C 106 7.65 -28.34 0.96
N THR C 107 8.77 -27.62 0.96
CA THR C 107 9.64 -27.57 2.14
C THR C 107 8.90 -27.01 3.36
N PHE C 108 7.93 -26.12 3.13
CA PHE C 108 6.99 -25.66 4.17
C PHE C 108 6.05 -26.80 4.58
N LEU C 109 6.57 -27.72 5.40
CA LEU C 109 5.97 -29.06 5.61
C LEU C 109 4.49 -29.10 5.98
N GLU C 110 4.13 -28.34 7.01
CA GLU C 110 2.76 -28.32 7.53
C GLU C 110 1.84 -27.77 6.46
N THR C 111 2.12 -26.55 5.99
CA THR C 111 1.40 -25.92 4.88
C THR C 111 1.14 -26.94 3.77
N TRP C 112 2.20 -27.64 3.34
CA TRP C 112 2.12 -28.68 2.30
C TRP C 112 1.18 -29.83 2.62
N ASN C 113 1.33 -30.43 3.80
CA ASN C 113 0.51 -31.58 4.18
C ASN C 113 -0.99 -31.24 4.30
N ILE C 114 -1.29 -30.07 4.86
CA ILE C 114 -2.66 -29.54 4.95
C ILE C 114 -3.23 -29.39 3.53
N GLY C 115 -2.37 -28.98 2.60
CA GLY C 115 -2.67 -28.95 1.17
C GLY C 115 -3.16 -30.28 0.64
N VAL C 116 -2.37 -31.35 0.87
CA VAL C 116 -2.74 -32.72 0.50
C VAL C 116 -4.14 -33.09 1.02
N ILE C 117 -4.38 -32.78 2.30
CA ILE C 117 -5.70 -32.94 2.92
C ILE C 117 -6.80 -32.15 2.17
N LEU C 118 -6.53 -30.86 1.89
CA LEU C 118 -7.47 -30.01 1.15
C LEU C 118 -7.83 -30.61 -0.21
N LEU C 119 -6.81 -31.06 -0.95
CA LEU C 119 -7.01 -31.69 -2.26
C LEU C 119 -7.94 -32.88 -2.14
N LEU C 120 -7.64 -33.77 -1.19
CA LEU C 120 -8.42 -34.97 -0.97
C LEU C 120 -9.87 -34.67 -0.64
N THR C 121 -10.11 -33.63 0.16
CA THR C 121 -11.49 -33.24 0.54
C THR C 121 -12.28 -32.64 -0.63
N VAL C 122 -11.61 -31.84 -1.47
CA VAL C 122 -12.23 -31.26 -2.69
C VAL C 122 -12.61 -32.38 -3.68
N MET C 123 -11.75 -33.38 -3.79
CA MET C 123 -12.00 -34.58 -4.60
C MET C 123 -13.24 -35.32 -4.12
N ALA C 124 -13.28 -35.61 -2.81
CA ALA C 124 -14.45 -36.21 -2.17
C ALA C 124 -15.74 -35.41 -2.41
N THR C 125 -15.67 -34.08 -2.31
CA THR C 125 -16.84 -33.21 -2.56
C THR C 125 -17.36 -33.35 -3.99
N ALA C 126 -16.45 -33.23 -4.96
CA ALA C 126 -16.78 -33.26 -6.40
C ALA C 126 -17.28 -34.63 -6.90
N PHE C 127 -16.82 -35.69 -6.25
CA PHE C 127 -17.25 -37.05 -6.56
C PHE C 127 -18.74 -37.19 -6.24
N MET C 128 -19.12 -36.70 -5.07
CA MET C 128 -20.50 -36.79 -4.59
C MET C 128 -21.45 -35.78 -5.24
N GLY C 129 -20.88 -34.70 -5.77
CA GLY C 129 -21.64 -33.68 -6.50
C GLY C 129 -22.16 -34.19 -7.83
N TYR C 130 -21.27 -34.81 -8.61
CA TYR C 130 -21.62 -35.39 -9.92
C TYR C 130 -22.67 -36.51 -9.84
N VAL C 131 -22.88 -37.09 -8.66
CA VAL C 131 -23.90 -38.11 -8.41
C VAL C 131 -25.29 -37.48 -8.34
N LEU C 132 -25.38 -36.29 -7.74
CA LEU C 132 -26.65 -35.60 -7.47
C LEU C 132 -27.67 -35.41 -8.61
N PRO C 133 -27.21 -35.14 -9.86
CA PRO C 133 -28.19 -35.07 -10.98
C PRO C 133 -28.92 -36.38 -11.25
N TRP C 134 -28.28 -37.50 -10.92
CA TRP C 134 -28.83 -38.86 -11.06
C TRP C 134 -29.09 -39.26 -12.53
N GLY C 135 -28.10 -38.96 -13.37
CA GLY C 135 -28.07 -39.42 -14.76
C GLY C 135 -27.33 -40.75 -14.85
N GLN C 136 -27.03 -41.18 -16.07
CA GLN C 136 -26.36 -42.47 -16.31
C GLN C 136 -24.94 -42.50 -15.74
N MET C 137 -24.10 -41.57 -16.17
CA MET C 137 -22.71 -41.49 -15.73
C MET C 137 -22.61 -41.26 -14.22
N SER C 138 -23.56 -40.48 -13.68
CA SER C 138 -23.70 -40.28 -12.24
C SER C 138 -23.80 -41.62 -11.51
N PHE C 139 -24.84 -42.39 -11.87
CA PHE C 139 -25.16 -43.64 -11.19
C PHE C 139 -24.12 -44.74 -11.41
N TRP C 140 -23.73 -44.94 -12.67
CA TRP C 140 -22.79 -46.00 -13.05
C TRP C 140 -21.35 -45.72 -12.64
N GLY C 141 -21.00 -44.43 -12.60
CA GLY C 141 -19.69 -43.99 -12.12
C GLY C 141 -19.54 -44.28 -10.64
N ALA C 142 -20.54 -43.87 -9.87
CA ALA C 142 -20.59 -44.07 -8.41
C ALA C 142 -20.59 -45.55 -8.03
N THR C 143 -21.25 -46.38 -8.85
CA THR C 143 -21.34 -47.82 -8.62
C THR C 143 -19.95 -48.50 -8.67
N VAL C 144 -19.24 -48.31 -9.78
CA VAL C 144 -17.91 -48.93 -10.01
C VAL C 144 -16.86 -48.42 -9.01
N ILE C 145 -16.75 -47.10 -8.90
CA ILE C 145 -15.77 -46.45 -8.00
C ILE C 145 -15.93 -46.88 -6.54
N THR C 146 -17.16 -46.77 -5.99
CA THR C 146 -17.43 -47.19 -4.60
C THR C 146 -17.08 -48.64 -4.38
N ASN C 147 -17.53 -49.48 -5.32
CA ASN C 147 -17.38 -50.94 -5.24
C ASN C 147 -15.95 -51.44 -5.29
N LEU C 148 -15.01 -50.55 -5.56
CA LEU C 148 -13.60 -50.88 -5.48
C LEU C 148 -13.17 -51.23 -4.04
N LEU C 149 -13.81 -50.62 -3.04
CA LEU C 149 -13.52 -50.89 -1.63
C LEU C 149 -13.79 -52.33 -1.19
N SER C 150 -14.56 -53.07 -1.99
CA SER C 150 -14.83 -54.48 -1.73
C SER C 150 -13.59 -55.35 -1.94
N ALA C 151 -12.59 -54.79 -2.62
CA ALA C 151 -11.30 -55.45 -2.84
C ALA C 151 -10.44 -55.59 -1.58
N ILE C 152 -10.75 -54.82 -0.52
CA ILE C 152 -10.13 -55.00 0.81
C ILE C 152 -10.52 -56.39 1.35
N PRO C 153 -9.54 -57.23 1.75
CA PRO C 153 -9.87 -58.54 2.33
C PRO C 153 -10.63 -58.45 3.66
N TYR C 154 -11.33 -59.54 3.98
CA TYR C 154 -12.23 -59.64 5.16
C TYR C 154 -13.40 -58.63 5.17
N ILE C 155 -13.10 -57.35 5.43
CA ILE C 155 -14.13 -56.32 5.71
C ILE C 155 -14.77 -55.61 4.50
N GLY C 156 -14.01 -55.52 3.40
CA GLY C 156 -14.34 -54.68 2.24
C GLY C 156 -15.77 -54.71 1.74
N THR C 157 -16.32 -55.92 1.63
CA THR C 157 -17.68 -56.14 1.13
C THR C 157 -18.77 -55.54 2.05
N ASN C 158 -18.53 -55.59 3.37
CA ASN C 158 -19.42 -54.99 4.36
C ASN C 158 -19.39 -53.47 4.24
N LEU C 159 -18.17 -52.95 4.16
CA LEU C 159 -17.88 -51.52 4.10
C LEU C 159 -18.64 -50.82 2.98
N VAL C 160 -18.65 -51.46 1.80
CA VAL C 160 -19.32 -50.96 0.60
C VAL C 160 -20.83 -50.82 0.83
N GLU C 161 -21.43 -51.85 1.43
CA GLU C 161 -22.87 -51.90 1.70
C GLU C 161 -23.30 -50.93 2.81
N TRP C 162 -22.35 -50.55 3.66
CA TRP C 162 -22.58 -49.57 4.74
C TRP C 162 -22.57 -48.14 4.20
N ILE C 163 -21.68 -47.86 3.24
CA ILE C 163 -21.62 -46.56 2.57
C ILE C 163 -22.91 -46.37 1.77
N TRP C 164 -23.34 -47.43 1.09
CA TRP C 164 -24.55 -47.40 0.27
C TRP C 164 -25.83 -47.30 1.09
N GLY C 165 -25.86 -48.01 2.22
CA GLY C 165 -27.07 -48.12 3.04
C GLY C 165 -28.09 -49.04 2.41
N GLY C 166 -27.60 -50.12 1.82
CA GLY C 166 -28.39 -51.09 1.07
C GLY C 166 -27.50 -52.02 0.27
N PHE C 167 -28.08 -52.67 -0.75
CA PHE C 167 -27.36 -53.66 -1.57
C PHE C 167 -26.92 -53.13 -2.94
N SER C 168 -27.37 -51.92 -3.28
CA SER C 168 -26.91 -51.17 -4.46
C SER C 168 -26.91 -49.66 -4.16
N VAL C 169 -26.48 -48.86 -5.14
CA VAL C 169 -26.59 -47.41 -5.05
C VAL C 169 -28.06 -47.03 -5.27
N ASP C 170 -28.75 -46.71 -4.18
CA ASP C 170 -30.18 -46.41 -4.23
C ASP C 170 -30.57 -45.13 -3.46
N LYS C 171 -31.84 -45.07 -3.00
CA LYS C 171 -32.45 -43.88 -2.41
C LYS C 171 -31.70 -43.34 -1.19
N ALA C 172 -31.34 -44.25 -0.29
CA ALA C 172 -30.52 -43.97 0.89
C ALA C 172 -29.13 -43.42 0.55
N THR C 173 -28.55 -43.87 -0.57
CA THR C 173 -27.23 -43.41 -1.03
C THR C 173 -27.30 -41.97 -1.51
N LEU C 174 -28.30 -41.65 -2.34
CA LEU C 174 -28.43 -40.31 -2.91
C LEU C 174 -28.71 -39.22 -1.88
N THR C 175 -29.56 -39.54 -0.90
CA THR C 175 -29.91 -38.59 0.16
C THR C 175 -28.70 -38.26 1.06
N ARG C 176 -27.91 -39.27 1.43
CA ARG C 176 -26.70 -39.04 2.27
C ARG C 176 -25.58 -38.35 1.51
N PHE C 177 -25.47 -38.63 0.22
CA PHE C 177 -24.52 -37.94 -0.66
C PHE C 177 -24.85 -36.46 -0.79
N PHE C 178 -26.14 -36.12 -0.72
CA PHE C 178 -26.57 -34.71 -0.68
C PHE C 178 -26.16 -34.01 0.62
N ALA C 179 -26.27 -34.73 1.74
CA ALA C 179 -25.91 -34.19 3.06
C ALA C 179 -24.40 -33.99 3.22
N PHE C 180 -23.60 -34.97 2.80
CA PHE C 180 -22.13 -34.86 2.82
C PHE C 180 -21.59 -33.80 1.86
N HIS C 181 -22.24 -33.67 0.70
CA HIS C 181 -21.88 -32.66 -0.30
C HIS C 181 -22.20 -31.23 0.16
N PHE C 182 -23.16 -31.10 1.06
CA PHE C 182 -23.52 -29.80 1.64
C PHE C 182 -22.51 -29.41 2.73
N ILE C 183 -22.20 -30.34 3.64
CA ILE C 183 -21.34 -30.08 4.80
C ILE C 183 -19.86 -29.88 4.46
N LEU C 184 -19.31 -30.70 3.55
CA LEU C 184 -17.87 -30.72 3.28
C LEU C 184 -17.22 -29.41 2.83
N PRO C 185 -17.87 -28.63 1.93
CA PRO C 185 -17.29 -27.32 1.57
C PRO C 185 -17.00 -26.43 2.77
N PHE C 186 -17.86 -26.48 3.79
CA PHE C 186 -17.64 -25.71 4.99
C PHE C 186 -16.48 -26.25 5.80
N ILE C 187 -16.26 -27.58 5.79
CA ILE C 187 -15.07 -28.17 6.43
C ILE C 187 -13.80 -27.77 5.68
N ILE C 188 -13.87 -27.73 4.34
CA ILE C 188 -12.78 -27.22 3.47
C ILE C 188 -12.39 -25.79 3.84
N MET C 189 -13.40 -24.93 3.96
CA MET C 189 -13.31 -23.55 4.43
C MET C 189 -12.46 -23.41 5.71
N ALA C 190 -12.70 -24.28 6.69
CA ALA C 190 -11.98 -24.31 7.95
C ALA C 190 -10.53 -24.75 7.76
N ILE C 191 -10.33 -25.88 7.07
CA ILE C 191 -8.98 -26.42 6.80
C ILE C 191 -8.12 -25.43 5.98
N ALA C 192 -8.78 -24.70 5.07
CA ALA C 192 -8.12 -23.64 4.31
C ALA C 192 -7.61 -22.50 5.20
N MET C 193 -8.31 -22.20 6.29
CA MET C 193 -7.83 -21.16 7.19
C MET C 193 -6.65 -21.62 8.03
N VAL C 194 -6.61 -22.90 8.37
CA VAL C 194 -5.44 -23.51 9.01
C VAL C 194 -4.24 -23.58 8.04
N HIS C 195 -4.52 -23.88 6.77
CA HIS C 195 -3.56 -23.85 5.66
C HIS C 195 -2.77 -22.52 5.63
N LEU C 196 -3.50 -21.40 5.67
CA LEU C 196 -2.90 -20.08 5.62
C LEU C 196 -2.19 -19.70 6.91
N LEU C 197 -2.78 -20.13 8.03
CA LEU C 197 -2.25 -19.89 9.37
C LEU C 197 -0.82 -20.41 9.50
N PHE C 198 -0.53 -21.54 8.87
CA PHE C 198 0.82 -22.09 8.84
C PHE C 198 1.71 -21.40 7.82
N LEU C 199 1.14 -20.97 6.71
CA LEU C 199 1.90 -20.24 5.72
C LEU C 199 2.45 -18.92 6.29
N HIS C 200 1.67 -18.28 7.15
CA HIS C 200 2.05 -16.98 7.73
C HIS C 200 3.12 -17.06 8.81
N GLU C 201 3.55 -18.28 9.13
CA GLU C 201 4.70 -18.51 9.99
C GLU C 201 6.00 -18.18 9.28
N THR C 202 6.06 -18.47 7.98
CA THR C 202 7.26 -18.28 7.17
C THR C 202 7.12 -17.17 6.13
N GLY C 203 5.90 -16.92 5.67
CA GLY C 203 5.70 -16.10 4.49
C GLY C 203 6.00 -16.86 3.22
N SER C 204 5.87 -16.19 2.08
CA SER C 204 5.92 -16.86 0.78
C SER C 204 7.31 -17.19 0.28
N ASN C 205 7.43 -18.34 -0.38
CA ASN C 205 8.56 -18.68 -1.24
C ASN C 205 8.47 -17.79 -2.51
N ASN C 206 9.53 -17.74 -3.31
CA ASN C 206 9.52 -17.02 -4.59
C ASN C 206 10.20 -17.86 -5.71
N PRO C 207 10.11 -17.43 -7.00
CA PRO C 207 10.70 -18.20 -8.11
C PRO C 207 12.19 -18.59 -8.02
N THR C 208 13.03 -17.72 -7.47
CA THR C 208 14.47 -18.02 -7.30
C THR C 208 14.77 -19.17 -6.34
N GLY C 209 13.89 -19.38 -5.35
CA GLY C 209 14.12 -20.34 -4.28
C GLY C 209 15.16 -19.83 -3.28
N ILE C 210 15.52 -18.55 -3.41
CA ILE C 210 16.44 -17.88 -2.50
C ILE C 210 15.62 -16.92 -1.65
N SER C 211 15.95 -16.86 -0.36
CA SER C 211 15.30 -16.02 0.65
C SER C 211 15.12 -14.55 0.22
N SER C 212 13.92 -14.02 0.46
CA SER C 212 13.53 -12.69 -0.04
C SER C 212 13.35 -11.60 1.03
N ASP C 213 13.89 -11.85 2.22
CA ASP C 213 13.80 -10.90 3.34
C ASP C 213 14.46 -9.54 3.06
N VAL C 214 15.44 -9.53 2.16
CA VAL C 214 16.13 -8.32 1.75
C VAL C 214 15.31 -7.44 0.77
N ASP C 215 14.16 -7.95 0.28
CA ASP C 215 13.34 -7.23 -0.71
C ASP C 215 11.86 -7.61 -0.64
N LYS C 216 11.23 -7.26 0.48
CA LYS C 216 9.79 -7.46 0.67
C LYS C 216 9.02 -6.19 0.30
N ILE C 217 7.86 -6.36 -0.32
CA ILE C 217 6.96 -5.23 -0.58
C ILE C 217 5.65 -5.46 0.19
N PRO C 218 4.92 -4.38 0.53
CA PRO C 218 3.63 -4.63 1.22
C PRO C 218 2.59 -5.19 0.25
N PHE C 219 1.71 -6.07 0.75
CA PHE C 219 0.68 -6.75 -0.08
C PHE C 219 -0.24 -5.75 -0.79
N HIS C 220 -0.67 -4.72 -0.05
CA HIS C 220 -1.41 -3.60 -0.61
C HIS C 220 -0.42 -2.47 -0.92
N PRO C 221 -0.49 -1.86 -2.13
CA PRO C 221 -1.48 -2.21 -3.15
C PRO C 221 -1.01 -3.25 -4.16
N TYR C 222 0.29 -3.57 -4.15
CA TYR C 222 0.93 -4.35 -5.22
C TYR C 222 0.26 -5.67 -5.59
N TYR C 223 -0.03 -6.49 -4.58
CA TYR C 223 -0.67 -7.78 -4.83
C TYR C 223 -2.20 -7.80 -4.75
N THR C 224 -2.79 -6.77 -4.11
CA THR C 224 -4.26 -6.62 -4.13
C THR C 224 -4.74 -6.28 -5.56
N ILE C 225 -4.02 -5.38 -6.23
CA ILE C 225 -4.32 -5.02 -7.62
C ILE C 225 -4.07 -6.19 -8.60
N LYS C 226 -3.03 -7.01 -8.35
CA LYS C 226 -2.74 -8.20 -9.16
C LYS C 226 -3.82 -9.26 -9.05
N ASP C 227 -4.24 -9.52 -7.81
CA ASP C 227 -5.29 -10.49 -7.53
C ASP C 227 -6.64 -10.13 -8.20
N ILE C 228 -6.95 -8.83 -8.28
CA ILE C 228 -8.14 -8.32 -8.99
C ILE C 228 -8.08 -8.68 -10.48
N LEU C 229 -6.92 -8.42 -11.09
CA LEU C 229 -6.70 -8.72 -12.50
C LEU C 229 -6.81 -10.24 -12.77
N GLY C 230 -6.25 -11.04 -11.86
CA GLY C 230 -6.32 -12.49 -11.93
C GLY C 230 -7.74 -13.03 -11.83
N ALA C 231 -8.49 -12.51 -10.86
CA ALA C 231 -9.91 -12.83 -10.67
C ALA C 231 -10.72 -12.55 -11.92
N LEU C 232 -10.42 -11.40 -12.54
CA LEU C 232 -11.06 -10.98 -13.77
C LEU C 232 -10.81 -11.99 -14.91
N LEU C 233 -9.58 -12.48 -14.99
CA LEU C 233 -9.21 -13.51 -15.97
C LEU C 233 -9.86 -14.87 -15.70
N LEU C 234 -10.03 -15.22 -14.43
CA LEU C 234 -10.78 -16.44 -14.04
C LEU C 234 -12.25 -16.36 -14.43
N ILE C 235 -12.88 -15.20 -14.19
CA ILE C 235 -14.26 -14.97 -14.59
C ILE C 235 -14.42 -15.10 -16.12
N LEU C 236 -13.46 -14.58 -16.89
CA LEU C 236 -13.48 -14.72 -18.36
C LEU C 236 -13.49 -16.18 -18.80
N ALA C 237 -12.55 -16.97 -18.27
CA ALA C 237 -12.45 -18.40 -18.56
C ALA C 237 -13.75 -19.14 -18.23
N LEU C 238 -14.28 -18.92 -17.02
CA LEU C 238 -15.54 -19.50 -16.57
C LEU C 238 -16.70 -19.15 -17.50
N MET C 239 -16.90 -17.86 -17.74
CA MET C 239 -17.99 -17.35 -18.58
C MET C 239 -17.89 -17.71 -20.07
N LEU C 240 -16.66 -17.91 -20.55
CA LEU C 240 -16.43 -18.42 -21.91
C LEU C 240 -16.99 -19.83 -22.06
N LEU C 241 -16.77 -20.67 -21.04
CA LEU C 241 -17.39 -21.98 -20.99
C LEU C 241 -18.92 -21.91 -20.82
N VAL C 242 -19.39 -21.17 -19.82
CA VAL C 242 -20.83 -21.09 -19.47
C VAL C 242 -21.72 -20.54 -20.61
N LEU C 243 -21.21 -19.51 -21.29
CA LEU C 243 -21.99 -18.83 -22.32
C LEU C 243 -21.71 -19.25 -23.77
N PHE C 244 -20.60 -19.96 -24.01
CA PHE C 244 -20.27 -20.44 -25.36
C PHE C 244 -20.15 -21.94 -25.56
N ALA C 245 -19.72 -22.67 -24.53
CA ALA C 245 -19.67 -24.15 -24.60
C ALA C 245 -19.92 -24.83 -23.24
N PRO C 246 -21.15 -24.73 -22.71
CA PRO C 246 -21.38 -25.22 -21.33
C PRO C 246 -21.25 -26.74 -21.16
N ASP C 247 -21.41 -27.50 -22.24
CA ASP C 247 -21.36 -28.96 -22.20
C ASP C 247 -19.99 -29.58 -22.57
N LEU C 248 -19.02 -28.74 -22.93
CA LEU C 248 -17.73 -29.18 -23.47
C LEU C 248 -16.91 -30.07 -22.53
N LEU C 249 -16.96 -29.77 -21.24
CA LEU C 249 -16.17 -30.49 -20.24
C LEU C 249 -16.93 -31.61 -19.52
N GLY C 250 -18.11 -31.93 -20.04
CA GLY C 250 -18.94 -33.01 -19.51
C GLY C 250 -19.00 -34.20 -20.44
N ASP C 251 -20.04 -35.01 -20.25
CA ASP C 251 -20.33 -36.19 -21.03
C ASP C 251 -21.82 -36.17 -21.34
N PRO C 252 -22.21 -36.52 -22.59
CA PRO C 252 -23.63 -36.53 -22.97
C PRO C 252 -24.54 -37.47 -22.16
N ASP C 253 -24.04 -38.65 -21.80
CA ASP C 253 -24.81 -39.68 -21.11
C ASP C 253 -25.47 -39.26 -19.79
N ASN C 254 -25.06 -38.11 -19.27
CA ASN C 254 -25.67 -37.56 -18.07
C ASN C 254 -26.87 -36.64 -18.37
N TYR C 255 -27.38 -36.75 -19.60
CA TYR C 255 -28.63 -36.10 -20.00
C TYR C 255 -29.80 -37.07 -20.12
N THR C 256 -29.53 -38.38 -20.08
CA THR C 256 -30.56 -39.42 -19.92
C THR C 256 -30.58 -39.90 -18.46
N PRO C 257 -31.78 -40.04 -17.86
CA PRO C 257 -31.92 -40.49 -16.44
C PRO C 257 -31.26 -41.84 -16.13
N ALA C 258 -30.97 -42.08 -14.84
CA ALA C 258 -30.25 -43.28 -14.41
C ALA C 258 -31.08 -44.55 -14.59
N ASN C 259 -30.48 -45.56 -15.24
CA ASN C 259 -31.13 -46.85 -15.52
C ASN C 259 -30.26 -48.00 -14.97
N PRO C 260 -30.76 -48.73 -13.94
CA PRO C 260 -29.97 -49.82 -13.35
C PRO C 260 -29.77 -51.04 -14.24
N LEU C 261 -30.50 -51.12 -15.36
CA LEU C 261 -30.32 -52.18 -16.35
C LEU C 261 -29.37 -51.73 -17.46
N ASN C 262 -29.79 -50.72 -18.22
CA ASN C 262 -29.09 -50.21 -19.40
C ASN C 262 -27.73 -49.55 -19.09
N THR C 263 -26.63 -50.26 -19.38
CA THR C 263 -25.27 -49.78 -19.12
C THR C 263 -24.75 -48.85 -20.26
N PRO C 264 -24.12 -47.70 -19.91
CA PRO C 264 -23.43 -46.85 -20.90
C PRO C 264 -22.22 -47.54 -21.51
N PRO C 265 -21.86 -47.19 -22.76
CA PRO C 265 -20.80 -47.90 -23.51
C PRO C 265 -19.44 -47.90 -22.80
N HIS C 266 -18.86 -46.73 -22.57
CA HIS C 266 -17.57 -46.62 -21.91
C HIS C 266 -17.68 -45.70 -20.70
N ILE C 267 -17.94 -46.32 -19.55
CA ILE C 267 -18.15 -45.66 -18.27
C ILE C 267 -16.86 -45.08 -17.70
N LYS C 268 -16.89 -43.79 -17.33
CA LYS C 268 -15.69 -43.05 -16.90
C LYS C 268 -16.01 -41.92 -15.92
N PRO C 269 -15.06 -41.57 -14.99
CA PRO C 269 -15.36 -40.44 -14.11
C PRO C 269 -15.14 -39.11 -14.85
N GLU C 270 -15.35 -37.98 -14.17
CA GLU C 270 -15.13 -36.67 -14.81
C GLU C 270 -13.62 -36.42 -15.06
N TRP C 271 -13.31 -35.53 -16.02
CA TRP C 271 -11.94 -35.36 -16.57
C TRP C 271 -10.77 -35.29 -15.57
N TYR C 272 -11.01 -34.65 -14.42
CA TYR C 272 -10.00 -34.41 -13.39
C TYR C 272 -9.62 -35.64 -12.55
N PHE C 273 -10.31 -36.76 -12.77
CA PHE C 273 -9.92 -38.03 -12.14
C PHE C 273 -9.30 -39.01 -13.13
N LEU C 274 -9.33 -38.67 -14.41
CA LEU C 274 -8.97 -39.62 -15.48
C LEU C 274 -7.54 -40.16 -15.41
N PHE C 275 -6.61 -39.34 -14.92
CA PHE C 275 -5.22 -39.75 -14.77
C PHE C 275 -5.09 -40.94 -13.81
N ALA C 276 -5.84 -40.88 -12.71
CA ALA C 276 -5.80 -41.88 -11.65
C ALA C 276 -6.66 -43.09 -12.00
N TYR C 277 -7.68 -42.87 -12.81
CA TYR C 277 -8.52 -43.94 -13.35
C TYR C 277 -7.69 -44.85 -14.28
N ALA C 278 -6.82 -44.24 -15.08
CA ALA C 278 -5.89 -44.96 -15.97
C ALA C 278 -4.85 -45.80 -15.19
N ILE C 279 -4.34 -45.26 -14.09
CA ILE C 279 -3.37 -45.97 -13.22
C ILE C 279 -4.02 -47.22 -12.60
N LEU C 280 -5.28 -47.07 -12.17
CA LEU C 280 -6.10 -48.17 -11.62
C LEU C 280 -6.22 -49.33 -12.60
N ARG C 281 -6.50 -49.01 -13.87
CA ARG C 281 -6.64 -49.99 -14.94
C ARG C 281 -5.32 -50.55 -15.48
N SER C 282 -4.20 -49.97 -15.09
CA SER C 282 -2.87 -50.49 -15.46
C SER C 282 -2.58 -51.82 -14.80
N ILE C 283 -2.84 -51.90 -13.50
CA ILE C 283 -2.63 -53.13 -12.74
C ILE C 283 -3.77 -54.12 -13.05
N PRO C 284 -3.43 -55.37 -13.45
CA PRO C 284 -4.45 -56.40 -13.72
C PRO C 284 -5.23 -56.92 -12.49
N ASN C 285 -4.55 -57.03 -11.33
CA ASN C 285 -5.19 -57.42 -10.07
C ASN C 285 -5.95 -56.25 -9.44
N LYS C 286 -7.16 -56.53 -8.93
CA LYS C 286 -8.07 -55.48 -8.48
C LYS C 286 -7.66 -54.74 -7.19
N LEU C 287 -7.26 -55.47 -6.15
CA LEU C 287 -6.75 -54.87 -4.90
C LEU C 287 -5.45 -54.11 -5.14
N GLY C 288 -4.58 -54.67 -5.99
CA GLY C 288 -3.38 -54.00 -6.46
C GLY C 288 -3.70 -52.67 -7.11
N GLY C 289 -4.69 -52.68 -8.01
CA GLY C 289 -5.19 -51.49 -8.69
C GLY C 289 -5.72 -50.41 -7.77
N VAL C 290 -6.40 -50.81 -6.70
CA VAL C 290 -6.94 -49.90 -5.68
C VAL C 290 -5.80 -49.23 -4.85
N LEU C 291 -4.84 -50.04 -4.43
CA LEU C 291 -3.65 -49.55 -3.73
C LEU C 291 -2.78 -48.62 -4.59
N ALA C 292 -2.77 -48.83 -5.90
CA ALA C 292 -2.06 -47.96 -6.84
C ALA C 292 -2.78 -46.62 -7.04
N LEU C 293 -4.11 -46.68 -7.15
CA LEU C 293 -4.95 -45.48 -7.26
C LEU C 293 -4.85 -44.61 -6.01
N ALA C 294 -4.81 -45.24 -4.84
CA ALA C 294 -4.58 -44.52 -3.58
C ALA C 294 -3.17 -43.92 -3.49
N PHE C 295 -2.15 -44.70 -3.90
CA PHE C 295 -0.76 -44.23 -3.86
C PHE C 295 -0.44 -43.18 -4.94
N SER C 296 -1.25 -43.14 -6.00
CA SER C 296 -1.08 -42.13 -7.06
C SER C 296 -1.34 -40.69 -6.57
N ILE C 297 -2.15 -40.55 -5.52
CA ILE C 297 -2.44 -39.26 -4.90
C ILE C 297 -1.62 -39.06 -3.61
N LEU C 298 -1.57 -40.09 -2.77
CA LEU C 298 -0.87 -40.02 -1.47
C LEU C 298 0.65 -39.80 -1.58
N ILE C 299 1.23 -40.17 -2.72
CA ILE C 299 2.64 -39.91 -3.02
C ILE C 299 3.03 -38.43 -2.86
N LEU C 300 2.05 -37.52 -2.90
CA LEU C 300 2.29 -36.10 -2.64
C LEU C 300 2.88 -35.86 -1.26
N ALA C 301 2.48 -36.69 -0.29
CA ALA C 301 3.02 -36.66 1.07
C ALA C 301 4.47 -37.16 1.15
N LEU C 302 4.87 -37.97 0.17
CA LEU C 302 6.26 -38.44 0.06
C LEU C 302 7.26 -37.42 -0.52
N ILE C 303 6.78 -36.51 -1.37
CA ILE C 303 7.63 -35.56 -2.14
C ILE C 303 8.73 -34.82 -1.34
N PRO C 304 8.39 -34.21 -0.16
CA PRO C 304 9.44 -33.52 0.62
C PRO C 304 10.57 -34.42 1.10
N LEU C 305 10.27 -35.67 1.43
CA LEU C 305 11.29 -36.63 1.80
C LEU C 305 12.21 -37.04 0.65
N LEU C 306 11.72 -36.96 -0.58
CA LEU C 306 12.48 -37.33 -1.78
C LEU C 306 13.40 -36.23 -2.34
N HIS C 307 13.44 -35.07 -1.67
CA HIS C 307 14.24 -33.92 -2.11
C HIS C 307 15.73 -34.13 -1.87
N THR C 308 16.53 -34.02 -2.94
CA THR C 308 17.97 -34.26 -2.87
C THR C 308 18.82 -33.03 -3.15
N SER C 309 18.32 -32.13 -4.00
CA SER C 309 19.09 -30.97 -4.47
C SER C 309 19.41 -29.98 -3.37
N LYS C 310 20.63 -29.43 -3.43
CA LYS C 310 21.12 -28.40 -2.49
C LYS C 310 20.50 -27.03 -2.79
N GLN C 311 19.92 -26.90 -3.98
CA GLN C 311 19.12 -25.74 -4.36
C GLN C 311 17.64 -26.07 -4.18
N ARG C 312 16.85 -25.09 -3.75
CA ARG C 312 15.43 -25.29 -3.44
C ARG C 312 14.54 -25.28 -4.69
N SER C 313 14.67 -24.25 -5.52
CA SER C 313 13.91 -24.12 -6.78
C SER C 313 14.58 -24.86 -7.95
N MET C 314 13.77 -25.22 -8.94
CA MET C 314 14.26 -25.81 -10.19
C MET C 314 14.78 -24.78 -11.19
N MET C 315 14.67 -23.49 -10.86
CA MET C 315 15.08 -22.40 -11.73
C MET C 315 16.50 -22.58 -12.26
N PHE C 316 17.43 -22.95 -11.37
CA PHE C 316 18.84 -23.10 -11.73
C PHE C 316 19.26 -24.57 -11.88
N ARG C 317 18.33 -25.38 -12.39
CA ARG C 317 18.47 -26.84 -12.46
C ARG C 317 17.89 -27.43 -13.76
N PRO C 318 18.68 -27.48 -14.86
CA PRO C 318 18.22 -27.92 -16.18
C PRO C 318 17.67 -29.34 -16.27
N LEU C 319 18.38 -30.31 -15.69
CA LEU C 319 17.98 -31.73 -15.74
C LEU C 319 16.63 -31.97 -15.09
N SER C 320 16.45 -31.36 -13.91
CA SER C 320 15.21 -31.45 -13.14
C SER C 320 14.05 -30.83 -13.90
N GLN C 321 14.30 -29.68 -14.51
CA GLN C 321 13.31 -28.97 -15.32
C GLN C 321 12.69 -29.85 -16.40
N CYS C 322 13.55 -30.57 -17.12
CA CYS C 322 13.12 -31.46 -18.19
C CYS C 322 12.31 -32.64 -17.67
N LEU C 323 12.81 -33.25 -16.60
CA LEU C 323 12.10 -34.33 -15.93
C LEU C 323 10.74 -33.90 -15.36
N PHE C 324 10.66 -32.65 -14.88
CA PHE C 324 9.39 -32.05 -14.44
C PHE C 324 8.38 -31.95 -15.59
N TRP C 325 8.81 -31.37 -16.71
CA TRP C 325 7.95 -31.21 -17.89
C TRP C 325 7.60 -32.54 -18.55
N ALA C 326 8.48 -33.53 -18.39
CA ALA C 326 8.18 -34.92 -18.74
C ALA C 326 7.03 -35.47 -17.88
N LEU C 327 7.12 -35.29 -16.55
CA LEU C 327 6.05 -35.68 -15.62
C LEU C 327 4.70 -35.03 -15.94
N VAL C 328 4.71 -33.78 -16.40
CA VAL C 328 3.49 -33.05 -16.78
C VAL C 328 2.89 -33.68 -18.04
N ALA C 329 3.71 -33.83 -19.07
CA ALA C 329 3.30 -34.47 -20.31
C ALA C 329 2.77 -35.90 -20.08
N ASP C 330 3.37 -36.62 -19.14
CA ASP C 330 2.96 -37.98 -18.79
C ASP C 330 1.55 -37.98 -18.18
N LEU C 331 1.28 -36.99 -17.33
CA LEU C 331 -0.04 -36.83 -16.71
C LEU C 331 -1.12 -36.51 -17.74
N LEU C 332 -0.76 -35.70 -18.74
CA LEU C 332 -1.64 -35.42 -19.87
C LEU C 332 -1.94 -36.69 -20.67
N THR C 333 -0.94 -37.58 -20.76
CA THR C 333 -1.07 -38.87 -21.45
C THR C 333 -1.98 -39.83 -20.68
N LEU C 334 -1.84 -39.84 -19.35
CA LEU C 334 -2.72 -40.64 -18.48
C LEU C 334 -4.18 -40.18 -18.51
N THR C 335 -4.40 -38.87 -18.68
CA THR C 335 -5.75 -38.30 -18.82
C THR C 335 -6.40 -38.74 -20.13
N TRP C 336 -5.62 -38.71 -21.21
CA TRP C 336 -6.06 -39.23 -22.51
C TRP C 336 -6.42 -40.72 -22.44
N ILE C 337 -5.48 -41.53 -21.96
CA ILE C 337 -5.64 -42.99 -21.82
C ILE C 337 -6.80 -43.35 -20.89
N GLY C 338 -7.00 -42.55 -19.84
CA GLY C 338 -8.15 -42.71 -18.94
C GLY C 338 -9.50 -42.62 -19.64
N GLY C 339 -9.59 -41.76 -20.66
CA GLY C 339 -10.81 -41.59 -21.45
C GLY C 339 -11.07 -42.64 -22.52
N GLN C 340 -10.09 -43.51 -22.77
CA GLN C 340 -10.16 -44.53 -23.83
C GLN C 340 -10.71 -45.88 -23.37
N PRO C 341 -11.34 -46.67 -24.29
CA PRO C 341 -11.69 -48.07 -23.99
C PRO C 341 -10.47 -48.97 -23.81
N VAL C 342 -10.64 -50.02 -23.02
CA VAL C 342 -9.56 -50.96 -22.67
C VAL C 342 -9.33 -51.92 -23.85
N GLU C 343 -8.38 -51.53 -24.72
CA GLU C 343 -8.01 -52.28 -25.94
C GLU C 343 -6.61 -51.91 -26.44
N HIS C 344 -6.13 -52.60 -27.47
CA HIS C 344 -4.86 -52.28 -28.11
C HIS C 344 -4.95 -50.92 -28.83
N PRO C 345 -3.94 -50.05 -28.69
CA PRO C 345 -2.83 -50.27 -27.77
C PRO C 345 -2.97 -49.54 -26.44
N TYR C 346 -4.13 -48.90 -26.23
CA TYR C 346 -4.43 -48.13 -25.02
C TYR C 346 -4.03 -48.81 -23.70
N ILE C 347 -4.11 -50.14 -23.68
CA ILE C 347 -3.64 -50.96 -22.56
C ILE C 347 -2.15 -50.73 -22.34
N THR C 348 -1.36 -51.02 -23.38
CA THR C 348 0.11 -50.94 -23.33
C THR C 348 0.63 -49.53 -23.06
N ILE C 349 0.09 -48.53 -23.78
CA ILE C 349 0.41 -47.11 -23.53
C ILE C 349 0.15 -46.74 -22.06
N GLY C 350 -1.04 -47.11 -21.55
CA GLY C 350 -1.44 -46.87 -20.16
C GLY C 350 -0.51 -47.47 -19.11
N GLN C 351 -0.11 -48.73 -19.35
CA GLN C 351 0.88 -49.42 -18.51
C GLN C 351 2.20 -48.66 -18.50
N LEU C 352 2.73 -48.37 -19.69
CA LEU C 352 3.97 -47.65 -19.85
C LEU C 352 3.95 -46.24 -19.24
N ALA C 353 2.81 -45.54 -19.33
CA ALA C 353 2.65 -44.21 -18.72
C ALA C 353 2.63 -44.26 -17.18
N SER C 354 1.92 -45.26 -16.64
CA SER C 354 1.82 -45.50 -15.20
C SER C 354 3.15 -45.87 -14.55
N VAL C 355 3.94 -46.71 -15.22
CA VAL C 355 5.30 -47.06 -14.78
C VAL C 355 6.17 -45.79 -14.75
N LEU C 356 6.08 -44.98 -15.81
CA LEU C 356 6.84 -43.73 -15.93
C LEU C 356 6.51 -42.67 -14.88
N TYR C 357 5.24 -42.61 -14.47
CA TYR C 357 4.77 -41.70 -13.41
C TYR C 357 5.51 -41.92 -12.09
N PHE C 358 5.45 -43.15 -11.60
CA PHE C 358 6.10 -43.52 -10.33
C PHE C 358 7.63 -43.59 -10.45
N LEU C 359 8.12 -43.93 -11.65
CA LEU C 359 9.55 -43.96 -11.92
C LEU C 359 10.16 -42.56 -11.84
N LEU C 360 9.46 -41.56 -12.42
CA LEU C 360 9.87 -40.15 -12.36
C LEU C 360 9.94 -39.58 -10.94
N ILE C 361 8.93 -39.87 -10.12
CA ILE C 361 8.86 -39.36 -8.74
C ILE C 361 9.82 -40.09 -7.79
N LEU C 362 9.87 -41.41 -7.85
CA LEU C 362 10.64 -42.19 -6.87
C LEU C 362 12.11 -42.45 -7.20
N VAL C 363 12.51 -42.36 -8.47
CA VAL C 363 13.89 -42.68 -8.88
C VAL C 363 14.58 -41.57 -9.69
N LEU C 364 13.97 -41.16 -10.79
CA LEU C 364 14.63 -40.28 -11.77
C LEU C 364 14.89 -38.84 -11.27
N MET C 365 13.88 -38.20 -10.68
CA MET C 365 14.03 -36.83 -10.16
C MET C 365 14.90 -36.70 -8.92
N PRO C 366 14.90 -37.72 -8.02
CA PRO C 366 15.94 -37.78 -6.98
C PRO C 366 17.39 -37.94 -7.48
N THR C 367 17.60 -38.82 -8.47
CA THR C 367 18.93 -39.03 -9.08
C THR C 367 19.41 -37.76 -9.77
N ALA C 368 18.50 -37.12 -10.49
CA ALA C 368 18.78 -35.88 -11.22
C ALA C 368 19.31 -34.77 -10.30
N GLY C 369 18.72 -34.67 -9.11
CA GLY C 369 19.15 -33.70 -8.09
C GLY C 369 20.58 -33.91 -7.66
N THR C 370 20.93 -35.18 -7.41
CA THR C 370 22.27 -35.61 -6.99
C THR C 370 23.33 -35.42 -8.08
N ILE C 371 22.96 -35.68 -9.34
CA ILE C 371 23.84 -35.42 -10.49
C ILE C 371 24.14 -33.92 -10.62
N GLU C 372 23.09 -33.10 -10.48
CA GLU C 372 23.21 -31.64 -10.48
C GLU C 372 24.15 -31.10 -9.41
N ASN C 373 24.05 -31.66 -8.20
CA ASN C 373 24.92 -31.30 -7.08
C ASN C 373 26.39 -31.59 -7.39
N LYS C 374 26.68 -32.82 -7.83
CA LYS C 374 28.05 -33.24 -8.16
C LYS C 374 28.62 -32.50 -9.37
N LEU C 375 27.75 -31.89 -10.19
CA LEU C 375 28.20 -31.00 -11.28
C LEU C 375 28.64 -29.60 -10.76
N LEU C 376 28.12 -29.23 -9.59
CA LEU C 376 28.45 -27.96 -8.94
C LEU C 376 29.52 -28.07 -7.83
N LYS C 377 30.15 -29.24 -7.73
CA LYS C 377 31.13 -29.58 -6.65
C LYS C 377 30.51 -29.45 -5.26
N TRP C 378 29.44 -30.20 -5.03
CA TRP C 378 28.58 -30.06 -3.86
C TRP C 378 28.28 -31.39 -3.19
N ASP D 1 -18.32 -54.21 -35.91
CA ASP D 1 -18.55 -53.03 -35.02
C ASP D 1 -17.61 -51.84 -35.29
N LEU D 2 -17.51 -51.46 -36.58
CA LEU D 2 -16.82 -50.22 -36.98
C LEU D 2 -17.73 -49.01 -36.70
N GLU D 3 -17.20 -47.80 -36.92
CA GLU D 3 -18.00 -46.60 -36.66
C GLU D 3 -17.86 -45.50 -37.72
N LEU D 4 -19.02 -45.01 -38.18
CA LEU D 4 -19.09 -43.85 -39.08
C LEU D 4 -19.71 -42.66 -38.33
N HIS D 5 -18.87 -41.68 -38.03
CA HIS D 5 -19.26 -40.48 -37.29
C HIS D 5 -19.85 -39.42 -38.25
N PRO D 6 -20.82 -38.60 -37.79
CA PRO D 6 -21.53 -37.65 -38.69
C PRO D 6 -20.67 -36.47 -39.14
N PRO D 7 -20.98 -35.89 -40.33
CA PRO D 7 -20.29 -34.66 -40.74
C PRO D 7 -20.92 -33.40 -40.11
N SER D 8 -20.22 -32.26 -40.22
CA SER D 8 -20.65 -31.00 -39.60
C SER D 8 -21.40 -30.11 -40.57
N TYR D 9 -22.73 -30.16 -40.48
CA TYR D 9 -23.63 -29.40 -41.36
C TYR D 9 -23.68 -27.91 -40.94
N PRO D 10 -23.75 -26.98 -41.93
CA PRO D 10 -23.72 -25.56 -41.59
C PRO D 10 -25.10 -25.07 -41.15
N TRP D 11 -25.40 -25.29 -39.87
CA TRP D 11 -26.65 -24.86 -39.25
C TRP D 11 -26.69 -23.33 -39.15
N SER D 12 -27.90 -22.78 -39.15
CA SER D 12 -28.07 -21.32 -39.03
C SER D 12 -27.72 -20.79 -37.63
N HIS D 13 -27.52 -21.72 -36.69
CA HIS D 13 -27.16 -21.42 -35.31
C HIS D 13 -25.77 -21.95 -34.90
N ARG D 14 -24.96 -22.34 -35.89
CA ARG D 14 -23.62 -22.91 -35.68
C ARG D 14 -22.61 -21.95 -35.06
N GLY D 15 -22.61 -20.69 -35.51
CA GLY D 15 -21.66 -19.66 -35.06
C GLY D 15 -21.76 -19.27 -33.59
N LEU D 16 -20.76 -18.54 -33.10
CA LEU D 16 -20.70 -18.11 -31.70
C LEU D 16 -21.87 -17.22 -31.27
N LEU D 17 -22.23 -16.27 -32.15
CA LEU D 17 -23.30 -15.30 -31.85
C LEU D 17 -24.60 -15.52 -32.64
N SER D 18 -24.72 -16.69 -33.26
CA SER D 18 -25.86 -17.02 -34.15
C SER D 18 -27.04 -17.62 -33.39
N SER D 19 -28.21 -17.01 -33.56
CA SER D 19 -29.43 -17.46 -32.89
C SER D 19 -30.09 -18.62 -33.64
N LEU D 20 -31.08 -19.24 -33.00
CA LEU D 20 -31.92 -20.25 -33.64
C LEU D 20 -32.89 -19.60 -34.63
N ASP D 21 -33.09 -20.27 -35.76
CA ASP D 21 -34.11 -19.90 -36.74
C ASP D 21 -35.49 -20.31 -36.21
N HIS D 22 -36.24 -19.33 -35.68
CA HIS D 22 -37.52 -19.57 -34.99
C HIS D 22 -38.66 -20.02 -35.89
N THR D 23 -38.63 -19.64 -37.17
CA THR D 23 -39.60 -20.11 -38.15
C THR D 23 -39.32 -21.58 -38.47
N SER D 24 -38.05 -21.97 -38.42
CA SER D 24 -37.64 -23.38 -38.54
C SER D 24 -38.09 -24.21 -37.32
N ILE D 25 -38.11 -23.58 -36.14
CA ILE D 25 -38.63 -24.19 -34.91
C ILE D 25 -40.14 -24.46 -35.02
N ARG D 26 -40.87 -23.48 -35.58
CA ARG D 26 -42.32 -23.58 -35.82
C ARG D 26 -42.71 -24.76 -36.74
N ARG D 27 -41.90 -24.97 -37.78
CA ARG D 27 -42.03 -26.13 -38.66
C ARG D 27 -41.67 -27.42 -37.94
N GLY D 28 -40.48 -27.42 -37.30
CA GLY D 28 -39.97 -28.57 -36.57
C GLY D 28 -40.86 -29.15 -35.49
N PHE D 29 -41.60 -28.26 -34.81
CA PHE D 29 -42.62 -28.66 -33.82
C PHE D 29 -43.68 -29.52 -34.46
N GLN D 30 -44.15 -29.07 -35.63
CA GLN D 30 -45.20 -29.76 -36.37
C GLN D 30 -44.72 -31.13 -36.83
N VAL D 31 -43.41 -31.27 -37.08
CA VAL D 31 -42.80 -32.56 -37.44
C VAL D 31 -42.80 -33.54 -36.25
N TYR D 32 -42.68 -33.01 -35.04
CA TYR D 32 -42.86 -33.82 -33.84
C TYR D 32 -44.33 -34.21 -33.65
N LYS D 33 -45.22 -33.21 -33.74
CA LYS D 33 -46.67 -33.37 -33.58
C LYS D 33 -47.26 -34.40 -34.55
N GLN D 34 -47.01 -34.22 -35.84
CA GLN D 34 -47.61 -35.07 -36.87
C GLN D 34 -46.97 -36.45 -36.95
N VAL D 35 -45.67 -36.54 -36.70
CA VAL D 35 -44.89 -37.77 -36.97
C VAL D 35 -44.40 -38.53 -35.72
N CYS D 36 -43.78 -37.82 -34.77
CA CYS D 36 -43.15 -38.47 -33.62
C CYS D 36 -44.09 -38.79 -32.45
N SER D 37 -44.96 -37.83 -32.11
CA SER D 37 -45.71 -37.82 -30.84
C SER D 37 -46.66 -39.01 -30.56
N SER D 38 -46.76 -39.93 -31.53
CA SER D 38 -47.49 -41.19 -31.36
C SER D 38 -46.56 -42.36 -31.02
N CYS D 39 -45.27 -42.07 -30.86
CA CYS D 39 -44.24 -43.07 -30.55
C CYS D 39 -43.30 -42.61 -29.44
N HIS D 40 -42.84 -41.36 -29.53
CA HIS D 40 -41.93 -40.76 -28.54
C HIS D 40 -42.63 -39.78 -27.62
N SER D 41 -42.32 -39.84 -26.34
CA SER D 41 -42.74 -38.82 -25.38
C SER D 41 -41.75 -37.66 -25.41
N MET D 42 -42.17 -36.51 -24.90
CA MET D 42 -41.29 -35.34 -24.73
C MET D 42 -41.74 -34.58 -23.50
N ASP D 43 -41.34 -35.11 -22.33
CA ASP D 43 -41.99 -34.82 -21.04
C ASP D 43 -41.79 -33.40 -20.49
N TYR D 44 -40.64 -32.79 -20.77
CA TYR D 44 -40.28 -31.53 -20.12
C TYR D 44 -40.74 -30.27 -20.86
N VAL D 45 -41.42 -30.46 -21.99
CA VAL D 45 -41.95 -29.36 -22.80
C VAL D 45 -43.47 -29.29 -22.59
N ALA D 46 -43.95 -28.14 -22.13
CA ALA D 46 -45.39 -27.86 -22.01
C ALA D 46 -45.86 -26.93 -23.13
N TYR D 47 -47.19 -26.81 -23.29
CA TYR D 47 -47.78 -25.96 -24.32
C TYR D 47 -47.50 -24.46 -24.11
N ARG D 48 -47.30 -24.07 -22.85
CA ARG D 48 -46.91 -22.71 -22.48
C ARG D 48 -45.49 -22.37 -22.99
N HIS D 49 -44.61 -23.37 -23.05
CA HIS D 49 -43.21 -23.21 -23.49
C HIS D 49 -43.08 -22.65 -24.91
N LEU D 50 -44.08 -22.93 -25.74
CA LEU D 50 -44.06 -22.50 -27.15
C LEU D 50 -44.34 -21.00 -27.33
N VAL D 51 -45.02 -20.39 -26.36
CA VAL D 51 -45.41 -18.96 -26.43
C VAL D 51 -44.18 -18.05 -26.40
N GLY D 52 -44.10 -17.13 -27.37
CA GLY D 52 -42.99 -16.18 -27.48
C GLY D 52 -41.71 -16.81 -28.04
N VAL D 53 -41.88 -17.96 -28.69
CA VAL D 53 -40.79 -18.71 -29.32
C VAL D 53 -41.16 -19.03 -30.78
N CYS D 54 -42.24 -19.77 -30.98
CA CYS D 54 -42.72 -20.12 -32.31
C CYS D 54 -44.22 -19.89 -32.50
N TYR D 55 -44.97 -19.76 -31.41
CA TYR D 55 -46.43 -19.51 -31.45
C TYR D 55 -46.86 -18.39 -30.50
N THR D 56 -48.00 -17.77 -30.78
CA THR D 56 -48.56 -16.76 -29.87
C THR D 56 -49.27 -17.44 -28.70
N GLU D 57 -49.76 -16.65 -27.75
CA GLU D 57 -50.54 -17.18 -26.63
C GLU D 57 -51.85 -17.84 -27.12
N ASP D 58 -52.52 -17.15 -28.04
CA ASP D 58 -53.79 -17.63 -28.61
C ASP D 58 -53.61 -18.90 -29.46
N GLU D 59 -52.52 -18.96 -30.22
CA GLU D 59 -52.19 -20.15 -31.04
C GLU D 59 -51.90 -21.38 -30.17
N ALA D 60 -51.11 -21.18 -29.12
CA ALA D 60 -50.71 -22.24 -28.21
C ALA D 60 -51.85 -22.74 -27.34
N LYS D 61 -52.82 -21.86 -27.04
CA LYS D 61 -54.07 -22.25 -26.36
C LYS D 61 -54.90 -23.20 -27.23
N ALA D 62 -54.95 -22.92 -28.54
CA ALA D 62 -55.68 -23.75 -29.51
C ALA D 62 -55.04 -25.14 -29.65
N LEU D 63 -53.70 -25.16 -29.74
CA LEU D 63 -52.91 -26.39 -29.81
C LEU D 63 -53.07 -27.28 -28.59
N ALA D 64 -53.22 -26.64 -27.42
CA ALA D 64 -53.39 -27.33 -26.13
C ALA D 64 -54.77 -27.96 -26.02
N GLU D 65 -55.79 -27.20 -26.42
CA GLU D 65 -57.19 -27.64 -26.36
C GLU D 65 -57.48 -28.86 -27.22
N GLU D 66 -56.68 -29.04 -28.28
CA GLU D 66 -56.80 -30.15 -29.23
C GLU D 66 -56.55 -31.55 -28.67
N VAL D 67 -55.86 -31.65 -27.53
CA VAL D 67 -55.44 -32.95 -27.00
C VAL D 67 -56.16 -33.38 -25.72
N GLU D 68 -56.32 -34.69 -25.55
CA GLU D 68 -56.90 -35.33 -24.36
C GLU D 68 -55.89 -35.35 -23.21
N VAL D 69 -56.38 -35.25 -21.98
CA VAL D 69 -55.56 -35.44 -20.75
C VAL D 69 -56.44 -35.78 -19.54
N GLN D 70 -55.96 -36.72 -18.73
CA GLN D 70 -56.64 -37.14 -17.50
C GLN D 70 -56.47 -36.09 -16.42
N ASP D 71 -57.52 -35.89 -15.62
CA ASP D 71 -57.51 -35.00 -14.46
C ASP D 71 -58.45 -35.53 -13.37
N GLY D 72 -58.19 -35.16 -12.11
CA GLY D 72 -59.04 -35.57 -11.00
C GLY D 72 -58.31 -35.71 -9.66
N PRO D 73 -58.99 -36.24 -8.64
CA PRO D 73 -60.40 -36.64 -8.71
C PRO D 73 -61.35 -35.44 -8.58
N ASN D 74 -62.64 -35.74 -8.50
CA ASN D 74 -63.70 -34.74 -8.44
C ASN D 74 -64.64 -35.07 -7.27
N GLU D 75 -65.65 -34.22 -7.06
CA GLU D 75 -66.62 -34.36 -5.94
C GLU D 75 -67.03 -35.80 -5.59
N ASP D 76 -67.24 -36.63 -6.61
CA ASP D 76 -67.66 -38.02 -6.45
C ASP D 76 -66.49 -39.02 -6.32
N GLY D 77 -65.28 -38.56 -6.62
CA GLY D 77 -64.06 -39.36 -6.46
C GLY D 77 -63.71 -40.19 -7.68
N GLU D 78 -63.76 -39.58 -8.87
CA GLU D 78 -63.50 -40.28 -10.14
C GLU D 78 -62.52 -39.53 -11.04
N MET D 79 -61.71 -40.29 -11.78
CA MET D 79 -60.74 -39.72 -12.72
C MET D 79 -61.36 -39.50 -14.10
N PHE D 80 -61.51 -38.23 -14.47
CA PHE D 80 -62.10 -37.85 -15.76
C PHE D 80 -61.06 -37.35 -16.78
N MET D 81 -61.48 -37.21 -18.04
CA MET D 81 -60.65 -36.70 -19.11
C MET D 81 -61.13 -35.31 -19.53
N ARG D 82 -60.19 -34.40 -19.77
CA ARG D 82 -60.50 -33.00 -20.11
C ARG D 82 -59.66 -32.43 -21.27
N PRO D 83 -60.13 -31.35 -21.93
CA PRO D 83 -59.30 -30.64 -22.91
C PRO D 83 -58.13 -29.94 -22.24
N GLY D 84 -56.97 -30.02 -22.89
CA GLY D 84 -55.73 -29.43 -22.37
C GLY D 84 -55.70 -27.91 -22.29
N LYS D 85 -54.82 -27.42 -21.43
CA LYS D 85 -54.58 -25.99 -21.22
C LYS D 85 -53.07 -25.74 -21.39
N LEU D 86 -52.66 -24.48 -21.25
CA LEU D 86 -51.24 -24.10 -21.38
C LEU D 86 -50.36 -24.74 -20.32
N SER D 87 -50.90 -24.92 -19.12
CA SER D 87 -50.19 -25.53 -17.99
C SER D 87 -49.90 -27.04 -18.13
N ASP D 88 -50.58 -27.70 -19.07
CA ASP D 88 -50.35 -29.11 -19.37
C ASP D 88 -49.09 -29.35 -20.19
N TYR D 89 -48.39 -30.45 -19.87
CA TYR D 89 -47.25 -30.90 -20.63
C TYR D 89 -47.67 -31.71 -21.86
N PHE D 90 -46.73 -31.94 -22.79
CA PHE D 90 -46.95 -32.75 -23.99
C PHE D 90 -47.22 -34.19 -23.60
N PRO D 91 -48.32 -34.77 -24.10
CA PRO D 91 -48.79 -36.05 -23.56
C PRO D 91 -48.01 -37.26 -24.07
N LYS D 92 -47.77 -38.21 -23.17
CA LYS D 92 -47.08 -39.45 -23.48
C LYS D 92 -47.97 -40.36 -24.36
N PRO D 93 -47.37 -41.04 -25.36
CA PRO D 93 -48.12 -41.99 -26.19
C PRO D 93 -48.73 -43.16 -25.41
N TYR D 94 -47.95 -43.79 -24.53
CA TYR D 94 -48.36 -44.98 -23.77
C TYR D 94 -48.52 -44.64 -22.28
N PRO D 95 -49.14 -45.52 -21.46
CA PRO D 95 -49.18 -45.22 -20.02
C PRO D 95 -47.87 -45.48 -19.26
N ASN D 96 -47.00 -46.34 -19.79
CA ASN D 96 -45.73 -46.72 -19.13
C ASN D 96 -44.68 -47.26 -20.13
N PRO D 97 -43.42 -47.49 -19.67
CA PRO D 97 -42.41 -48.04 -20.58
C PRO D 97 -42.67 -49.47 -21.05
N GLU D 98 -43.25 -50.31 -20.20
CA GLU D 98 -43.54 -51.71 -20.55
C GLU D 98 -44.58 -51.86 -21.66
N ALA D 99 -45.53 -50.92 -21.70
CA ALA D 99 -46.51 -50.82 -22.78
C ALA D 99 -45.85 -50.38 -24.09
N ALA D 100 -44.92 -49.42 -23.98
CA ALA D 100 -44.15 -48.90 -25.13
C ALA D 100 -43.32 -49.96 -25.86
N ARG D 101 -42.73 -50.87 -25.09
CA ARG D 101 -41.92 -51.99 -25.62
C ARG D 101 -42.75 -52.94 -26.49
N ALA D 102 -43.93 -53.29 -25.98
CA ALA D 102 -44.86 -54.18 -26.66
C ALA D 102 -45.29 -53.64 -28.02
N ALA D 103 -45.43 -52.32 -28.12
CA ALA D 103 -45.87 -51.65 -29.35
C ALA D 103 -44.78 -51.53 -30.41
N ASN D 104 -43.51 -51.67 -30.01
CA ASN D 104 -42.38 -51.48 -30.93
C ASN D 104 -41.42 -52.69 -31.02
N ASN D 105 -41.95 -53.89 -30.79
CA ASN D 105 -41.20 -55.17 -30.82
C ASN D 105 -40.01 -55.20 -29.85
N GLY D 106 -40.29 -54.98 -28.56
CA GLY D 106 -39.27 -55.03 -27.51
C GLY D 106 -38.47 -53.76 -27.31
N ALA D 107 -38.34 -52.95 -28.35
CA ALA D 107 -37.61 -51.68 -28.28
C ALA D 107 -38.42 -50.62 -27.53
N LEU D 108 -37.74 -49.79 -26.73
CA LEU D 108 -38.36 -48.68 -25.99
C LEU D 108 -37.93 -47.36 -26.60
N PRO D 109 -38.81 -46.71 -27.41
CA PRO D 109 -38.49 -45.43 -28.07
C PRO D 109 -38.12 -44.37 -27.03
N PRO D 110 -36.88 -43.83 -27.11
CA PRO D 110 -36.40 -42.86 -26.10
C PRO D 110 -37.19 -41.55 -26.11
N ASP D 111 -37.35 -40.94 -24.93
CA ASP D 111 -37.94 -39.61 -24.78
C ASP D 111 -37.06 -38.62 -25.52
N LEU D 112 -37.68 -37.68 -26.25
CA LEU D 112 -36.94 -36.77 -27.14
C LEU D 112 -36.52 -35.41 -26.55
N SER D 113 -36.91 -35.12 -25.29
CA SER D 113 -36.65 -33.82 -24.63
C SER D 113 -35.21 -33.37 -24.68
N TYR D 114 -34.30 -34.32 -24.44
CA TYR D 114 -32.87 -34.03 -24.36
C TYR D 114 -32.04 -34.81 -25.38
N ILE D 115 -32.67 -35.31 -26.44
CA ILE D 115 -31.99 -36.24 -27.36
C ILE D 115 -30.80 -35.63 -28.10
N VAL D 116 -30.89 -34.32 -28.37
CA VAL D 116 -29.78 -33.59 -28.97
C VAL D 116 -28.59 -33.55 -28.01
N ARG D 117 -28.88 -33.28 -26.73
CA ARG D 117 -27.85 -33.19 -25.69
C ARG D 117 -27.37 -34.55 -25.18
N ALA D 118 -28.18 -35.60 -25.37
CA ALA D 118 -27.87 -36.94 -24.87
C ALA D 118 -27.13 -37.85 -25.88
N ARG D 119 -26.90 -37.32 -27.08
CA ARG D 119 -26.14 -38.04 -28.09
C ARG D 119 -24.94 -37.25 -28.57
N HIS D 120 -23.80 -37.95 -28.68
CA HIS D 120 -22.62 -37.43 -29.35
C HIS D 120 -22.93 -37.00 -30.77
N GLY D 121 -22.67 -35.73 -31.09
CA GLY D 121 -22.93 -35.21 -32.43
C GLY D 121 -24.12 -34.27 -32.52
N GLY D 122 -25.09 -34.44 -31.61
CA GLY D 122 -26.25 -33.55 -31.50
C GLY D 122 -27.16 -33.53 -32.70
N GLU D 123 -27.43 -32.33 -33.22
CA GLU D 123 -28.25 -32.16 -34.42
C GLU D 123 -27.58 -32.69 -35.71
N ASP D 124 -26.25 -32.65 -35.75
CA ASP D 124 -25.47 -33.30 -36.82
C ASP D 124 -25.72 -34.81 -36.87
N TYR D 125 -25.76 -35.45 -35.69
CA TYR D 125 -26.02 -36.88 -35.56
C TYR D 125 -27.44 -37.27 -35.98
N VAL D 126 -28.44 -36.60 -35.42
CA VAL D 126 -29.85 -36.90 -35.66
C VAL D 126 -30.22 -36.75 -37.15
N PHE D 127 -29.74 -35.65 -37.75
CA PHE D 127 -29.95 -35.38 -39.19
C PHE D 127 -29.38 -36.48 -40.09
N SER D 128 -28.17 -36.94 -39.75
CA SER D 128 -27.53 -38.05 -40.46
C SER D 128 -28.30 -39.35 -40.31
N LEU D 129 -28.83 -39.59 -39.11
CA LEU D 129 -29.63 -40.79 -38.84
C LEU D 129 -30.93 -40.82 -39.64
N LEU D 130 -31.65 -39.70 -39.64
CA LEU D 130 -32.95 -39.58 -40.31
C LEU D 130 -32.89 -39.66 -41.84
N THR D 131 -31.80 -39.16 -42.41
CA THR D 131 -31.63 -39.13 -43.87
C THR D 131 -30.74 -40.27 -44.38
N GLY D 132 -30.08 -40.96 -43.46
CA GLY D 132 -29.05 -41.94 -43.80
C GLY D 132 -29.47 -43.39 -43.96
N TYR D 133 -30.77 -43.67 -43.78
CA TYR D 133 -31.33 -45.01 -44.01
C TYR D 133 -31.05 -45.45 -45.45
N CYS D 134 -30.45 -46.63 -45.58
CA CYS D 134 -30.14 -47.20 -46.90
C CYS D 134 -30.24 -48.74 -46.88
N GLU D 135 -30.15 -49.34 -48.07
CA GLU D 135 -30.18 -50.80 -48.20
C GLU D 135 -28.86 -51.41 -47.72
N PRO D 136 -28.92 -52.57 -47.00
CA PRO D 136 -27.72 -53.21 -46.44
C PRO D 136 -26.69 -53.65 -47.48
N PRO D 137 -25.39 -53.65 -47.11
CA PRO D 137 -24.35 -54.13 -48.03
C PRO D 137 -24.33 -55.66 -48.09
N THR D 138 -23.61 -56.22 -49.07
CA THR D 138 -23.55 -57.68 -49.26
C THR D 138 -22.90 -58.40 -48.07
N GLY D 139 -23.53 -59.51 -47.66
CA GLY D 139 -23.09 -60.33 -46.53
C GLY D 139 -23.75 -60.00 -45.20
N VAL D 140 -24.77 -59.15 -45.23
CA VAL D 140 -25.38 -58.54 -44.05
C VAL D 140 -26.89 -58.80 -44.00
N SER D 141 -27.38 -59.26 -42.86
CA SER D 141 -28.82 -59.36 -42.57
C SER D 141 -29.06 -59.45 -41.06
N LEU D 142 -29.94 -58.59 -40.54
CA LEU D 142 -30.38 -58.64 -39.14
C LEU D 142 -31.76 -59.31 -39.02
N ARG D 143 -32.19 -59.58 -37.79
CA ARG D 143 -33.48 -60.24 -37.49
C ARG D 143 -34.68 -59.37 -37.83
N GLU D 144 -35.73 -59.98 -38.40
CA GLU D 144 -36.95 -59.28 -38.88
C GLU D 144 -37.44 -58.21 -37.91
N GLY D 145 -37.45 -56.95 -38.35
CA GLY D 145 -37.82 -55.81 -37.50
C GLY D 145 -36.64 -54.95 -37.06
N LEU D 146 -35.50 -55.13 -37.73
CA LEU D 146 -34.30 -54.32 -37.48
C LEU D 146 -33.71 -53.82 -38.80
N TYR D 147 -33.82 -52.51 -38.99
CA TYR D 147 -33.44 -51.84 -40.23
C TYR D 147 -31.95 -51.48 -40.24
N PHE D 148 -31.43 -51.19 -41.42
CA PHE D 148 -30.01 -50.82 -41.59
C PHE D 148 -29.79 -49.31 -41.64
N ASN D 149 -29.05 -48.82 -40.65
CA ASN D 149 -28.59 -47.45 -40.64
C ASN D 149 -27.07 -47.43 -40.37
N PRO D 150 -26.30 -46.82 -41.29
CA PRO D 150 -24.84 -46.75 -41.14
C PRO D 150 -24.35 -45.81 -40.03
N TYR D 151 -25.22 -44.91 -39.55
CA TYR D 151 -24.86 -43.96 -38.50
C TYR D 151 -25.17 -44.44 -37.08
N PHE D 152 -26.06 -45.43 -36.96
CA PHE D 152 -26.39 -46.04 -35.66
C PHE D 152 -25.25 -46.95 -35.21
N PRO D 153 -24.93 -46.94 -33.89
CA PRO D 153 -23.88 -47.82 -33.34
C PRO D 153 -24.24 -49.30 -33.46
N GLY D 154 -23.32 -50.07 -34.03
CA GLY D 154 -23.55 -51.49 -34.33
C GLY D 154 -24.30 -51.72 -35.63
N GLN D 155 -24.50 -50.64 -36.41
CA GLN D 155 -25.04 -50.67 -37.79
C GLN D 155 -26.52 -51.13 -37.99
N ALA D 156 -27.22 -51.47 -36.90
CA ALA D 156 -28.62 -51.92 -36.99
C ALA D 156 -29.54 -51.26 -35.95
N ILE D 157 -30.58 -50.59 -36.44
CA ILE D 157 -31.56 -49.90 -35.58
C ILE D 157 -32.97 -50.50 -35.72
N GLY D 158 -33.77 -50.34 -34.67
CA GLY D 158 -35.14 -50.85 -34.64
C GLY D 158 -36.20 -49.78 -34.82
N MET D 159 -35.91 -48.82 -35.68
CA MET D 159 -36.85 -47.76 -36.03
C MET D 159 -37.05 -47.75 -37.55
N ALA D 160 -38.31 -47.86 -37.96
CA ALA D 160 -38.69 -47.74 -39.35
C ALA D 160 -38.44 -46.29 -39.80
N PRO D 161 -37.81 -46.11 -40.99
CA PRO D 161 -37.54 -44.79 -41.59
C PRO D 161 -38.74 -43.84 -41.50
N PRO D 162 -38.69 -42.89 -40.56
CA PRO D 162 -39.90 -42.15 -40.18
C PRO D 162 -40.27 -41.00 -41.09
N ILE D 163 -39.27 -40.44 -41.76
CA ILE D 163 -39.47 -39.27 -42.63
C ILE D 163 -39.18 -39.58 -44.11
N TYR D 164 -40.09 -39.08 -44.95
CA TYR D 164 -40.01 -39.21 -46.42
C TYR D 164 -40.59 -37.95 -47.05
N ASN D 165 -40.54 -37.89 -48.38
CA ASN D 165 -41.06 -36.75 -49.13
C ASN D 165 -42.57 -36.63 -48.94
N GLU D 166 -43.05 -35.40 -48.78
CA GLU D 166 -44.46 -35.05 -48.58
C GLU D 166 -45.14 -35.70 -47.34
N VAL D 167 -44.36 -35.95 -46.28
CA VAL D 167 -44.87 -36.60 -45.04
C VAL D 167 -46.03 -35.84 -44.38
N LEU D 168 -45.94 -34.51 -44.36
CA LEU D 168 -47.05 -33.66 -43.90
C LEU D 168 -46.94 -32.28 -44.52
N GLU D 169 -48.07 -31.67 -44.89
CA GLU D 169 -48.10 -30.28 -45.37
C GLU D 169 -47.75 -29.33 -44.21
N PHE D 170 -46.99 -28.25 -44.50
CA PHE D 170 -46.59 -27.26 -43.49
C PHE D 170 -47.52 -26.04 -43.49
N ASP D 171 -47.65 -25.40 -42.32
CA ASP D 171 -48.53 -24.23 -42.15
C ASP D 171 -48.15 -23.00 -42.99
N ASP D 172 -46.86 -22.82 -43.26
CA ASP D 172 -46.39 -21.70 -44.10
C ASP D 172 -46.17 -22.05 -45.58
N GLY D 173 -46.43 -23.31 -45.94
CA GLY D 173 -46.32 -23.77 -47.33
C GLY D 173 -44.92 -23.96 -47.87
N THR D 174 -44.02 -24.44 -47.01
CA THR D 174 -42.67 -24.84 -47.42
C THR D 174 -42.73 -26.25 -48.04
N PRO D 175 -42.06 -26.47 -49.20
CA PRO D 175 -42.06 -27.79 -49.84
C PRO D 175 -41.41 -28.86 -48.96
N ALA D 176 -42.21 -29.84 -48.55
CA ALA D 176 -41.81 -30.83 -47.55
C ALA D 176 -41.00 -32.01 -48.11
N THR D 177 -39.75 -31.73 -48.52
CA THR D 177 -38.79 -32.77 -48.91
C THR D 177 -38.25 -33.45 -47.65
N MET D 178 -37.70 -34.67 -47.80
CA MET D 178 -37.15 -35.43 -46.67
C MET D 178 -36.03 -34.66 -45.95
N SER D 179 -35.16 -34.02 -46.73
CA SER D 179 -34.07 -33.20 -46.19
C SER D 179 -34.57 -31.97 -45.43
N GLN D 180 -35.59 -31.29 -45.99
CA GLN D 180 -36.22 -30.13 -45.34
C GLN D 180 -36.90 -30.49 -44.02
N VAL D 181 -37.63 -31.62 -44.02
CA VAL D 181 -38.32 -32.15 -42.84
C VAL D 181 -37.34 -32.53 -41.70
N ALA D 182 -36.19 -33.10 -42.05
CA ALA D 182 -35.15 -33.46 -41.07
C ALA D 182 -34.46 -32.23 -40.48
N LYS D 183 -34.13 -31.27 -41.34
CA LYS D 183 -33.50 -30.00 -40.94
C LYS D 183 -34.35 -29.23 -39.93
N ASP D 184 -35.65 -29.13 -40.20
CA ASP D 184 -36.59 -28.42 -39.33
C ASP D 184 -36.75 -29.09 -37.97
N VAL D 185 -36.98 -30.41 -37.96
CA VAL D 185 -37.17 -31.18 -36.72
C VAL D 185 -35.94 -31.16 -35.80
N CYS D 186 -34.75 -31.17 -36.40
CA CYS D 186 -33.50 -31.05 -35.66
C CYS D 186 -33.37 -29.69 -34.97
N THR D 187 -33.71 -28.62 -35.69
CA THR D 187 -33.74 -27.25 -35.17
C THR D 187 -34.69 -27.14 -33.96
N PHE D 188 -35.81 -27.84 -34.01
CA PHE D 188 -36.76 -27.90 -32.89
C PHE D 188 -36.23 -28.70 -31.71
N LEU D 189 -35.60 -29.84 -32.00
CA LEU D 189 -35.04 -30.72 -30.98
C LEU D 189 -33.86 -30.10 -30.24
N ARG D 190 -33.18 -29.18 -30.93
CA ARG D 190 -32.12 -28.36 -30.35
C ARG D 190 -32.67 -27.42 -29.28
N TRP D 191 -33.74 -26.70 -29.62
CA TRP D 191 -34.44 -25.80 -28.71
C TRP D 191 -35.09 -26.55 -27.54
N ALA D 192 -35.60 -27.76 -27.82
CA ALA D 192 -36.19 -28.62 -26.80
C ALA D 192 -35.14 -28.87 -25.71
N ALA D 193 -33.99 -29.41 -26.10
CA ALA D 193 -32.87 -29.72 -25.21
C ALA D 193 -32.21 -28.51 -24.53
N GLU D 194 -32.20 -27.36 -25.21
CA GLU D 194 -31.53 -26.15 -24.73
C GLU D 194 -32.34 -24.85 -25.00
N PRO D 195 -33.41 -24.60 -24.22
CA PRO D 195 -34.25 -23.41 -24.47
C PRO D 195 -33.51 -22.10 -24.26
N GLU D 196 -32.47 -22.13 -23.42
CA GLU D 196 -31.66 -20.96 -23.10
C GLU D 196 -30.84 -20.37 -24.28
N HIS D 197 -30.62 -21.19 -25.31
CA HIS D 197 -29.75 -20.91 -26.47
C HIS D 197 -29.56 -19.43 -26.86
N ASP D 198 -30.68 -18.74 -27.11
CA ASP D 198 -30.64 -17.35 -27.62
C ASP D 198 -30.23 -16.33 -26.56
N HIS D 199 -30.74 -16.51 -25.34
CA HIS D 199 -30.36 -15.65 -24.21
C HIS D 199 -28.88 -15.83 -23.86
N ARG D 200 -28.47 -17.09 -23.74
CA ARG D 200 -27.08 -17.50 -23.49
C ARG D 200 -26.06 -16.80 -24.41
N LYS D 201 -26.35 -16.78 -25.71
CA LYS D 201 -25.48 -16.14 -26.71
C LYS D 201 -25.56 -14.61 -26.69
N ARG D 202 -26.72 -14.05 -26.36
CA ARG D 202 -26.86 -12.59 -26.15
C ARG D 202 -25.97 -12.17 -24.99
N MET D 203 -25.99 -12.96 -23.91
CA MET D 203 -25.14 -12.73 -22.75
C MET D 203 -23.65 -12.86 -23.10
N GLY D 204 -23.32 -13.85 -23.94
CA GLY D 204 -21.95 -14.06 -24.43
C GLY D 204 -21.33 -12.84 -25.08
N LEU D 205 -22.08 -12.19 -25.96
CA LEU D 205 -21.65 -10.95 -26.64
C LEU D 205 -21.40 -9.82 -25.67
N LYS D 206 -22.31 -9.65 -24.71
CA LYS D 206 -22.21 -8.60 -23.70
C LYS D 206 -21.05 -8.83 -22.73
N MET D 207 -20.75 -10.11 -22.46
CA MET D 207 -19.59 -10.49 -21.65
C MET D 207 -18.27 -10.18 -22.36
N LEU D 208 -18.19 -10.55 -23.64
CA LEU D 208 -16.98 -10.34 -24.45
C LEU D 208 -16.66 -8.87 -24.61
N LEU D 209 -17.70 -8.04 -24.75
CA LEU D 209 -17.54 -6.59 -24.84
C LEU D 209 -17.07 -5.95 -23.52
N MET D 210 -17.73 -6.31 -22.41
CA MET D 210 -17.36 -5.81 -21.09
C MET D 210 -15.93 -6.22 -20.69
N MET D 211 -15.55 -7.45 -21.01
CA MET D 211 -14.19 -7.97 -20.81
C MET D 211 -13.18 -7.25 -21.72
N GLY D 212 -13.58 -7.01 -22.97
CA GLY D 212 -12.81 -6.18 -23.89
C GLY D 212 -12.49 -4.81 -23.32
N LEU D 213 -13.39 -4.26 -22.50
CA LEU D 213 -13.17 -2.95 -21.87
C LEU D 213 -12.38 -3.06 -20.55
N LEU D 214 -12.83 -3.93 -19.64
CA LEU D 214 -12.31 -4.01 -18.27
C LEU D 214 -10.90 -4.58 -18.14
N LEU D 215 -10.57 -5.61 -18.95
CA LEU D 215 -9.25 -6.25 -18.91
C LEU D 215 -8.06 -5.31 -19.23
N PRO D 216 -8.11 -4.54 -20.35
CA PRO D 216 -7.03 -3.57 -20.54
C PRO D 216 -7.03 -2.40 -19.55
N LEU D 217 -8.21 -2.03 -19.02
CA LEU D 217 -8.31 -0.96 -18.00
C LEU D 217 -7.65 -1.34 -16.67
N VAL D 218 -8.00 -2.53 -16.17
CA VAL D 218 -7.45 -3.10 -14.93
C VAL D 218 -5.95 -3.43 -15.08
N TYR D 219 -5.57 -3.87 -16.29
CA TYR D 219 -4.17 -4.09 -16.63
C TYR D 219 -3.37 -2.78 -16.59
N ALA D 220 -3.98 -1.69 -17.04
CA ALA D 220 -3.38 -0.36 -16.98
C ALA D 220 -3.23 0.14 -15.53
N MET D 221 -4.23 -0.16 -14.70
CA MET D 221 -4.20 0.16 -13.27
C MET D 221 -3.09 -0.58 -12.54
N LYS D 222 -2.88 -1.84 -12.93
CA LYS D 222 -1.83 -2.70 -12.39
C LYS D 222 -0.46 -2.12 -12.69
N ARG D 223 -0.22 -1.78 -13.96
CA ARG D 223 1.05 -1.22 -14.45
C ARG D 223 1.38 0.12 -13.79
N HIS D 224 0.33 0.91 -13.53
CA HIS D 224 0.42 2.21 -12.84
C HIS D 224 1.00 2.07 -11.43
N LYS D 225 0.37 1.23 -10.61
CA LYS D 225 0.82 1.03 -9.23
C LYS D 225 2.21 0.42 -9.19
N TRP D 226 2.44 -0.58 -10.03
CA TRP D 226 3.72 -1.30 -10.09
C TRP D 226 4.88 -0.51 -10.69
N SER D 227 4.55 0.57 -11.39
CA SER D 227 5.55 1.41 -12.05
C SER D 227 6.62 1.99 -11.12
N VAL D 228 6.30 2.10 -9.82
CA VAL D 228 7.24 2.60 -8.81
C VAL D 228 8.44 1.64 -8.71
N LEU D 229 8.13 0.35 -8.73
CA LEU D 229 9.10 -0.74 -8.60
C LEU D 229 9.79 -1.12 -9.90
N LYS D 230 9.04 -1.12 -11.00
CA LYS D 230 9.61 -1.45 -12.31
C LYS D 230 10.74 -0.50 -12.74
N SER D 231 10.57 0.79 -12.44
CA SER D 231 11.52 1.85 -12.82
C SER D 231 12.78 1.90 -11.94
N ARG D 232 12.65 1.53 -10.66
CA ARG D 232 13.68 1.74 -9.61
C ARG D 232 15.14 1.34 -9.95
N LYS D 233 16.08 2.11 -9.41
CA LYS D 233 17.51 1.83 -9.54
C LYS D 233 18.14 1.52 -8.17
N LEU D 234 18.97 0.48 -8.11
CA LEU D 234 19.66 0.09 -6.86
C LEU D 234 21.14 0.46 -6.88
N ALA D 235 21.65 0.97 -5.77
CA ALA D 235 23.06 1.35 -5.66
C ALA D 235 23.70 0.84 -4.38
N TYR D 236 24.82 0.12 -4.53
CA TYR D 236 25.57 -0.44 -3.39
C TYR D 236 26.79 0.45 -3.09
N ARG D 237 26.78 1.10 -1.92
CA ARG D 237 27.83 2.07 -1.58
C ARG D 237 28.57 1.75 -0.26
N PRO D 238 29.38 0.65 -0.24
CA PRO D 238 30.14 0.34 0.97
C PRO D 238 31.32 1.31 1.19
N PRO D 239 31.63 1.66 2.46
CA PRO D 239 32.69 2.65 2.68
C PRO D 239 34.11 2.08 2.57
N SER E 1 32.33 11.66 -0.08
CA SER E 1 31.21 12.44 0.52
C SER E 1 29.86 11.96 -0.02
N HIS E 2 28.79 12.25 0.73
CA HIS E 2 27.42 11.97 0.27
C HIS E 2 26.99 12.89 -0.88
N THR E 3 27.78 13.94 -1.11
CA THR E 3 27.58 14.88 -2.21
C THR E 3 27.95 14.29 -3.58
N ASP E 4 28.62 13.14 -3.55
CA ASP E 4 28.96 12.34 -4.75
C ASP E 4 27.74 11.61 -5.36
N ILE E 5 26.68 11.46 -4.57
CA ILE E 5 25.42 10.86 -5.04
C ILE E 5 24.70 11.86 -5.93
N LYS E 6 24.39 11.45 -7.15
CA LYS E 6 23.51 12.22 -8.04
C LYS E 6 22.42 11.28 -8.55
N VAL E 7 21.17 11.76 -8.52
CA VAL E 7 19.99 10.94 -8.88
C VAL E 7 20.06 10.52 -10.35
N PRO E 8 19.94 9.19 -10.63
CA PRO E 8 19.94 8.64 -11.98
C PRO E 8 18.94 9.30 -12.95
N ASP E 9 19.22 9.16 -14.25
CA ASP E 9 18.37 9.71 -15.29
C ASP E 9 17.11 8.86 -15.50
N PHE E 10 15.95 9.49 -15.34
CA PHE E 10 14.67 8.81 -15.44
C PHE E 10 13.87 9.14 -16.72
N SER E 11 14.58 9.72 -17.70
CA SER E 11 14.01 10.17 -18.96
C SER E 11 13.17 9.13 -19.68
N ASP E 12 13.68 7.90 -19.74
CA ASP E 12 13.04 6.79 -20.44
C ASP E 12 11.67 6.43 -19.88
N TYR E 13 11.48 6.70 -18.59
CA TYR E 13 10.27 6.31 -17.85
C TYR E 13 9.25 7.43 -17.68
N ARG E 14 9.70 8.68 -17.74
CA ARG E 14 8.85 9.87 -17.57
C ARG E 14 7.71 9.96 -18.58
N ARG E 15 6.61 10.60 -18.17
CA ARG E 15 5.58 11.07 -19.10
C ARG E 15 6.14 12.21 -19.95
N PRO E 16 5.74 12.29 -21.25
CA PRO E 16 6.10 13.44 -22.07
C PRO E 16 5.96 14.81 -21.40
N GLU E 17 4.85 15.06 -20.70
CA GLU E 17 4.60 16.36 -20.04
C GLU E 17 5.65 16.82 -19.01
N VAL E 18 6.36 15.87 -18.39
CA VAL E 18 7.37 16.20 -17.37
C VAL E 18 8.82 15.95 -17.81
N LEU E 19 9.05 15.92 -19.12
CA LEU E 19 10.40 15.70 -19.65
C LEU E 19 11.29 16.92 -19.58
N ASP E 20 10.69 18.10 -19.81
CA ASP E 20 11.42 19.37 -19.82
C ASP E 20 11.80 19.81 -18.40
N SER E 21 13.10 19.73 -18.10
CA SER E 21 13.61 20.02 -16.75
C SER E 21 13.65 21.52 -16.37
N THR E 22 13.53 22.40 -17.36
CA THR E 22 13.51 23.87 -17.14
C THR E 22 12.09 24.43 -16.98
N LYS E 23 11.08 23.58 -17.09
CA LYS E 23 9.68 23.97 -16.92
C LYS E 23 9.11 23.33 -15.66
N SER E 24 8.17 24.03 -15.02
CA SER E 24 7.53 23.54 -13.80
C SER E 24 6.47 22.48 -14.08
N SER E 25 6.55 21.36 -13.36
CA SER E 25 5.60 20.25 -13.49
C SER E 25 4.15 20.60 -13.11
N LYS E 26 3.96 21.73 -12.42
CA LYS E 26 2.67 22.14 -11.85
C LYS E 26 1.52 22.35 -12.86
N GLU E 27 1.87 22.81 -14.06
CA GLU E 27 0.88 22.94 -15.13
C GLU E 27 0.28 21.59 -15.50
N SER E 28 1.15 20.60 -15.69
CA SER E 28 0.74 19.24 -16.12
C SER E 28 0.14 18.34 -15.03
N SER E 29 0.26 18.75 -13.76
CA SER E 29 -0.20 17.92 -12.63
C SER E 29 -1.72 17.75 -12.61
N GLU E 30 -2.44 18.84 -12.90
CA GLU E 30 -3.90 18.83 -13.07
C GLU E 30 -4.35 17.76 -14.08
N ALA E 31 -3.63 17.71 -15.21
CA ALA E 31 -3.90 16.79 -16.32
C ALA E 31 -3.53 15.35 -16.00
N ARG E 32 -2.31 15.15 -15.49
CA ARG E 32 -1.72 13.81 -15.30
C ARG E 32 -2.51 12.97 -14.32
N LYS E 33 -3.03 13.61 -13.28
CA LYS E 33 -3.92 12.97 -12.30
C LYS E 33 -5.27 12.67 -12.93
N GLY E 34 -5.81 13.64 -13.65
CA GLY E 34 -7.07 13.50 -14.40
C GLY E 34 -7.17 12.26 -15.26
N PHE E 35 -6.13 12.01 -16.06
CA PHE E 35 -6.05 10.83 -16.94
C PHE E 35 -6.11 9.51 -16.15
N SER E 36 -5.27 9.38 -15.12
CA SER E 36 -5.16 8.14 -14.37
C SER E 36 -6.39 7.86 -13.52
N TYR E 37 -6.99 8.93 -12.98
CA TYR E 37 -8.22 8.80 -12.19
C TYR E 37 -9.44 8.49 -13.04
N LEU E 38 -9.42 8.92 -14.30
CA LEU E 38 -10.46 8.57 -15.29
C LEU E 38 -10.50 7.06 -15.54
N VAL E 39 -9.32 6.45 -15.67
CA VAL E 39 -9.16 5.01 -15.85
C VAL E 39 -9.83 4.26 -14.70
N THR E 40 -9.54 4.69 -13.47
CA THR E 40 -10.13 4.11 -12.27
C THR E 40 -11.66 4.31 -12.25
N ALA E 41 -12.12 5.52 -12.56
CA ALA E 41 -13.54 5.86 -12.53
C ALA E 41 -14.33 5.06 -13.59
N THR E 42 -13.77 4.96 -14.80
CA THR E 42 -14.34 4.15 -15.90
C THR E 42 -14.51 2.69 -15.47
N THR E 43 -13.44 2.11 -14.93
CA THR E 43 -13.42 0.74 -14.41
C THR E 43 -14.58 0.49 -13.43
N THR E 44 -14.75 1.39 -12.46
CA THR E 44 -15.83 1.29 -11.45
C THR E 44 -17.24 1.31 -12.06
N VAL E 45 -17.46 2.17 -13.06
CA VAL E 45 -18.75 2.23 -13.77
C VAL E 45 -19.07 0.90 -14.47
N GLY E 46 -18.03 0.30 -15.07
CA GLY E 46 -18.12 -1.03 -15.69
C GLY E 46 -18.42 -2.15 -14.71
N VAL E 47 -17.70 -2.17 -13.59
CA VAL E 47 -17.91 -3.16 -12.53
C VAL E 47 -19.29 -3.00 -11.90
N ALA E 48 -19.74 -1.76 -11.75
CA ALA E 48 -21.08 -1.47 -11.25
C ALA E 48 -22.13 -2.14 -12.12
N TYR E 49 -22.02 -1.96 -13.44
CA TYR E 49 -22.93 -2.58 -14.41
C TYR E 49 -22.95 -4.11 -14.29
N ALA E 50 -21.76 -4.70 -14.14
CA ALA E 50 -21.63 -6.15 -14.04
C ALA E 50 -22.27 -6.68 -12.76
N ALA E 51 -21.83 -6.15 -11.61
CA ALA E 51 -22.32 -6.58 -10.29
C ALA E 51 -23.82 -6.43 -10.12
N LYS E 52 -24.39 -5.35 -10.69
CA LYS E 52 -25.85 -5.14 -10.74
C LYS E 52 -26.54 -6.33 -11.39
N ASN E 53 -26.02 -6.76 -12.54
CA ASN E 53 -26.56 -7.90 -13.27
C ASN E 53 -26.46 -9.23 -12.53
N VAL E 54 -25.31 -9.51 -11.93
CA VAL E 54 -25.09 -10.79 -11.24
C VAL E 54 -26.02 -10.87 -10.03
N VAL E 55 -26.00 -9.84 -9.18
CA VAL E 55 -26.84 -9.75 -7.97
C VAL E 55 -28.33 -9.91 -8.32
N SER E 56 -28.79 -9.10 -9.27
CA SER E 56 -30.23 -9.03 -9.60
C SER E 56 -30.79 -10.32 -10.21
N GLN E 57 -29.96 -11.06 -10.94
CA GLN E 57 -30.27 -12.42 -11.40
C GLN E 57 -30.48 -13.38 -10.22
N PHE E 58 -29.53 -13.39 -9.28
CA PHE E 58 -29.60 -14.25 -8.10
C PHE E 58 -30.84 -13.95 -7.26
N VAL E 59 -31.20 -12.67 -7.15
CA VAL E 59 -32.43 -12.25 -6.47
C VAL E 59 -33.65 -12.81 -7.20
N SER E 60 -33.63 -12.72 -8.53
CA SER E 60 -34.70 -13.23 -9.40
C SER E 60 -34.95 -14.74 -9.22
N SER E 61 -33.87 -15.49 -9.03
CA SER E 61 -33.91 -16.94 -8.73
C SER E 61 -34.93 -17.33 -7.67
N MET E 62 -35.00 -16.55 -6.60
CA MET E 62 -35.83 -16.85 -5.45
C MET E 62 -37.30 -16.49 -5.63
N SER E 63 -37.57 -15.61 -6.61
CA SER E 63 -38.95 -15.26 -6.96
C SER E 63 -39.61 -16.37 -7.80
N ALA E 64 -40.94 -16.30 -7.89
CA ALA E 64 -41.78 -17.36 -8.48
C ALA E 64 -41.33 -17.80 -9.88
N SER E 65 -41.14 -19.12 -10.03
CA SER E 65 -40.74 -19.72 -11.31
C SER E 65 -41.91 -19.77 -12.30
N ALA E 66 -41.61 -20.03 -13.58
CA ALA E 66 -42.61 -20.08 -14.68
C ALA E 66 -43.80 -21.02 -14.43
N ASP E 67 -43.55 -22.13 -13.74
CA ASP E 67 -44.58 -23.14 -13.47
C ASP E 67 -45.52 -22.77 -12.32
N VAL E 68 -45.04 -21.91 -11.42
CA VAL E 68 -45.84 -21.41 -10.29
C VAL E 68 -46.72 -20.24 -10.78
N LEU E 69 -46.18 -19.48 -11.72
CA LEU E 69 -46.93 -18.41 -12.40
C LEU E 69 -47.98 -18.97 -13.34
N ALA E 70 -47.73 -20.19 -13.84
CA ALA E 70 -48.69 -20.90 -14.70
C ALA E 70 -50.01 -21.22 -13.98
N MET E 71 -49.93 -21.53 -12.67
CA MET E 71 -51.12 -21.84 -11.86
C MET E 71 -51.66 -20.62 -11.12
N SER E 72 -51.01 -19.48 -11.30
CA SER E 72 -51.38 -18.21 -10.65
C SER E 72 -52.82 -17.78 -10.96
N LYS E 73 -53.14 -17.72 -12.26
CA LYS E 73 -54.47 -17.31 -12.73
C LYS E 73 -55.31 -18.48 -13.26
N ILE E 74 -56.64 -18.36 -13.16
CA ILE E 74 -57.60 -19.32 -13.73
C ILE E 74 -58.69 -18.58 -14.50
N GLU E 75 -58.92 -19.00 -15.75
CA GLU E 75 -59.94 -18.41 -16.64
C GLU E 75 -61.29 -19.12 -16.46
N ILE E 76 -62.36 -18.34 -16.34
CA ILE E 76 -63.72 -18.87 -16.24
C ILE E 76 -64.63 -18.23 -17.29
N LYS E 77 -65.43 -19.06 -17.97
CA LYS E 77 -66.39 -18.62 -18.98
C LYS E 77 -67.77 -18.33 -18.37
N LEU E 78 -68.22 -17.09 -18.54
CA LEU E 78 -69.40 -16.55 -17.82
C LEU E 78 -70.74 -16.99 -18.39
N SER E 79 -70.76 -17.34 -19.68
CA SER E 79 -71.94 -17.92 -20.33
C SER E 79 -72.20 -19.39 -19.93
N ASP E 80 -71.22 -20.01 -19.26
CA ASP E 80 -71.30 -21.39 -18.76
C ASP E 80 -71.87 -21.54 -17.33
N ILE E 81 -72.22 -20.42 -16.71
CA ILE E 81 -72.85 -20.43 -15.38
C ILE E 81 -74.27 -19.86 -15.45
N PRO E 82 -75.28 -20.73 -15.23
CA PRO E 82 -76.69 -20.33 -15.29
C PRO E 82 -77.05 -19.40 -14.13
N GLU E 83 -77.75 -18.30 -14.45
CA GLU E 83 -78.19 -17.32 -13.45
C GLU E 83 -78.96 -17.99 -12.32
N GLY E 84 -78.47 -17.83 -11.10
CA GLY E 84 -79.06 -18.48 -9.93
C GLY E 84 -78.18 -19.54 -9.30
N LYS E 85 -77.58 -20.39 -10.12
CA LYS E 85 -76.73 -21.49 -9.61
C LYS E 85 -75.25 -21.14 -9.45
N ASN E 86 -74.60 -21.84 -8.52
CA ASN E 86 -73.17 -21.78 -8.25
C ASN E 86 -72.40 -22.78 -9.13
N MET E 87 -71.13 -22.48 -9.41
CA MET E 87 -70.20 -23.36 -10.16
C MET E 87 -68.79 -23.29 -9.54
N ALA E 88 -68.19 -24.45 -9.27
CA ALA E 88 -66.91 -24.51 -8.53
C ALA E 88 -65.69 -24.98 -9.34
N PHE E 89 -64.51 -24.43 -9.01
CA PHE E 89 -63.25 -24.72 -9.71
C PHE E 89 -62.11 -25.01 -8.72
N LYS E 90 -60.95 -25.47 -9.22
CA LYS E 90 -59.73 -25.65 -8.41
C LYS E 90 -58.71 -24.53 -8.68
N TRP E 91 -58.39 -23.75 -7.64
CA TRP E 91 -57.52 -22.57 -7.77
C TRP E 91 -56.55 -22.38 -6.60
N ARG E 92 -55.27 -22.50 -6.90
CA ARG E 92 -54.17 -22.47 -5.91
C ARG E 92 -54.41 -23.52 -4.81
N GLY E 93 -54.81 -24.72 -5.28
CA GLY E 93 -55.12 -25.89 -4.44
C GLY E 93 -56.34 -25.78 -3.53
N LYS E 94 -57.31 -24.95 -3.91
CA LYS E 94 -58.50 -24.69 -3.08
C LYS E 94 -59.73 -24.40 -3.96
N PRO E 95 -60.94 -24.87 -3.56
CA PRO E 95 -62.18 -24.54 -4.30
C PRO E 95 -62.38 -23.04 -4.57
N LEU E 96 -63.00 -22.69 -5.69
CA LEU E 96 -63.32 -21.30 -6.04
C LEU E 96 -64.74 -21.18 -6.56
N PHE E 97 -65.59 -20.49 -5.80
CA PHE E 97 -67.01 -20.30 -6.15
C PHE E 97 -67.26 -19.01 -6.94
N VAL E 98 -67.81 -19.18 -8.14
CA VAL E 98 -68.34 -18.08 -8.95
C VAL E 98 -69.86 -18.27 -9.03
N ARG E 99 -70.62 -17.19 -8.80
CA ARG E 99 -72.09 -17.25 -8.73
C ARG E 99 -72.75 -16.09 -9.48
N HIS E 100 -73.55 -16.44 -10.48
CA HIS E 100 -74.36 -15.45 -11.19
C HIS E 100 -75.58 -15.21 -10.31
N ARG E 101 -75.87 -13.95 -10.04
CA ARG E 101 -76.95 -13.57 -9.14
C ARG E 101 -78.13 -12.95 -9.87
N THR E 102 -79.35 -13.30 -9.44
CA THR E 102 -80.60 -12.74 -10.01
C THR E 102 -80.84 -11.29 -9.54
N LYS E 103 -81.76 -10.58 -10.18
CA LYS E 103 -82.14 -9.22 -9.74
C LYS E 103 -82.80 -9.27 -8.35
N LYS E 104 -83.37 -10.43 -8.00
CA LYS E 104 -83.90 -10.69 -6.67
C LYS E 104 -82.77 -10.72 -5.64
N GLU E 105 -81.73 -11.52 -5.92
CA GLU E 105 -80.56 -11.64 -5.02
C GLU E 105 -79.74 -10.34 -4.88
N ILE E 106 -79.72 -9.50 -5.93
CA ILE E 106 -79.04 -8.18 -5.92
C ILE E 106 -79.73 -7.20 -4.95
N ASP E 107 -81.04 -7.06 -5.11
CA ASP E 107 -81.85 -6.14 -4.29
C ASP E 107 -82.03 -6.60 -2.84
N GLN E 108 -82.07 -7.93 -2.64
CA GLN E 108 -82.24 -8.55 -1.32
C GLN E 108 -80.97 -8.46 -0.46
N GLU E 109 -79.82 -8.42 -1.12
CA GLU E 109 -78.52 -8.26 -0.43
C GLU E 109 -78.06 -6.79 -0.36
N ALA E 110 -78.77 -5.91 -1.05
CA ALA E 110 -78.47 -4.48 -1.06
C ALA E 110 -78.97 -3.77 0.21
N ALA E 111 -80.20 -4.10 0.63
CA ALA E 111 -80.89 -3.41 1.74
C ALA E 111 -80.81 -4.11 3.10
N VAL E 112 -79.83 -5.01 3.23
CA VAL E 112 -79.48 -5.70 4.48
C VAL E 112 -78.94 -4.67 5.51
N GLU E 113 -79.11 -4.97 6.78
CA GLU E 113 -78.55 -4.17 7.87
C GLU E 113 -77.03 -4.35 7.97
N VAL E 114 -76.29 -3.24 7.91
CA VAL E 114 -74.81 -3.25 7.89
C VAL E 114 -74.23 -3.51 9.28
N SER E 115 -74.87 -2.95 10.31
CA SER E 115 -74.41 -3.06 11.71
C SER E 115 -74.62 -4.44 12.34
N GLN E 116 -75.77 -5.08 12.08
CA GLN E 116 -76.13 -6.40 12.63
C GLN E 116 -75.15 -7.54 12.31
N LEU E 117 -74.46 -7.42 11.18
CA LEU E 117 -73.42 -8.38 10.75
C LEU E 117 -72.24 -8.39 11.71
N ARG E 118 -71.61 -9.55 11.85
CA ARG E 118 -70.38 -9.71 12.64
C ARG E 118 -69.19 -9.00 11.99
N ASP E 119 -69.15 -9.04 10.66
CA ASP E 119 -68.12 -8.38 9.86
C ASP E 119 -68.83 -7.40 8.91
N PRO E 120 -68.98 -6.12 9.34
CA PRO E 120 -69.70 -5.08 8.57
C PRO E 120 -69.09 -4.72 7.19
N GLN E 121 -69.67 -5.29 6.13
CA GLN E 121 -69.32 -4.97 4.73
C GLN E 121 -70.60 -4.84 3.91
N HIS E 122 -70.72 -3.75 3.15
CA HIS E 122 -71.82 -3.59 2.20
C HIS E 122 -71.52 -4.39 0.93
N ASP E 123 -72.57 -4.72 0.18
CA ASP E 123 -72.48 -5.57 -1.01
C ASP E 123 -71.78 -4.91 -2.21
N LEU E 124 -72.06 -3.62 -2.44
CA LEU E 124 -71.53 -2.85 -3.58
C LEU E 124 -69.99 -2.69 -3.62
N GLU E 125 -69.35 -2.93 -2.47
CA GLU E 125 -67.88 -2.89 -2.36
C GLU E 125 -67.22 -4.25 -2.08
N ARG E 126 -68.01 -5.32 -2.06
CA ARG E 126 -67.47 -6.67 -2.02
C ARG E 126 -67.12 -7.17 -3.42
N VAL E 127 -67.80 -6.61 -4.44
CA VAL E 127 -67.63 -7.03 -5.85
C VAL E 127 -67.76 -5.86 -6.83
N LYS E 128 -67.34 -6.10 -8.08
CA LYS E 128 -67.47 -5.12 -9.15
C LYS E 128 -68.81 -5.29 -9.87
N LYS E 129 -68.88 -6.24 -10.80
CA LYS E 129 -70.12 -6.53 -11.52
C LYS E 129 -71.20 -6.99 -10.54
N PRO E 130 -72.41 -6.35 -10.57
CA PRO E 130 -73.54 -6.65 -9.67
C PRO E 130 -74.12 -8.06 -9.86
N GLU E 131 -74.14 -8.52 -11.11
CA GLU E 131 -74.65 -9.82 -11.50
C GLU E 131 -73.67 -10.98 -11.21
N TRP E 132 -72.52 -10.67 -10.58
CA TRP E 132 -71.47 -11.66 -10.35
C TRP E 132 -70.73 -11.53 -9.00
N VAL E 133 -70.68 -12.63 -8.25
CA VAL E 133 -69.94 -12.71 -6.98
C VAL E 133 -68.91 -13.85 -6.98
N ILE E 134 -67.63 -13.49 -6.82
CA ILE E 134 -66.53 -14.47 -6.81
C ILE E 134 -65.89 -14.56 -5.41
N LEU E 135 -65.79 -15.80 -4.92
CA LEU E 135 -65.37 -16.12 -3.54
C LEU E 135 -64.52 -17.41 -3.47
N ILE E 136 -63.64 -17.52 -2.48
CA ILE E 136 -62.90 -18.76 -2.18
C ILE E 136 -63.80 -19.67 -1.34
N GLY E 137 -63.90 -20.93 -1.74
CA GLY E 137 -64.75 -21.91 -1.07
C GLY E 137 -64.11 -22.58 0.14
N VAL E 138 -63.53 -21.75 1.01
CA VAL E 138 -62.96 -22.19 2.28
C VAL E 138 -63.64 -21.46 3.44
N CYS E 139 -64.21 -22.25 4.36
CA CYS E 139 -64.84 -21.76 5.59
C CYS E 139 -63.77 -21.17 6.51
N THR E 140 -64.01 -19.92 6.94
CA THR E 140 -62.98 -19.10 7.60
C THR E 140 -62.55 -19.54 8.99
N HIS E 141 -63.43 -20.26 9.70
CA HIS E 141 -63.17 -20.66 11.08
C HIS E 141 -62.08 -21.75 11.20
N LEU E 142 -62.37 -22.97 10.72
CA LEU E 142 -61.44 -24.10 10.81
C LEU E 142 -61.30 -24.93 9.51
N GLY E 143 -61.76 -24.36 8.40
CA GLY E 143 -61.50 -24.91 7.06
C GLY E 143 -62.34 -26.11 6.65
N CYS E 144 -63.44 -25.81 5.96
CA CYS E 144 -64.30 -26.80 5.30
C CYS E 144 -64.63 -26.32 3.88
N VAL E 145 -65.51 -27.03 3.17
CA VAL E 145 -66.02 -26.56 1.86
C VAL E 145 -67.54 -26.36 1.93
N PRO E 146 -68.02 -25.09 1.97
CA PRO E 146 -69.46 -24.80 2.08
C PRO E 146 -70.28 -25.29 0.89
N ILE E 147 -71.47 -25.84 1.19
CA ILE E 147 -72.38 -26.36 0.16
C ILE E 147 -73.35 -25.26 -0.29
N ALA E 148 -73.42 -25.06 -1.61
CA ALA E 148 -74.18 -23.97 -2.24
C ALA E 148 -75.70 -24.19 -2.22
N ASN E 149 -76.45 -23.09 -2.33
CA ASN E 149 -77.93 -23.06 -2.36
C ASN E 149 -78.59 -23.88 -1.23
N ALA E 150 -78.26 -23.49 0.01
CA ALA E 150 -78.74 -24.14 1.24
C ALA E 150 -78.57 -23.20 2.44
N GLY E 151 -78.99 -23.65 3.62
CA GLY E 151 -78.86 -22.89 4.87
C GLY E 151 -80.07 -22.04 5.21
N ASP E 152 -79.95 -21.27 6.29
CA ASP E 152 -81.01 -20.35 6.72
C ASP E 152 -81.08 -19.10 5.84
N PHE E 153 -79.93 -18.48 5.61
CA PHE E 153 -79.87 -17.20 4.89
C PHE E 153 -79.80 -17.33 3.36
N GLY E 154 -79.93 -18.57 2.88
CA GLY E 154 -80.11 -18.88 1.47
C GLY E 154 -78.92 -18.54 0.60
N GLY E 155 -77.78 -19.17 0.88
CA GLY E 155 -76.55 -18.93 0.13
C GLY E 155 -75.59 -20.09 0.23
N TYR E 156 -74.80 -20.09 1.30
CA TYR E 156 -73.82 -21.15 1.60
C TYR E 156 -74.00 -21.59 3.07
N TYR E 157 -73.94 -22.91 3.29
CA TYR E 157 -74.05 -23.50 4.64
C TYR E 157 -73.01 -24.59 4.91
N CYS E 158 -72.56 -24.68 6.17
CA CYS E 158 -71.47 -25.58 6.57
C CYS E 158 -71.93 -26.64 7.58
N PRO E 159 -71.73 -27.94 7.25
CA PRO E 159 -72.04 -29.03 8.19
C PRO E 159 -70.93 -29.40 9.19
N CYS E 160 -69.97 -28.51 9.40
CA CYS E 160 -68.83 -28.75 10.31
C CYS E 160 -69.07 -28.28 11.74
N HIS E 161 -69.38 -27.00 11.90
CA HIS E 161 -69.58 -26.39 13.22
C HIS E 161 -70.96 -25.74 13.39
N GLY E 162 -71.38 -24.95 12.40
CA GLY E 162 -72.72 -24.36 12.38
C GLY E 162 -72.78 -22.93 11.86
N SER E 163 -72.17 -22.71 10.70
CA SER E 163 -72.10 -21.39 10.07
C SER E 163 -73.15 -21.21 8.98
N HIS E 164 -73.69 -19.99 8.89
CA HIS E 164 -74.64 -19.60 7.85
C HIS E 164 -74.19 -18.33 7.11
N TYR E 165 -73.95 -18.48 5.81
CA TYR E 165 -73.57 -17.36 4.93
C TYR E 165 -74.75 -16.96 4.03
N ASP E 166 -74.86 -15.66 3.76
CA ASP E 166 -75.88 -15.14 2.85
C ASP E 166 -75.45 -15.29 1.37
N ALA E 167 -76.24 -14.69 0.46
CA ALA E 167 -75.98 -14.73 -0.97
C ALA E 167 -74.78 -13.88 -1.42
N SER E 168 -74.42 -12.90 -0.58
CA SER E 168 -73.25 -12.03 -0.81
C SER E 168 -71.95 -12.61 -0.20
N GLY E 169 -72.07 -13.75 0.50
CA GLY E 169 -70.94 -14.45 1.11
C GLY E 169 -70.58 -14.02 2.52
N ARG E 170 -71.42 -13.19 3.14
CA ARG E 170 -71.17 -12.64 4.48
C ARG E 170 -71.75 -13.53 5.57
N ILE E 171 -71.01 -13.65 6.68
CA ILE E 171 -71.45 -14.43 7.85
C ILE E 171 -72.62 -13.75 8.57
N ARG E 172 -73.68 -14.54 8.81
CA ARG E 172 -74.90 -14.04 9.46
C ARG E 172 -75.14 -14.71 10.82
N LYS E 173 -75.24 -16.04 10.82
CA LYS E 173 -75.44 -16.82 12.05
C LYS E 173 -74.49 -18.02 12.14
N GLY E 174 -73.40 -17.86 12.90
CA GLY E 174 -72.42 -18.94 13.12
C GLY E 174 -71.14 -18.56 13.88
N PRO E 175 -70.26 -19.57 14.13
CA PRO E 175 -68.96 -19.37 14.81
C PRO E 175 -67.81 -18.74 13.99
N ALA E 176 -68.02 -18.54 12.68
CA ALA E 176 -66.98 -17.95 11.80
C ALA E 176 -66.71 -16.48 12.11
N PRO E 177 -65.42 -16.08 12.15
CA PRO E 177 -65.10 -14.68 12.47
C PRO E 177 -65.29 -13.74 11.28
N LEU E 178 -64.55 -13.98 10.19
CA LEU E 178 -64.58 -13.15 8.98
C LEU E 178 -65.47 -13.77 7.89
N ASN E 179 -65.97 -12.91 7.00
CA ASN E 179 -66.73 -13.33 5.82
C ASN E 179 -65.88 -14.10 4.80
N LEU E 180 -66.53 -14.96 4.01
CA LEU E 180 -65.86 -15.71 2.93
C LEU E 180 -64.99 -14.78 2.08
N GLU E 181 -63.79 -15.28 1.75
CA GLU E 181 -62.69 -14.50 1.18
C GLU E 181 -62.94 -14.04 -0.26
N VAL E 182 -62.78 -12.73 -0.48
CA VAL E 182 -62.92 -12.11 -1.81
C VAL E 182 -61.54 -12.02 -2.47
N PRO E 183 -61.31 -12.83 -3.53
CA PRO E 183 -60.03 -12.71 -4.25
C PRO E 183 -59.92 -11.48 -5.16
N SER E 184 -58.72 -11.29 -5.71
CA SER E 184 -58.43 -10.18 -6.60
C SER E 184 -58.63 -10.64 -8.05
N TYR E 185 -59.44 -9.88 -8.79
CA TYR E 185 -59.79 -10.25 -10.17
C TYR E 185 -60.15 -9.05 -11.03
N GLU E 186 -60.25 -9.28 -12.34
CA GLU E 186 -60.79 -8.31 -13.30
C GLU E 186 -61.47 -9.01 -14.49
N PHE E 187 -62.58 -8.44 -14.95
CA PHE E 187 -63.28 -8.91 -16.15
C PHE E 187 -62.50 -8.46 -17.37
N THR E 188 -62.37 -9.34 -18.36
CA THR E 188 -61.59 -9.08 -19.59
C THR E 188 -62.46 -8.56 -20.74
N SER E 189 -63.11 -9.48 -21.45
CA SER E 189 -64.22 -9.14 -22.33
C SER E 189 -65.48 -9.47 -21.53
N ASP E 190 -66.64 -9.03 -22.02
CA ASP E 190 -67.93 -9.26 -21.36
C ASP E 190 -68.31 -10.75 -21.17
N ASP E 191 -67.66 -11.65 -21.91
CA ASP E 191 -67.88 -13.10 -21.82
C ASP E 191 -66.94 -13.85 -20.85
N MET E 192 -65.79 -13.26 -20.53
CA MET E 192 -64.73 -13.96 -19.76
C MET E 192 -64.31 -13.24 -18.46
N VAL E 193 -63.86 -14.03 -17.48
CA VAL E 193 -63.25 -13.51 -16.24
C VAL E 193 -61.94 -14.26 -15.90
N ILE E 194 -60.92 -13.48 -15.53
CA ILE E 194 -59.63 -14.00 -15.06
C ILE E 194 -59.48 -13.68 -13.57
N VAL E 195 -59.25 -14.72 -12.79
CA VAL E 195 -59.09 -14.58 -11.34
C VAL E 195 -57.62 -14.79 -11.02
N GLY E 196 -57.03 -13.81 -10.35
CA GLY E 196 -55.63 -13.88 -9.93
C GLY E 196 -54.85 -12.63 -10.27
N ARG F 1 38.60 -32.90 -14.04
CA ARG F 1 39.67 -33.57 -14.83
C ARG F 1 39.27 -33.71 -16.30
N TRP F 2 38.32 -34.61 -16.55
CA TRP F 2 37.79 -34.87 -17.90
C TRP F 2 36.36 -34.33 -17.98
N LEU F 3 35.69 -34.37 -16.82
CA LEU F 3 34.32 -33.89 -16.64
C LEU F 3 34.23 -32.38 -16.44
N GLU F 4 35.38 -31.70 -16.45
CA GLU F 4 35.46 -30.25 -16.33
C GLU F 4 34.78 -29.54 -17.52
N GLY F 5 34.69 -30.26 -18.65
CA GLY F 5 33.96 -29.83 -19.83
C GLY F 5 32.48 -29.71 -19.58
N ILE F 6 31.91 -30.72 -18.92
CA ILE F 6 30.48 -30.77 -18.57
C ILE F 6 30.15 -29.77 -17.45
N ARG F 7 31.02 -29.70 -16.43
CA ARG F 7 30.85 -28.76 -15.31
C ARG F 7 30.74 -27.31 -15.77
N LYS F 8 31.57 -26.94 -16.75
CA LYS F 8 31.57 -25.61 -17.35
C LYS F 8 30.29 -25.35 -18.17
N TRP F 9 29.83 -26.38 -18.88
CA TRP F 9 28.59 -26.32 -19.66
C TRP F 9 27.38 -26.18 -18.74
N TYR F 10 27.27 -27.09 -17.76
CA TYR F 10 26.20 -27.07 -16.77
C TYR F 10 26.10 -25.73 -16.06
N TYR F 11 27.25 -25.14 -15.70
CA TYR F 11 27.30 -23.85 -15.01
C TYR F 11 26.48 -22.79 -15.74
N ASN F 12 26.70 -22.68 -17.05
CA ASN F 12 25.98 -21.74 -17.88
C ASN F 12 24.55 -22.12 -18.19
N ALA F 13 24.29 -23.42 -18.29
CA ALA F 13 22.93 -23.93 -18.47
C ALA F 13 22.06 -23.56 -17.25
N ALA F 14 22.58 -23.83 -16.05
CA ALA F 14 21.92 -23.52 -14.77
C ALA F 14 21.58 -22.04 -14.67
N GLY F 15 22.56 -21.19 -15.00
CA GLY F 15 22.33 -19.80 -15.34
C GLY F 15 22.08 -18.76 -14.27
N PHE F 16 22.43 -19.07 -13.02
CA PHE F 16 22.30 -18.08 -11.92
C PHE F 16 23.27 -16.91 -12.11
N ASN F 17 24.36 -17.18 -12.83
CA ASN F 17 25.36 -16.18 -13.19
C ASN F 17 24.80 -14.99 -13.97
N LYS F 18 23.70 -15.21 -14.71
CA LYS F 18 23.06 -14.16 -15.51
C LYS F 18 22.35 -13.11 -14.66
N LEU F 19 22.14 -13.44 -13.39
CA LEU F 19 21.58 -12.52 -12.40
C LEU F 19 22.65 -11.92 -11.48
N GLY F 20 23.91 -12.21 -11.78
CA GLY F 20 25.03 -11.77 -10.96
C GLY F 20 24.99 -12.42 -9.57
N LEU F 21 24.84 -13.74 -9.58
CA LEU F 21 24.89 -14.55 -8.37
C LEU F 21 26.08 -15.50 -8.45
N MET F 22 26.69 -15.77 -7.30
CA MET F 22 27.64 -16.86 -7.15
C MET F 22 26.91 -18.09 -6.61
N ARG F 23 27.52 -19.27 -6.80
CA ARG F 23 26.92 -20.56 -6.42
C ARG F 23 26.40 -20.59 -4.96
N ASP F 24 27.24 -20.15 -4.03
CA ASP F 24 26.89 -20.12 -2.61
C ASP F 24 25.75 -19.16 -2.22
N ASP F 25 25.33 -18.31 -3.16
CA ASP F 25 24.14 -17.47 -2.95
C ASP F 25 22.86 -18.30 -3.12
N THR F 26 22.95 -19.33 -3.96
CA THR F 26 21.80 -20.16 -4.31
C THR F 26 21.52 -21.33 -3.34
N ILE F 27 22.41 -21.56 -2.36
CA ILE F 27 22.26 -22.66 -1.41
C ILE F 27 21.00 -22.50 -0.55
N HIS F 28 20.25 -23.60 -0.41
CA HIS F 28 18.99 -23.62 0.36
C HIS F 28 19.28 -23.46 1.85
N GLU F 29 18.62 -22.49 2.48
CA GLU F 29 18.84 -22.16 3.89
C GLU F 29 18.22 -23.15 4.88
N ASN F 30 19.02 -24.10 5.36
CA ASN F 30 18.66 -24.91 6.53
C ASN F 30 19.33 -24.31 7.78
N ASP F 31 19.26 -25.02 8.90
CA ASP F 31 19.85 -24.57 10.16
C ASP F 31 21.38 -24.39 10.16
N ASP F 32 22.08 -25.24 9.41
CA ASP F 32 23.54 -25.14 9.27
C ASP F 32 23.94 -23.90 8.49
N VAL F 33 23.25 -23.66 7.37
CA VAL F 33 23.52 -22.53 6.48
C VAL F 33 23.23 -21.20 7.19
N LYS F 34 22.13 -21.16 7.96
CA LYS F 34 21.75 -20.00 8.78
C LYS F 34 22.89 -19.57 9.70
N GLU F 35 23.47 -20.55 10.40
CA GLU F 35 24.61 -20.34 11.29
C GLU F 35 25.87 -19.93 10.54
N ALA F 36 26.10 -20.55 9.38
CA ALA F 36 27.23 -20.19 8.52
C ALA F 36 27.15 -18.73 8.06
N ILE F 37 25.95 -18.30 7.65
CA ILE F 37 25.67 -16.91 7.26
C ILE F 37 25.94 -15.97 8.42
N ARG F 38 25.43 -16.33 9.59
CA ARG F 38 25.56 -15.56 10.84
C ARG F 38 27.02 -15.33 11.25
N ARG F 39 27.90 -16.24 10.83
CA ARG F 39 29.32 -16.20 11.15
C ARG F 39 30.21 -15.45 10.14
N LEU F 40 29.61 -14.95 9.06
CA LEU F 40 30.34 -14.23 8.00
C LEU F 40 30.83 -12.85 8.48
N PRO F 41 32.01 -12.40 7.98
CA PRO F 41 32.48 -11.03 8.29
C PRO F 41 31.68 -9.96 7.54
N GLU F 42 31.67 -8.73 8.08
CA GLU F 42 30.86 -7.61 7.57
C GLU F 42 30.85 -7.50 6.06
N ASN F 43 32.04 -7.44 5.46
CA ASN F 43 32.24 -7.38 4.01
C ASN F 43 31.54 -8.51 3.24
N LEU F 44 31.85 -9.77 3.57
CA LEU F 44 31.26 -10.92 2.88
C LEU F 44 29.75 -11.01 2.98
N TYR F 45 29.22 -10.61 4.15
CA TYR F 45 27.77 -10.60 4.39
C TYR F 45 27.04 -9.56 3.53
N ASP F 46 27.48 -8.30 3.58
CA ASP F 46 26.83 -7.21 2.84
C ASP F 46 26.87 -7.35 1.33
N ASP F 47 27.93 -8.00 0.83
CA ASP F 47 28.04 -8.42 -0.56
C ASP F 47 26.95 -9.43 -0.94
N ARG F 48 26.81 -10.46 -0.11
CA ARG F 48 25.78 -11.49 -0.30
C ARG F 48 24.40 -10.85 -0.34
N VAL F 49 24.14 -9.96 0.62
CA VAL F 49 22.88 -9.22 0.72
C VAL F 49 22.59 -8.43 -0.56
N PHE F 50 23.59 -7.76 -1.12
CA PHE F 50 23.39 -6.98 -2.34
C PHE F 50 23.14 -7.85 -3.56
N ARG F 51 24.00 -8.85 -3.76
CA ARG F 51 23.88 -9.78 -4.89
C ARG F 51 22.49 -10.44 -5.01
N ILE F 52 21.93 -10.86 -3.87
CA ILE F 52 20.58 -11.41 -3.79
C ILE F 52 19.52 -10.35 -4.11
N LYS F 53 19.62 -9.18 -3.46
CA LYS F 53 18.76 -8.03 -3.75
C LYS F 53 18.70 -7.74 -5.26
N ARG F 54 19.88 -7.64 -5.87
CA ARG F 54 20.04 -7.46 -7.32
C ARG F 54 19.32 -8.53 -8.15
N ALA F 55 19.51 -9.79 -7.76
CA ALA F 55 18.90 -10.93 -8.45
C ALA F 55 17.39 -10.94 -8.34
N LEU F 56 16.90 -10.61 -7.14
CA LEU F 56 15.46 -10.55 -6.86
C LEU F 56 14.78 -9.44 -7.65
N ASP F 57 15.47 -8.31 -7.75
CA ASP F 57 15.00 -7.17 -8.55
C ASP F 57 14.95 -7.51 -10.05
N LEU F 58 15.96 -8.25 -10.54
CA LEU F 58 15.99 -8.75 -11.92
C LEU F 58 14.90 -9.79 -12.20
N SER F 59 14.72 -10.73 -11.25
CA SER F 59 13.65 -11.73 -11.29
C SER F 59 12.26 -11.10 -11.37
N MET F 60 12.06 -10.03 -10.59
CA MET F 60 10.84 -9.21 -10.61
C MET F 60 10.55 -8.61 -11.98
N ARG F 61 11.61 -8.21 -12.70
CA ARG F 61 11.47 -7.60 -14.02
C ARG F 61 11.45 -8.61 -15.18
N GLN F 62 11.75 -9.87 -14.86
CA GLN F 62 11.90 -10.97 -15.85
C GLN F 62 13.05 -10.69 -16.82
N GLN F 63 14.17 -10.20 -16.28
CA GLN F 63 15.32 -9.74 -17.06
C GLN F 63 16.62 -10.33 -16.55
N ILE F 64 17.68 -10.16 -17.35
CA ILE F 64 19.02 -10.63 -16.99
C ILE F 64 20.02 -9.48 -17.17
N LEU F 65 21.22 -9.64 -16.59
CA LEU F 65 22.28 -8.65 -16.77
C LEU F 65 22.86 -8.68 -18.21
N PRO F 66 23.60 -7.61 -18.62
CA PRO F 66 24.47 -7.70 -19.80
C PRO F 66 25.54 -8.80 -19.67
N LYS F 67 25.88 -9.45 -20.78
CA LYS F 67 26.82 -10.59 -20.80
C LYS F 67 28.19 -10.29 -20.17
N GLU F 68 28.63 -9.04 -20.30
CA GLU F 68 29.86 -8.55 -19.65
C GLU F 68 29.78 -8.71 -18.14
N GLN F 69 28.59 -8.47 -17.60
CA GLN F 69 28.37 -8.42 -16.16
C GLN F 69 28.13 -9.78 -15.49
N TRP F 70 28.06 -10.85 -16.29
CA TRP F 70 27.76 -12.19 -15.76
C TRP F 70 28.92 -12.80 -14.97
N THR F 71 28.58 -13.53 -13.91
CA THR F 71 29.55 -14.24 -13.10
C THR F 71 30.28 -15.26 -13.95
N LYS F 72 31.58 -15.05 -14.13
CA LYS F 72 32.41 -15.99 -14.84
C LYS F 72 32.63 -17.25 -14.00
N TYR F 73 32.69 -18.39 -14.67
CA TYR F 73 32.86 -19.70 -14.02
C TYR F 73 34.10 -19.77 -13.12
N GLU F 74 35.22 -19.28 -13.64
CA GLU F 74 36.52 -19.31 -12.98
C GLU F 74 36.59 -18.33 -11.80
N GLU F 75 35.82 -17.25 -11.87
CA GLU F 75 35.81 -16.19 -10.86
C GLU F 75 34.80 -16.42 -9.72
N ASP F 76 34.16 -17.60 -9.72
CA ASP F 76 33.17 -17.97 -8.70
C ASP F 76 33.84 -18.50 -7.42
N LYS F 77 34.07 -17.58 -6.48
CA LYS F 77 34.67 -17.90 -5.18
C LYS F 77 33.69 -18.71 -4.33
N SER F 78 34.20 -19.73 -3.65
CA SER F 78 33.38 -20.58 -2.78
C SER F 78 33.36 -20.03 -1.35
N TYR F 79 32.82 -18.80 -1.22
CA TYR F 79 32.95 -17.97 0.01
C TYR F 79 32.37 -18.58 1.30
N LEU F 80 31.39 -19.46 1.17
CA LEU F 80 30.69 -20.03 2.31
C LEU F 80 31.28 -21.36 2.83
N GLU F 81 32.10 -22.02 2.01
CA GLU F 81 32.69 -23.34 2.36
C GLU F 81 33.36 -23.43 3.77
N PRO F 82 34.39 -22.60 4.07
CA PRO F 82 35.07 -22.77 5.37
C PRO F 82 34.18 -22.59 6.62
N TYR F 83 33.19 -21.71 6.54
CA TYR F 83 32.24 -21.46 7.63
C TYR F 83 31.27 -22.63 7.80
N LEU F 84 30.63 -23.03 6.69
CA LEU F 84 29.67 -24.13 6.66
C LEU F 84 30.25 -25.49 7.01
N LYS F 85 31.46 -25.77 6.52
CA LYS F 85 32.17 -27.01 6.81
C LYS F 85 32.35 -27.23 8.31
N GLU F 86 32.79 -26.18 9.00
CA GLU F 86 33.02 -26.17 10.45
C GLU F 86 31.74 -26.24 11.28
N VAL F 87 30.69 -25.55 10.83
CA VAL F 87 29.36 -25.63 11.45
C VAL F 87 28.85 -27.10 11.49
N ILE F 88 28.99 -27.79 10.36
CA ILE F 88 28.63 -29.21 10.24
C ILE F 88 29.55 -30.12 11.07
N ARG F 89 30.87 -29.89 10.97
CA ARG F 89 31.87 -30.62 11.77
C ARG F 89 31.53 -30.55 13.25
N GLU F 90 31.16 -29.35 13.72
CA GLU F 90 30.75 -29.11 15.10
C GLU F 90 29.54 -29.93 15.52
N ARG F 91 28.49 -29.90 14.70
CA ARG F 91 27.23 -30.61 14.98
C ARG F 91 27.43 -32.13 15.09
N LYS F 92 28.20 -32.69 14.15
CA LYS F 92 28.52 -34.13 14.16
C LYS F 92 29.28 -34.57 15.41
N GLU F 93 30.07 -33.67 16.00
CA GLU F 93 30.73 -33.92 17.28
C GLU F 93 29.73 -33.96 18.46
N ARG F 94 28.74 -33.05 18.46
CA ARG F 94 27.70 -33.03 19.50
C ARG F 94 26.77 -34.24 19.40
N GLU F 95 26.51 -34.65 18.15
CA GLU F 95 25.69 -35.82 17.84
C GLU F 95 26.37 -37.12 18.26
N GLU F 96 27.68 -37.18 18.04
CA GLU F 96 28.51 -38.29 18.50
C GLU F 96 28.53 -38.37 20.02
N TRP F 97 28.79 -37.23 20.67
CA TRP F 97 28.90 -37.15 22.12
C TRP F 97 27.61 -37.60 22.81
N ALA F 98 26.48 -37.28 22.20
CA ALA F 98 25.16 -37.64 22.73
C ALA F 98 24.80 -39.13 22.56
N LYS F 99 25.78 -39.95 22.16
CA LYS F 99 25.59 -41.40 21.98
C LYS F 99 26.68 -42.20 22.70
N ARG G 1 6.52 -12.08 10.80
CA ARG G 1 7.16 -10.85 11.32
C ARG G 1 6.89 -9.62 10.45
N GLN G 2 6.60 -8.49 11.09
CA GLN G 2 6.28 -7.24 10.41
C GLN G 2 7.50 -6.50 9.85
N PHE G 3 7.25 -5.45 9.07
CA PHE G 3 8.30 -4.53 8.58
C PHE G 3 8.99 -3.82 9.74
N GLY G 4 10.32 -3.88 9.76
CA GLY G 4 11.16 -3.38 10.85
C GLY G 4 11.91 -4.48 11.58
N HIS G 5 11.52 -5.73 11.33
CA HIS G 5 12.07 -6.90 12.03
C HIS G 5 12.46 -8.05 11.08
N LEU G 6 12.50 -7.76 9.78
CA LEU G 6 12.72 -8.79 8.77
C LEU G 6 14.16 -9.30 8.72
N THR G 7 15.11 -8.44 8.34
CA THR G 7 16.53 -8.79 8.25
C THR G 7 17.46 -7.55 8.30
N ARG G 8 18.78 -7.77 8.31
CA ARG G 8 19.78 -6.70 8.37
C ARG G 8 20.42 -6.40 7.00
N VAL G 9 20.35 -5.14 6.58
CA VAL G 9 20.87 -4.68 5.28
C VAL G 9 21.72 -3.43 5.50
N ARG G 10 22.88 -3.37 4.85
CA ARG G 10 23.73 -2.17 4.97
C ARG G 10 24.25 -1.63 3.64
N HIS G 11 24.22 -0.29 3.51
CA HIS G 11 24.82 0.48 2.40
C HIS G 11 24.20 0.24 1.00
N VAL G 12 22.87 0.31 0.94
CA VAL G 12 22.11 0.07 -0.29
C VAL G 12 21.13 1.24 -0.51
N ILE G 13 21.32 1.98 -1.61
CA ILE G 13 20.44 3.12 -1.97
C ILE G 13 19.41 2.72 -3.04
N THR G 14 18.17 3.19 -2.86
CA THR G 14 17.07 2.91 -3.77
C THR G 14 16.40 4.20 -4.21
N TYR G 15 16.40 4.45 -5.53
CA TYR G 15 15.75 5.62 -6.12
C TYR G 15 14.51 5.17 -6.86
N SER G 16 13.45 5.99 -6.84
CA SER G 16 12.18 5.66 -7.52
C SER G 16 11.33 6.89 -7.86
N LEU G 17 10.48 6.73 -8.87
CA LEU G 17 9.57 7.79 -9.30
C LEU G 17 8.12 7.54 -8.94
N SER G 18 7.38 8.63 -8.72
CA SER G 18 5.92 8.58 -8.54
C SER G 18 5.27 8.05 -9.80
N PRO G 19 4.18 7.25 -9.64
CA PRO G 19 3.49 6.75 -10.82
C PRO G 19 2.77 7.86 -11.62
N PHE G 20 2.61 9.04 -11.03
CA PHE G 20 1.99 10.17 -11.73
C PHE G 20 3.00 10.97 -12.56
N GLU G 21 4.28 10.69 -12.34
CA GLU G 21 5.37 11.34 -13.09
C GLU G 21 5.78 10.47 -14.29
N GLN G 22 5.35 9.20 -14.31
CA GLN G 22 5.82 8.25 -15.32
C GLN G 22 4.72 7.52 -16.14
N ARG G 23 5.17 6.78 -17.16
CA ARG G 23 4.28 6.04 -18.05
C ARG G 23 4.07 4.61 -17.59
N ALA G 24 2.87 4.10 -17.84
CA ALA G 24 2.48 2.74 -17.48
C ALA G 24 3.08 1.70 -18.41
N PHE G 25 3.30 2.08 -19.66
CA PHE G 25 3.82 1.18 -20.69
C PHE G 25 5.04 1.81 -21.40
N PRO G 26 6.17 1.99 -20.68
CA PRO G 26 7.32 2.54 -21.40
C PRO G 26 7.97 1.48 -22.30
N HIS G 27 8.16 1.82 -23.58
CA HIS G 27 8.82 0.97 -24.61
C HIS G 27 8.32 -0.48 -24.62
N TYR G 28 6.99 -0.60 -24.57
CA TYR G 28 6.25 -1.86 -24.42
C TYR G 28 6.44 -2.93 -25.51
N PHE G 29 6.39 -2.47 -26.75
CA PHE G 29 6.66 -3.31 -27.90
C PHE G 29 8.13 -3.28 -28.25
N SER G 30 8.70 -2.06 -28.30
CA SER G 30 10.14 -1.82 -28.59
C SER G 30 11.11 -2.76 -27.89
N LYS G 31 10.99 -2.82 -26.55
CA LYS G 31 11.86 -3.64 -25.69
C LYS G 31 11.16 -4.93 -25.25
N GLY G 32 9.81 -4.92 -25.31
CA GLY G 32 8.99 -6.04 -24.87
C GLY G 32 9.06 -7.27 -25.76
N ILE G 33 8.85 -7.06 -27.06
CA ILE G 33 8.95 -8.14 -28.06
C ILE G 33 10.29 -8.92 -27.95
N PRO G 34 11.46 -8.22 -28.03
CA PRO G 34 12.71 -8.97 -27.93
C PRO G 34 12.94 -9.69 -26.59
N ASN G 35 12.51 -9.08 -25.48
CA ASN G 35 12.60 -9.72 -24.16
C ASN G 35 11.75 -11.00 -24.09
N VAL G 36 10.58 -10.99 -24.73
CA VAL G 36 9.69 -12.17 -24.79
C VAL G 36 10.33 -13.31 -25.60
N LEU G 37 10.89 -12.97 -26.77
CA LEU G 37 11.65 -13.93 -27.59
C LEU G 37 12.82 -14.55 -26.83
N ARG G 38 13.54 -13.73 -26.04
CA ARG G 38 14.66 -14.20 -25.21
C ARG G 38 14.19 -15.22 -24.18
N ARG G 39 13.09 -14.89 -23.50
CA ARG G 39 12.48 -15.74 -22.48
C ARG G 39 11.97 -17.06 -23.07
N THR G 40 11.38 -16.98 -24.27
CA THR G 40 10.83 -18.14 -24.99
C THR G 40 11.95 -19.06 -25.48
N ARG G 41 12.99 -18.48 -26.10
CA ARG G 41 14.16 -19.24 -26.58
C ARG G 41 14.91 -19.94 -25.45
N ALA G 42 14.92 -19.33 -24.26
CA ALA G 42 15.64 -19.85 -23.09
C ALA G 42 15.08 -21.18 -22.58
N CYS G 43 13.75 -21.30 -22.58
CA CYS G 43 13.08 -22.44 -21.98
C CYS G 43 12.51 -23.45 -22.98
N ILE G 44 12.58 -23.11 -24.28
CA ILE G 44 11.87 -23.88 -25.32
C ILE G 44 12.23 -25.37 -25.36
N LEU G 45 13.52 -25.70 -25.36
CA LEU G 45 13.93 -27.10 -25.41
C LEU G 45 14.13 -27.75 -24.02
N ARG G 46 13.48 -27.15 -23.02
CA ARG G 46 13.15 -27.79 -21.75
C ARG G 46 11.67 -28.16 -21.73
N VAL G 47 10.82 -27.19 -22.12
CA VAL G 47 9.35 -27.30 -22.04
C VAL G 47 8.74 -28.08 -23.22
N ALA G 48 9.15 -27.74 -24.44
CA ALA G 48 8.55 -28.30 -25.65
C ALA G 48 8.77 -29.81 -25.92
N PRO G 49 10.02 -30.33 -25.81
CA PRO G 49 10.26 -31.76 -26.17
C PRO G 49 9.27 -32.84 -25.64
N PRO G 50 8.90 -32.79 -24.32
CA PRO G 50 7.90 -33.77 -23.85
C PRO G 50 6.52 -33.65 -24.50
N PHE G 51 6.07 -32.43 -24.78
CA PHE G 51 4.77 -32.23 -25.43
C PHE G 51 4.76 -32.59 -26.92
N VAL G 52 5.91 -32.48 -27.59
CA VAL G 52 6.10 -33.04 -28.94
C VAL G 52 5.91 -34.56 -28.89
N ALA G 53 6.58 -35.20 -27.93
CA ALA G 53 6.48 -36.64 -27.68
C ALA G 53 5.06 -37.12 -27.36
N PHE G 54 4.30 -36.33 -26.58
CA PHE G 54 2.89 -36.62 -26.32
C PHE G 54 2.09 -36.61 -27.61
N TYR G 55 2.28 -35.55 -28.41
CA TYR G 55 1.58 -35.42 -29.68
C TYR G 55 1.79 -36.66 -30.57
N LEU G 56 3.02 -37.18 -30.56
CA LEU G 56 3.39 -38.33 -31.37
C LEU G 56 2.78 -39.64 -30.87
N VAL G 57 2.91 -39.91 -29.57
CA VAL G 57 2.30 -41.11 -28.93
C VAL G 57 0.76 -41.07 -29.01
N TYR G 58 0.19 -39.87 -29.06
CA TYR G 58 -1.25 -39.68 -29.22
C TYR G 58 -1.72 -40.03 -30.63
N THR G 59 -1.15 -39.37 -31.63
CA THR G 59 -1.55 -39.58 -33.03
C THR G 59 -1.20 -40.99 -33.55
N TRP G 60 -0.16 -41.60 -32.98
CA TRP G 60 0.20 -43.00 -33.26
C TRP G 60 -0.88 -43.95 -32.75
N GLY G 61 -1.18 -43.85 -31.46
CA GLY G 61 -2.15 -44.72 -30.79
C GLY G 61 -3.59 -44.58 -31.25
N THR G 62 -3.96 -43.40 -31.74
CA THR G 62 -5.31 -43.13 -32.23
C THR G 62 -5.59 -43.90 -33.53
N GLN G 63 -4.72 -43.73 -34.53
CA GLN G 63 -4.90 -44.41 -35.81
C GLN G 63 -4.46 -45.88 -35.82
N GLU G 64 -3.76 -46.31 -34.75
CA GLU G 64 -3.50 -47.74 -34.49
C GLU G 64 -4.76 -48.47 -34.02
N PHE G 65 -5.57 -47.78 -33.21
CA PHE G 65 -6.91 -48.24 -32.79
C PHE G 65 -7.85 -48.41 -33.99
N GLU G 66 -7.73 -47.53 -34.97
CA GLU G 66 -8.53 -47.58 -36.19
C GLU G 66 -8.14 -48.74 -37.12
N LYS G 67 -6.83 -48.90 -37.37
CA LYS G 67 -6.28 -50.00 -38.18
C LYS G 67 -6.68 -51.38 -37.66
N SER G 68 -6.55 -51.56 -36.34
CA SER G 68 -6.84 -52.82 -35.66
C SER G 68 -8.31 -53.26 -35.79
N LYS G 69 -9.22 -52.30 -35.86
CA LYS G 69 -10.66 -52.58 -35.98
C LYS G 69 -11.11 -52.88 -37.42
N ARG G 70 -10.26 -52.57 -38.40
CA ARG G 70 -10.48 -52.96 -39.80
C ARG G 70 -10.26 -54.45 -40.01
N LYS G 71 -10.86 -54.99 -41.07
CA LYS G 71 -10.69 -56.39 -41.43
C LYS G 71 -9.35 -56.66 -42.11
N ASN G 72 -8.82 -57.86 -41.89
CA ASN G 72 -7.51 -58.30 -42.38
C ASN G 72 -7.65 -59.04 -43.71
N PRO G 73 -6.76 -58.79 -44.71
CA PRO G 73 -6.93 -59.47 -46.01
C PRO G 73 -6.55 -60.97 -46.06
N ALA G 74 -7.20 -61.79 -45.22
CA ALA G 74 -7.02 -63.24 -45.16
C ALA G 74 -8.20 -63.92 -44.48
N VAL H 1 -37.38 -35.00 -56.81
CA VAL H 1 -38.00 -33.82 -56.14
C VAL H 1 -37.07 -33.24 -55.04
N ASP H 2 -36.44 -34.13 -54.27
CA ASP H 2 -35.56 -33.73 -53.13
C ASP H 2 -34.25 -33.10 -53.58
N PRO H 3 -33.88 -31.92 -53.03
CA PRO H 3 -32.52 -31.39 -53.21
C PRO H 3 -31.40 -32.34 -52.75
N LEU H 4 -31.69 -33.21 -51.77
CA LEU H 4 -30.72 -34.16 -51.20
C LEU H 4 -30.17 -35.18 -52.20
N THR H 5 -31.07 -35.89 -52.88
CA THR H 5 -30.68 -36.91 -53.88
C THR H 5 -30.02 -36.33 -55.16
N THR H 6 -30.28 -35.04 -55.43
CA THR H 6 -29.57 -34.29 -56.49
C THR H 6 -28.10 -34.11 -56.11
N VAL H 7 -27.86 -33.63 -54.87
CA VAL H 7 -26.52 -33.32 -54.37
C VAL H 7 -25.70 -34.57 -54.10
N ARG H 8 -26.36 -35.63 -53.63
CA ARG H 8 -25.73 -36.94 -53.43
C ARG H 8 -25.11 -37.48 -54.72
N GLU H 9 -25.80 -37.25 -55.83
CA GLU H 9 -25.28 -37.58 -57.16
C GLU H 9 -24.12 -36.67 -57.58
N GLN H 10 -24.27 -35.36 -57.34
CA GLN H 10 -23.25 -34.38 -57.73
C GLN H 10 -21.90 -34.67 -57.09
N CYS H 11 -21.94 -35.01 -55.80
CA CYS H 11 -20.73 -35.36 -55.02
C CYS H 11 -20.16 -36.73 -55.38
N GLU H 12 -21.04 -37.64 -55.81
CA GLU H 12 -20.68 -39.02 -56.16
C GLU H 12 -19.70 -39.10 -57.35
N GLN H 13 -19.73 -38.09 -58.20
CA GLN H 13 -18.87 -38.00 -59.38
C GLN H 13 -17.56 -37.23 -59.11
N LEU H 14 -16.97 -37.48 -57.94
CA LEU H 14 -15.64 -36.99 -57.61
C LEU H 14 -14.68 -38.17 -57.50
N GLU H 15 -13.40 -37.90 -57.73
CA GLU H 15 -12.38 -38.96 -57.80
C GLU H 15 -12.19 -39.73 -56.50
N LYS H 16 -12.37 -39.04 -55.37
CA LYS H 16 -12.31 -39.66 -54.04
C LYS H 16 -13.50 -40.60 -53.79
N CYS H 17 -14.66 -40.22 -54.33
CA CYS H 17 -15.89 -41.02 -54.24
C CYS H 17 -15.87 -42.22 -55.18
N VAL H 18 -15.56 -41.97 -56.46
CA VAL H 18 -15.57 -43.01 -57.50
C VAL H 18 -14.49 -44.08 -57.29
N LYS H 19 -13.36 -43.71 -56.67
CA LYS H 19 -12.31 -44.66 -56.27
C LYS H 19 -12.78 -45.53 -55.09
N ALA H 20 -13.52 -44.93 -54.17
CA ALA H 20 -14.12 -45.66 -53.05
C ALA H 20 -15.31 -46.53 -53.46
N ARG H 21 -16.04 -46.10 -54.49
CA ARG H 21 -17.15 -46.88 -55.07
C ARG H 21 -16.64 -48.17 -55.71
N GLU H 22 -15.57 -48.05 -56.51
CA GLU H 22 -14.87 -49.18 -57.12
C GLU H 22 -14.39 -50.21 -56.09
N ARG H 23 -13.88 -49.73 -54.96
CA ARG H 23 -13.47 -50.56 -53.82
C ARG H 23 -14.65 -51.35 -53.23
N LEU H 24 -15.81 -50.69 -53.19
CA LEU H 24 -17.07 -51.28 -52.74
C LEU H 24 -17.54 -52.38 -53.70
N GLU H 25 -17.41 -52.13 -54.99
CA GLU H 25 -17.85 -53.07 -56.03
C GLU H 25 -16.93 -54.28 -56.20
N LEU H 26 -15.66 -54.13 -55.80
CA LEU H 26 -14.73 -55.26 -55.83
C LEU H 26 -15.10 -56.35 -54.83
N CYS H 27 -15.44 -55.98 -53.59
CA CYS H 27 -15.90 -56.95 -52.60
C CYS H 27 -17.38 -57.34 -52.78
N ASP H 28 -18.14 -56.52 -53.50
CA ASP H 28 -19.51 -56.88 -53.92
C ASP H 28 -19.46 -58.18 -54.72
N GLU H 29 -18.64 -58.21 -55.77
CA GLU H 29 -18.43 -59.39 -56.61
C GLU H 29 -17.20 -60.20 -56.18
N ARG H 30 -17.04 -60.34 -54.86
CA ARG H 30 -15.97 -61.15 -54.24
C ARG H 30 -16.53 -61.98 -53.09
N VAL H 31 -17.47 -61.39 -52.34
CA VAL H 31 -18.26 -62.10 -51.33
C VAL H 31 -19.39 -62.89 -51.99
N SER H 32 -20.00 -62.30 -53.02
CA SER H 32 -21.09 -62.93 -53.77
C SER H 32 -20.59 -64.13 -54.59
N SER H 33 -19.40 -63.98 -55.18
CA SER H 33 -18.74 -65.06 -55.92
C SER H 33 -18.42 -66.26 -55.02
N ARG H 34 -17.77 -65.99 -53.87
CA ARG H 34 -17.46 -67.03 -52.89
C ARG H 34 -18.73 -67.55 -52.22
N SER H 35 -18.78 -68.86 -51.97
CA SER H 35 -19.83 -69.45 -51.16
C SER H 35 -19.30 -69.86 -49.79
N GLN H 36 -20.15 -69.71 -48.78
CA GLN H 36 -19.84 -70.02 -47.37
C GLN H 36 -18.52 -69.40 -46.85
N THR H 37 -18.54 -68.07 -46.66
CA THR H 37 -17.57 -67.32 -45.82
C THR H 37 -18.33 -66.26 -45.06
N GLU H 38 -18.06 -66.17 -43.75
CA GLU H 38 -18.77 -65.24 -42.85
C GLU H 38 -18.46 -63.75 -43.09
N GLU H 39 -17.50 -63.47 -43.96
CA GLU H 39 -17.03 -62.12 -44.24
C GLU H 39 -18.04 -61.30 -45.07
N ASP H 40 -18.27 -60.06 -44.66
CA ASP H 40 -19.20 -59.14 -45.35
C ASP H 40 -18.49 -57.88 -45.88
N CYS H 41 -19.28 -56.87 -46.24
CA CYS H 41 -18.79 -55.64 -46.88
C CYS H 41 -19.29 -54.32 -46.27
N THR H 42 -19.48 -54.29 -44.94
CA THR H 42 -19.90 -53.07 -44.24
C THR H 42 -18.85 -51.97 -44.32
N GLU H 43 -17.59 -52.35 -44.04
CA GLU H 43 -16.42 -51.47 -44.05
C GLU H 43 -16.35 -50.61 -45.33
N GLU H 44 -16.48 -51.24 -46.50
CA GLU H 44 -16.34 -50.57 -47.80
C GLU H 44 -17.44 -49.55 -48.09
N LEU H 45 -18.66 -49.84 -47.64
CA LEU H 45 -19.80 -48.92 -47.77
C LEU H 45 -19.60 -47.65 -46.96
N LEU H 46 -19.12 -47.83 -45.71
CA LEU H 46 -18.90 -46.73 -44.77
C LEU H 46 -17.77 -45.81 -45.24
N ASP H 47 -16.74 -46.39 -45.86
CA ASP H 47 -15.64 -45.66 -46.51
C ASP H 47 -16.19 -44.71 -47.56
N PHE H 48 -17.13 -45.24 -48.35
CA PHE H 48 -17.78 -44.51 -49.41
C PHE H 48 -18.63 -43.37 -48.86
N LEU H 49 -19.54 -43.69 -47.95
CA LEU H 49 -20.49 -42.73 -47.39
C LEU H 49 -19.78 -41.58 -46.67
N HIS H 50 -18.68 -41.89 -46.00
CA HIS H 50 -17.83 -40.90 -45.32
C HIS H 50 -17.36 -39.81 -46.29
N ALA H 51 -16.84 -40.24 -47.43
CA ALA H 51 -16.39 -39.33 -48.49
C ALA H 51 -17.53 -38.57 -49.16
N ARG H 52 -18.63 -39.29 -49.42
CA ARG H 52 -19.81 -38.71 -50.06
C ARG H 52 -20.49 -37.66 -49.19
N ASP H 53 -20.90 -38.07 -47.98
CA ASP H 53 -21.69 -37.22 -47.07
C ASP H 53 -20.93 -36.02 -46.48
N HIS H 54 -19.58 -36.07 -46.51
CA HIS H 54 -18.76 -34.91 -46.17
C HIS H 54 -18.98 -33.79 -47.18
N CYS H 55 -18.96 -34.15 -48.47
CA CYS H 55 -19.25 -33.23 -49.57
C CYS H 55 -20.70 -32.73 -49.56
N VAL H 56 -21.64 -33.63 -49.27
CA VAL H 56 -23.08 -33.32 -49.24
C VAL H 56 -23.34 -32.21 -48.22
N ALA H 57 -22.75 -32.37 -47.03
CA ALA H 57 -22.83 -31.39 -45.94
C ALA H 57 -22.43 -29.97 -46.35
N HIS H 58 -21.33 -29.87 -47.10
CA HIS H 58 -20.74 -28.59 -47.50
C HIS H 58 -21.65 -27.65 -48.30
N LYS H 59 -22.65 -28.20 -48.99
CA LYS H 59 -23.54 -27.40 -49.85
C LYS H 59 -25.01 -27.85 -49.96
N LEU H 60 -25.43 -28.85 -49.17
CA LEU H 60 -26.83 -29.26 -49.13
C LEU H 60 -27.75 -28.15 -48.60
N PHE H 61 -27.30 -27.47 -47.56
CA PHE H 61 -28.11 -26.46 -46.88
C PHE H 61 -28.54 -25.28 -47.75
N ASN H 62 -27.71 -24.94 -48.74
CA ASN H 62 -28.01 -23.88 -49.71
C ASN H 62 -29.42 -23.94 -50.32
N SER H 63 -29.93 -25.15 -50.53
CA SER H 63 -31.26 -25.36 -51.12
C SER H 63 -32.39 -25.54 -50.09
N LEU H 64 -32.18 -25.02 -48.87
CA LEU H 64 -33.14 -25.18 -47.77
C LEU H 64 -33.41 -23.87 -47.05
N ALA I 1 8.36 30.37 21.02
CA ALA I 1 7.79 30.12 19.66
C ALA I 1 8.81 29.55 18.66
N VAL I 2 10.07 29.99 18.75
CA VAL I 2 11.16 29.58 17.85
C VAL I 2 11.63 28.12 18.05
N PRO I 3 12.30 27.51 17.05
CA PRO I 3 12.93 26.18 17.22
C PRO I 3 14.43 26.37 17.55
N ALA I 4 15.15 25.46 18.22
CA ALA I 4 16.53 25.90 18.46
C ALA I 4 17.63 25.16 17.71
N THR I 5 18.71 25.91 17.44
CA THR I 5 19.90 25.46 16.72
C THR I 5 19.88 24.00 16.28
N SER I 6 19.97 23.10 17.24
CA SER I 6 19.98 21.67 16.94
C SER I 6 18.99 20.91 17.81
N GLU I 7 18.04 20.21 17.17
CA GLU I 7 17.08 19.33 17.84
C GLU I 7 17.82 18.16 18.50
N SER I 8 17.36 17.74 19.68
CA SER I 8 18.11 16.81 20.54
C SER I 8 17.51 15.40 20.64
N PRO I 9 18.30 14.37 20.26
CA PRO I 9 17.97 12.95 20.45
C PRO I 9 18.95 12.13 21.31
N VAL I 10 18.40 11.39 22.29
CA VAL I 10 19.16 10.36 23.04
C VAL I 10 19.34 9.13 22.14
N LEU I 11 20.35 8.31 22.44
CA LEU I 11 20.72 7.11 21.66
C LEU I 11 21.22 7.38 20.22
N ASP I 12 21.47 8.65 19.84
CA ASP I 12 21.91 9.05 18.48
C ASP I 12 23.41 9.38 18.38
N LEU I 13 24.12 8.71 17.45
CA LEU I 13 25.59 8.82 17.29
C LEU I 13 26.06 10.24 16.97
N LYS I 14 27.14 10.67 17.64
CA LYS I 14 27.64 12.04 17.59
C LYS I 14 28.34 12.40 16.27
N ARG I 15 28.46 13.70 16.03
CA ARG I 15 29.09 14.24 14.82
C ARG I 15 30.62 14.31 15.00
N SER I 16 31.35 13.78 14.02
CA SER I 16 32.83 13.73 14.07
C SER I 16 33.49 15.07 13.73
N VAL I 17 34.69 15.30 14.30
CA VAL I 17 35.52 16.49 14.02
C VAL I 17 36.88 16.04 13.49
N LEU I 18 37.24 16.48 12.28
CA LEU I 18 38.43 16.01 11.55
C LEU I 18 39.35 17.10 10.98
N CYS I 19 39.25 18.33 11.51
CA CYS I 19 40.13 19.45 11.13
C CYS I 19 40.20 20.55 12.22
N ARG I 20 41.22 21.41 12.09
CA ARG I 20 41.42 22.58 12.98
C ARG I 20 40.29 23.62 12.91
N GLU I 21 39.82 23.92 11.70
CA GLU I 21 38.84 24.99 11.44
C GLU I 21 37.46 24.76 12.04
N SER I 22 37.07 23.48 12.20
CA SER I 22 35.81 23.10 12.84
C SER I 22 35.95 22.93 14.36
N LEU I 23 37.15 22.56 14.80
CA LEU I 23 37.45 22.40 16.22
C LEU I 23 37.49 23.74 16.98
N ARG I 24 38.21 24.75 16.46
CA ARG I 24 38.32 26.08 17.12
C ARG I 24 36.95 26.64 17.55
N GLY I 25 36.90 27.25 18.73
CA GLY I 25 35.65 27.71 19.34
C GLY I 25 35.04 26.74 20.34
N GLN I 26 35.56 25.50 20.37
CA GLN I 26 35.07 24.43 21.28
C GLN I 26 35.60 24.50 22.73
N ALA I 27 36.83 25.00 22.91
CA ALA I 27 37.44 25.14 24.23
C ALA I 27 36.63 26.11 25.10
N ALA I 28 36.16 25.60 26.26
CA ALA I 28 35.28 26.33 27.19
C ALA I 28 35.98 27.50 27.88
N GLY I 29 35.26 28.61 28.02
CA GLY I 29 35.85 29.85 28.53
C GLY I 29 35.19 30.51 29.74
N ARG I 30 33.97 30.07 30.06
CA ARG I 30 33.17 30.53 31.20
C ARG I 30 32.30 29.34 31.73
N PRO I 31 31.78 29.41 32.99
CA PRO I 31 31.09 28.26 33.64
C PRO I 31 29.79 27.85 32.97
N LEU I 32 29.31 26.63 33.24
CA LEU I 32 28.11 26.11 32.58
C LEU I 32 26.83 26.86 32.94
N VAL I 33 25.92 26.92 31.98
CA VAL I 33 24.55 27.38 32.17
C VAL I 33 23.64 26.28 31.61
N ALA I 34 22.44 26.11 32.18
CA ALA I 34 21.45 25.18 31.64
C ALA I 34 20.05 25.80 31.57
N SER I 35 19.38 25.63 30.43
CA SER I 35 17.99 26.05 30.23
C SER I 35 17.12 24.87 29.82
N VAL I 36 15.88 24.84 30.33
CA VAL I 36 14.83 23.92 29.88
C VAL I 36 13.56 24.78 29.75
N SER I 37 12.64 24.39 28.87
CA SER I 37 11.53 25.27 28.50
C SER I 37 10.16 24.58 28.32
N LEU I 38 9.21 25.32 27.76
CA LEU I 38 7.98 24.77 27.18
C LEU I 38 8.11 24.60 25.64
N ASN I 39 8.68 25.61 24.98
CA ASN I 39 8.89 25.59 23.52
C ASN I 39 10.28 25.14 23.12
N VAL I 40 11.32 25.97 23.40
CA VAL I 40 12.69 25.69 22.93
C VAL I 40 13.41 24.53 23.66
N PRO I 41 13.98 23.55 22.90
CA PRO I 41 14.62 22.37 23.50
C PRO I 41 15.83 22.71 24.34
N ALA I 42 16.12 21.88 25.35
CA ALA I 42 17.22 22.08 26.32
C ALA I 42 18.56 22.52 25.69
N SER I 43 19.28 23.40 26.41
CA SER I 43 20.55 23.97 25.93
C SER I 43 21.55 24.11 27.08
N VAL I 44 22.79 23.64 26.86
CA VAL I 44 23.88 23.72 27.84
C VAL I 44 25.03 24.57 27.29
N ARG I 45 25.44 25.60 28.05
CA ARG I 45 26.35 26.65 27.56
C ARG I 45 27.71 26.67 28.25
N TYR I 46 28.68 27.27 27.57
CA TYR I 46 29.84 27.88 28.24
C TYR I 46 29.42 29.28 28.70
N ALA J 1 -5.67 27.51 -21.92
CA ALA J 1 -6.38 26.28 -22.36
C ALA J 1 -6.04 25.09 -21.44
N PRO J 2 -6.73 24.99 -20.27
CA PRO J 2 -6.54 23.81 -19.41
C PRO J 2 -7.13 22.61 -20.11
N THR J 3 -6.28 21.63 -20.41
CA THR J 3 -6.69 20.37 -21.08
C THR J 3 -7.95 19.71 -20.51
N LEU J 4 -8.56 18.82 -21.28
CA LEU J 4 -9.85 18.21 -20.95
C LEU J 4 -9.79 17.29 -19.73
N THR J 5 -8.75 16.45 -19.66
CA THR J 5 -8.46 15.62 -18.48
C THR J 5 -8.35 16.46 -17.20
N ALA J 6 -7.69 17.62 -17.31
CA ALA J 6 -7.55 18.57 -16.21
C ALA J 6 -8.89 19.14 -15.75
N ARG J 7 -9.77 19.44 -16.71
CA ARG J 7 -11.13 19.93 -16.42
C ARG J 7 -11.90 18.87 -15.65
N LEU J 8 -11.83 17.63 -16.14
CA LEU J 8 -12.45 16.47 -15.51
C LEU J 8 -12.03 16.28 -14.06
N TYR J 9 -10.74 16.51 -13.78
CA TYR J 9 -10.18 16.41 -12.42
C TYR J 9 -10.75 17.48 -11.48
N SER J 10 -10.61 18.75 -11.85
CA SER J 10 -11.10 19.88 -11.04
C SER J 10 -12.61 19.85 -10.78
N LEU J 11 -13.39 19.41 -11.77
CA LEU J 11 -14.84 19.44 -11.66
C LEU J 11 -15.44 18.17 -11.07
N LEU J 12 -14.86 17.01 -11.35
CA LEU J 12 -15.46 15.72 -10.91
C LEU J 12 -14.66 14.88 -9.90
N PHE J 13 -13.33 14.83 -10.08
CA PHE J 13 -12.48 13.83 -9.41
C PHE J 13 -11.76 14.28 -8.13
N ARG J 14 -11.78 15.59 -7.82
CA ARG J 14 -10.96 16.09 -6.71
C ARG J 14 -11.53 15.71 -5.32
N ARG J 15 -12.73 16.21 -5.02
CA ARG J 15 -13.46 15.77 -3.82
C ARG J 15 -13.93 14.35 -4.04
N THR J 16 -13.69 13.48 -3.05
CA THR J 16 -14.08 12.06 -3.15
C THR J 16 -15.61 11.92 -3.27
N SER J 17 -16.35 12.75 -2.52
CA SER J 17 -17.81 12.85 -2.62
C SER J 17 -18.32 13.07 -4.06
N THR J 18 -17.73 14.01 -4.80
CA THR J 18 -18.12 14.24 -6.21
C THR J 18 -17.67 13.10 -7.12
N PHE J 19 -16.51 12.51 -6.82
CA PHE J 19 -15.98 11.34 -7.53
C PHE J 19 -16.94 10.15 -7.50
N ALA J 20 -17.57 9.95 -6.34
CA ALA J 20 -18.55 8.87 -6.15
C ALA J 20 -19.91 9.15 -6.82
N LEU J 21 -20.40 10.39 -6.72
CA LEU J 21 -21.63 10.81 -7.39
C LEU J 21 -21.51 10.70 -8.91
N THR J 22 -20.32 11.03 -9.43
CA THR J 22 -19.99 10.85 -10.85
C THR J 22 -20.13 9.40 -11.28
N ILE J 23 -19.61 8.47 -10.48
CA ILE J 23 -19.67 7.04 -10.82
C ILE J 23 -21.12 6.53 -10.87
N VAL J 24 -21.94 6.96 -9.93
CA VAL J 24 -23.37 6.57 -9.85
C VAL J 24 -24.19 7.12 -11.04
N VAL J 25 -24.01 8.40 -11.36
CA VAL J 25 -24.65 9.03 -12.55
C VAL J 25 -24.18 8.31 -13.84
N GLY J 26 -22.86 8.21 -13.99
CA GLY J 26 -22.22 7.55 -15.13
C GLY J 26 -22.66 6.11 -15.36
N ALA J 27 -22.84 5.37 -14.27
CA ALA J 27 -23.31 3.98 -14.34
C ALA J 27 -24.73 3.87 -14.90
N LEU J 28 -25.60 4.83 -14.56
CA LEU J 28 -26.97 4.85 -15.10
C LEU J 28 -26.98 5.07 -16.60
N PHE J 29 -26.27 6.13 -17.03
CA PHE J 29 -26.14 6.51 -18.43
C PHE J 29 -25.40 5.45 -19.24
N PHE J 30 -24.45 4.75 -18.61
CA PHE J 30 -23.73 3.66 -19.27
C PHE J 30 -24.61 2.45 -19.49
N GLU J 31 -25.35 2.05 -18.46
CA GLU J 31 -26.22 0.86 -18.54
C GLU J 31 -27.19 0.94 -19.72
N ARG J 32 -27.96 2.02 -19.81
CA ARG J 32 -28.95 2.22 -20.87
C ARG J 32 -28.32 2.28 -22.25
N ALA J 33 -27.21 3.01 -22.37
CA ALA J 33 -26.46 3.11 -23.63
C ALA J 33 -25.87 1.77 -24.08
N PHE J 34 -25.17 1.09 -23.17
CA PHE J 34 -24.54 -0.21 -23.46
C PHE J 34 -25.55 -1.28 -23.85
N ASP J 35 -26.63 -1.40 -23.06
CA ASP J 35 -27.68 -2.39 -23.31
C ASP J 35 -28.35 -2.17 -24.66
N GLN J 36 -28.82 -0.93 -24.90
CA GLN J 36 -29.48 -0.60 -26.17
C GLN J 36 -28.55 -0.88 -27.35
N GLY J 37 -27.29 -0.44 -27.22
CA GLY J 37 -26.27 -0.62 -28.25
C GLY J 37 -25.87 -2.05 -28.56
N ALA J 38 -25.73 -2.87 -27.52
CA ALA J 38 -25.31 -4.26 -27.68
C ALA J 38 -26.42 -5.15 -28.22
N ASP J 39 -27.66 -4.83 -27.84
CA ASP J 39 -28.85 -5.56 -28.30
C ASP J 39 -29.09 -5.35 -29.79
N ALA J 40 -28.86 -4.12 -30.24
CA ALA J 40 -28.90 -3.77 -31.65
C ALA J 40 -27.91 -4.61 -32.46
N ILE J 41 -26.68 -4.74 -31.94
CA ILE J 41 -25.63 -5.54 -32.57
C ILE J 41 -26.04 -7.01 -32.72
N TYR J 42 -26.66 -7.56 -31.66
CA TYR J 42 -27.12 -8.94 -31.65
C TYR J 42 -28.27 -9.20 -32.64
N GLU J 43 -29.28 -8.34 -32.60
CA GLU J 43 -30.49 -8.48 -33.40
C GLU J 43 -30.26 -8.24 -34.92
N HIS J 44 -29.28 -7.41 -35.25
CA HIS J 44 -28.83 -7.22 -36.63
C HIS J 44 -28.07 -8.46 -37.14
N ILE J 45 -27.20 -9.02 -36.30
CA ILE J 45 -26.48 -10.29 -36.58
C ILE J 45 -27.44 -11.47 -36.84
N ASN J 46 -28.59 -11.44 -36.16
CA ASN J 46 -29.61 -12.49 -36.27
C ASN J 46 -30.93 -11.95 -36.84
N GLU J 47 -30.80 -11.20 -37.93
CA GLU J 47 -31.95 -10.58 -38.62
C GLU J 47 -32.90 -11.66 -39.14
N GLY J 48 -34.19 -11.47 -38.83
CA GLY J 48 -35.25 -12.37 -39.30
C GLY J 48 -35.30 -13.75 -38.65
N LYS J 49 -34.37 -14.02 -37.75
CA LYS J 49 -34.31 -15.32 -37.06
C LYS J 49 -35.13 -15.38 -35.78
N LEU J 50 -35.29 -14.23 -35.13
CA LEU J 50 -35.89 -14.17 -33.79
C LEU J 50 -37.40 -13.99 -33.83
N TRP J 51 -38.07 -14.43 -32.76
CA TRP J 51 -39.53 -14.23 -32.58
C TRP J 51 -39.93 -12.75 -32.65
N LYS J 52 -39.06 -11.89 -32.11
CA LYS J 52 -39.18 -10.43 -32.18
C LYS J 52 -39.32 -9.91 -33.62
N HIS J 53 -38.64 -10.59 -34.57
CA HIS J 53 -38.67 -10.23 -35.99
C HIS J 53 -39.84 -10.83 -36.78
N ILE J 54 -40.29 -12.03 -36.38
CA ILE J 54 -41.38 -12.74 -37.09
C ILE J 54 -42.76 -12.63 -36.39
N LYS J 55 -42.82 -11.86 -35.30
CA LYS J 55 -44.03 -11.61 -34.51
C LYS J 55 -45.21 -11.06 -35.34
N HIS J 56 -44.92 -10.09 -36.21
CA HIS J 56 -45.93 -9.35 -36.98
C HIS J 56 -46.84 -10.23 -37.86
N LYS J 57 -46.36 -11.42 -38.21
CA LYS J 57 -47.06 -12.35 -39.10
C LYS J 57 -48.31 -13.01 -38.47
N TYR J 58 -48.42 -12.96 -37.15
CA TYR J 58 -49.49 -13.65 -36.42
C TYR J 58 -50.29 -12.73 -35.46
N GLU J 59 -50.29 -11.42 -35.74
CA GLU J 59 -50.98 -10.42 -34.92
C GLU J 59 -51.91 -9.54 -35.76
#